data_7KRY
#
_entry.id   7KRY
#
_cell.length_a   102.923
_cell.length_b   102.923
_cell.length_c   240.215
_cell.angle_alpha   90.000
_cell.angle_beta   90.000
_cell.angle_gamma   120.000
#
_symmetry.space_group_name_H-M   'P 32'
#
loop_
_entity.id
_entity.type
_entity.pdbx_description
1 polymer 'Neutral alpha-glucosidase AB'
2 polymer 'Glucosidase 2 subunit beta'
3 non-polymer (1S,2S,3R,4S,5S)-5-({6-[(4-azido-2-nitrophenyl)amino]hexyl}amino)-1-(hydroxymethyl)cyclohexane-1,2,3,4-tetrol
4 non-polymer 1,2-ETHANEDIOL
5 non-polymer DI(HYDROXYETHYL)ETHER
6 non-polymer 'SULFATE ION'
7 non-polymer 'CALCIUM ION'
8 non-polymer 'HEXAETHYLENE GLYCOL'
9 water water
#
loop_
_entity_poly.entity_id
_entity_poly.type
_entity_poly.pdbx_seq_one_letter_code
_entity_poly.pdbx_strand_id
1 'polypeptide(L)'
;MGILPSPGMPALLSLVSLLSVLLMGCVAETGVDRSNFKTCDESSFCKRQRSIRPGLSPYRALLDTLQLGPDALTVHLIHE
VTKVLLVLELQGLQKDMTRIRIDELEPRRPRYRVPDVLVADPPTARLSVSGRDDNSVELTVAEGPYKIILTAQPFRLDLL
EDRSLLLSVNARGLMAFEHQRAPRVPQESKDPAEGNGAQPEATPGDGDKPEETQEKAEKDEPGAWEETFKTHSDSKPYGP
TSVGLDFSLPGMEHVYGIPEHADSLRLKVTEGGEPYRLYNLDVFQYELNNPMALYGSVPVLLAHSFHRDLGIFWLNAAET
WVDISSNTAGKTLFGKMLDYLQGSGETPQTDIRWMSESGIIDVFLMLGPSVFDVFRQYASLTGTQALPPLFSLGYHQSRW
NYRDEADVLEVDQGFDDHNMPCDVIWLDIEHADGKRYFTWDPTRFPQPLNMLEHLASKRRKLVAIVDPHIKVDSGYRVHE
ELRNHGLYVKTRDGSDYEGWCWPGSASYPDFTNPRMRAWWSNMFSFDNYEGSAPNLYVWNDMNEPSVFNGPEVTMLKDAV
HYGGWEHRDIHNIYGLYVHMATADGLIQRSGGIERPFVLSRAFFSGSQRFGAVWTGDNTAEWDHLKISIPMCLSLALVGL
SFCGADVGGFFKNPEPELLVRWYQMGAYQPFFRAHAHLDTGRREPWLLASQYQDAIRDALFQRYSLLPFWYTLFYQAHKE
GFPVMRPLWVQYPEDMSTFSIEDQFMLGDALLIHPVSDAGAHGVQVYLPGQEEVWYDIQSYQKHHGPQTLYLPVTLSSIP
VFQRGGTIVPRWMRVRRSSDCMKDDPITLFVALSPQGTAQGELFLDDGHTFNYQTRHEFLLRRFSFSGSTLVSSSADPKG
HLETPIWIERVVIMGAGKPAAVVLQTKGSPESRLSFQHDPETSVLILRKPGVSVASDWSIHLRSAWSHPQFEKLE
;
A,C
2 'polypeptide(L)'
;MGILPSPGMPALLSLVSLLSVLLMGCVAETGVEVKRPRGVSLSNHHFYEESKPFTCLDGTATIPFDQVNDDYCDCKDGSD
EPGTAACPNGSFHCTNTGYKPLYILSSRVNDGVCDCCDGTDEYNSGTVCENTCREKGRKEKESLQQLAEVTREGFRLKKI
LIEEWKTAREEKQSKLLELQAGKKSLEDQVETLRAAKEEAERPEKEAKDQHRKLWEEQQAAAKARREQERAASAFQELDD
NMDGMVSLAELQTHPELDTDGDGALSEEEAQALLSGDTQTDTTSFYDRVWAAIRDKYRSEVPPTDIPVPEETEPKEEKPP
VLPPTEEEEEEEEEPEEEEEEEEEEEEAPPPLQPPQPPSPTEDEKMPPYDEETQAIIDAAQEARSKFEEVERSLKEMEES
IRSLEQEISFDFGPSGEFAYLYSQCYELTTNEYVYRLCPFKLVSQKPKHGGSPTSLGTWGSWAGPDHDKFSAMKYEQGTG
CWQGPNRSTTVRLLCGKETVVTSTTEPSRCEYLMELMTPAACPEPPPEAPSDGDSAWSHPQFEKLETKHHHHHH
;
B,D
#
loop_
_chem_comp.id
_chem_comp.type
_chem_comp.name
_chem_comp.formula
CA non-polymer 'CALCIUM ION' 'Ca 2'
EDO non-polymer 1,2-ETHANEDIOL 'C2 H6 O2'
P6G non-polymer 'HEXAETHYLENE GLYCOL' 'C12 H26 O7'
PEG non-polymer DI(HYDROXYETHYL)ETHER 'C4 H10 O3'
SO4 non-polymer 'SULFATE ION' 'O4 S -2'
X8Y non-polymer (1S,2S,3R,4S,5S)-5-({6-[(4-azido-2-nitrophenyl)amino]hexyl}amino)-1-(hydroxymethyl)cyclohexane-1,2,3,4-tetrol 'C19 H30 N6 O7'
#
# COMPACT_ATOMS: atom_id res chain seq x y z
N VAL A 32 -20.11 12.74 10.42
CA VAL A 32 -19.78 14.13 10.08
C VAL A 32 -19.70 14.99 11.34
N ASP A 33 -18.79 15.98 11.31
CA ASP A 33 -18.67 17.01 12.34
C ASP A 33 -19.29 18.30 11.82
N ARG A 34 -20.52 18.56 12.23
CA ARG A 34 -21.28 19.67 11.66
C ARG A 34 -20.70 21.03 12.03
N SER A 35 -19.96 21.14 13.14
CA SER A 35 -19.49 22.47 13.57
C SER A 35 -18.54 23.10 12.55
N ASN A 36 -17.92 22.29 11.69
CA ASN A 36 -17.06 22.74 10.62
C ASN A 36 -17.76 23.56 9.54
N PHE A 37 -19.07 23.42 9.39
CA PHE A 37 -19.80 23.95 8.26
C PHE A 37 -20.89 24.89 8.75
N LYS A 38 -20.98 26.07 8.14
CA LYS A 38 -21.92 27.07 8.62
C LYS A 38 -23.36 26.62 8.42
N THR A 39 -24.17 26.86 9.43
CA THR A 39 -25.60 26.90 9.20
C THR A 39 -25.93 28.26 8.62
N CYS A 40 -27.20 28.45 8.25
CA CYS A 40 -27.60 29.72 7.62
C CYS A 40 -27.33 30.89 8.56
N ASP A 41 -27.59 30.71 9.86
CA ASP A 41 -27.34 31.76 10.84
C ASP A 41 -25.86 32.13 10.89
N GLU A 42 -24.98 31.15 10.69
CA GLU A 42 -23.55 31.41 10.68
C GLU A 42 -23.05 31.98 9.35
N SER A 43 -23.89 31.99 8.32
CA SER A 43 -23.59 32.69 7.07
C SER A 43 -24.25 34.05 7.16
N SER A 44 -23.45 35.11 7.22
CA SER A 44 -24.01 36.42 7.52
C SER A 44 -24.98 36.88 6.41
N PHE A 45 -24.67 36.59 5.14
CA PHE A 45 -25.62 36.96 4.08
C PHE A 45 -26.86 36.09 4.12
N CYS A 46 -26.72 34.82 4.48
CA CYS A 46 -27.91 34.01 4.66
C CYS A 46 -28.76 34.52 5.81
N LYS A 47 -28.11 34.91 6.92
CA LYS A 47 -28.85 35.42 8.06
C LYS A 47 -29.61 36.68 7.69
N ARG A 48 -28.95 37.62 7.03
CA ARG A 48 -29.61 38.86 6.64
C ARG A 48 -30.80 38.59 5.72
N GLN A 49 -30.56 37.84 4.62
CA GLN A 49 -31.64 37.53 3.68
C GLN A 49 -32.81 36.82 4.36
N ARG A 50 -32.53 35.71 5.04
CA ARG A 50 -33.61 34.93 5.63
C ARG A 50 -34.39 35.71 6.67
N SER A 51 -33.81 36.77 7.24
CA SER A 51 -34.54 37.59 8.21
C SER A 51 -35.65 38.39 7.55
N ILE A 52 -35.50 38.70 6.26
CA ILE A 52 -36.60 39.32 5.52
C ILE A 52 -37.72 38.31 5.42
N ARG A 53 -38.85 38.63 6.01
CA ARG A 53 -39.99 37.73 6.05
C ARG A 53 -41.07 38.18 5.07
N PRO A 54 -42.00 37.30 4.70
CA PRO A 54 -42.95 37.64 3.64
C PRO A 54 -43.78 38.88 3.98
N GLY A 55 -43.82 39.82 3.05
CA GLY A 55 -44.56 41.05 3.29
C GLY A 55 -44.49 41.94 2.07
N LEU A 56 -44.97 43.17 2.25
CA LEU A 56 -45.02 44.12 1.15
C LEU A 56 -43.61 44.52 0.71
N SER A 57 -43.29 44.29 -0.55
CA SER A 57 -41.96 44.60 -1.04
C SER A 57 -41.77 46.10 -1.20
N PRO A 58 -40.59 46.62 -0.86
CA PRO A 58 -40.25 48.03 -1.12
C PRO A 58 -39.77 48.31 -2.53
N TYR A 59 -39.78 47.33 -3.42
CA TYR A 59 -39.34 47.54 -4.79
C TYR A 59 -40.55 47.87 -5.66
N ARG A 60 -40.36 48.85 -6.54
CA ARG A 60 -41.42 49.22 -7.47
C ARG A 60 -40.80 49.59 -8.81
N ALA A 61 -41.58 49.35 -9.86
CA ALA A 61 -41.12 49.49 -11.24
C ALA A 61 -41.49 50.87 -11.79
N LEU A 62 -40.51 51.58 -12.30
CA LEU A 62 -40.71 52.91 -12.86
C LEU A 62 -41.14 52.78 -14.32
N LEU A 63 -42.46 52.75 -14.55
CA LEU A 63 -42.96 52.48 -15.89
C LEU A 63 -42.59 53.54 -16.94
N ASP A 64 -42.16 54.75 -16.53
CA ASP A 64 -41.67 55.74 -17.49
C ASP A 64 -40.38 55.28 -18.17
N THR A 65 -39.59 54.46 -17.49
CA THR A 65 -38.28 54.05 -17.98
C THR A 65 -38.37 52.84 -18.88
N LEU A 66 -39.59 52.33 -19.06
CA LEU A 66 -39.82 51.12 -19.81
C LEU A 66 -39.30 51.27 -21.23
N GLN A 67 -38.60 50.26 -21.72
CA GLN A 67 -38.12 50.26 -23.08
C GLN A 67 -38.16 48.85 -23.64
N LEU A 68 -38.69 48.69 -24.85
CA LEU A 68 -38.73 47.40 -25.51
C LEU A 68 -37.67 47.48 -26.59
N GLY A 69 -36.62 46.68 -26.44
CA GLY A 69 -35.49 46.68 -27.33
C GLY A 69 -35.54 45.53 -28.30
N PRO A 70 -34.45 45.35 -29.04
CA PRO A 70 -34.42 44.25 -30.03
C PRO A 70 -34.53 42.88 -29.38
N ASP A 71 -33.87 42.68 -28.24
CA ASP A 71 -33.83 41.38 -27.59
C ASP A 71 -34.64 41.28 -26.31
N ALA A 72 -34.86 42.39 -25.60
CA ALA A 72 -35.40 42.33 -24.25
C ALA A 72 -36.26 43.56 -23.96
N LEU A 73 -36.93 43.51 -22.81
CA LEU A 73 -37.56 44.66 -22.20
C LEU A 73 -36.75 45.07 -20.98
N THR A 74 -36.40 46.35 -20.92
CA THR A 74 -35.67 46.92 -19.79
C THR A 74 -36.52 47.97 -19.11
N VAL A 75 -36.63 47.88 -17.79
CA VAL A 75 -37.32 48.88 -16.98
C VAL A 75 -36.54 49.04 -15.69
N HIS A 76 -36.52 50.27 -15.18
CA HIS A 76 -35.80 50.54 -13.93
C HIS A 76 -36.65 50.15 -12.74
N LEU A 77 -35.99 49.63 -11.72
CA LEU A 77 -36.58 49.32 -10.43
C LEU A 77 -35.96 50.23 -9.39
N ILE A 78 -36.68 50.50 -8.32
CA ILE A 78 -36.17 51.38 -7.28
C ILE A 78 -36.63 50.85 -5.92
N HIS A 79 -35.73 50.95 -4.94
CA HIS A 79 -36.08 50.62 -3.57
C HIS A 79 -36.68 51.88 -2.95
N GLU A 80 -37.91 51.78 -2.45
CA GLU A 80 -38.64 52.98 -2.05
C GLU A 80 -37.98 53.69 -0.87
N VAL A 81 -37.23 52.95 -0.07
CA VAL A 81 -36.62 53.50 1.13
C VAL A 81 -35.19 53.97 0.86
N THR A 82 -34.39 53.17 0.14
CA THR A 82 -33.01 53.54 -0.13
C THR A 82 -32.82 54.30 -1.44
N LYS A 83 -33.80 54.24 -2.34
CA LYS A 83 -33.72 54.89 -3.65
C LYS A 83 -32.56 54.33 -4.47
N VAL A 84 -32.15 53.09 -4.17
CA VAL A 84 -31.21 52.40 -5.04
C VAL A 84 -31.95 52.04 -6.33
N LEU A 85 -31.28 52.21 -7.46
CA LEU A 85 -31.86 51.98 -8.77
C LEU A 85 -31.32 50.69 -9.39
N LEU A 86 -32.21 49.76 -9.68
CA LEU A 86 -31.90 48.52 -10.36
C LEU A 86 -32.46 48.55 -11.78
N VAL A 87 -31.97 47.64 -12.62
CA VAL A 87 -32.47 47.47 -13.97
C VAL A 87 -32.94 46.04 -14.14
N LEU A 88 -34.18 45.86 -14.58
CA LEU A 88 -34.74 44.56 -14.87
C LEU A 88 -34.70 44.35 -16.37
N GLU A 89 -34.04 43.27 -16.80
CA GLU A 89 -33.98 42.87 -18.20
C GLU A 89 -34.83 41.61 -18.36
N LEU A 90 -35.97 41.77 -19.00
CA LEU A 90 -36.95 40.70 -19.14
C LEU A 90 -36.96 40.22 -20.59
N GLN A 91 -36.91 38.90 -20.77
CA GLN A 91 -36.80 38.31 -22.10
C GLN A 91 -37.74 37.12 -22.23
N GLY A 92 -38.55 37.14 -23.29
CA GLY A 92 -39.24 35.96 -23.72
C GLY A 92 -38.27 35.22 -24.63
N LEU A 93 -38.22 33.91 -24.45
CA LEU A 93 -37.26 33.12 -25.21
C LEU A 93 -37.97 32.11 -26.09
N GLN A 94 -37.33 31.78 -27.22
CA GLN A 94 -37.79 30.66 -28.01
C GLN A 94 -37.81 29.41 -27.14
N LYS A 95 -38.68 28.48 -27.49
CA LYS A 95 -38.91 27.26 -26.72
C LYS A 95 -39.58 27.54 -25.37
N ASP A 96 -40.40 28.59 -25.29
CA ASP A 96 -41.34 28.75 -24.17
C ASP A 96 -40.64 28.89 -22.83
N MET A 97 -39.66 29.80 -22.78
CA MET A 97 -38.94 30.12 -21.57
C MET A 97 -38.88 31.63 -21.40
N THR A 98 -38.79 32.07 -20.16
CA THR A 98 -38.56 33.47 -19.86
C THR A 98 -37.28 33.58 -19.04
N ARG A 99 -36.52 34.64 -19.29
CA ARG A 99 -35.32 34.94 -18.53
C ARG A 99 -35.50 36.28 -17.82
N ILE A 100 -35.21 36.30 -16.52
CA ILE A 100 -35.29 37.50 -15.70
C ILE A 100 -33.88 37.84 -15.20
N ARG A 101 -33.42 39.05 -15.50
CA ARG A 101 -32.12 39.50 -15.02
C ARG A 101 -32.22 40.88 -14.35
N ILE A 102 -31.65 40.99 -13.16
CA ILE A 102 -31.67 42.22 -12.35
C ILE A 102 -30.24 42.56 -11.92
N ASP A 103 -29.80 43.78 -12.24
CA ASP A 103 -28.49 44.29 -11.88
C ASP A 103 -28.65 45.76 -11.45
N GLU A 104 -27.61 46.30 -10.81
CA GLU A 104 -27.61 47.71 -10.43
C GLU A 104 -27.57 48.61 -11.66
N LEU A 105 -28.20 49.79 -11.56
CA LEU A 105 -28.20 50.72 -12.68
C LEU A 105 -26.83 51.35 -12.89
N GLU A 106 -26.24 51.89 -11.83
CA GLU A 106 -24.90 52.46 -11.87
C GLU A 106 -24.14 51.80 -10.73
N PRO A 107 -23.55 50.64 -10.97
CA PRO A 107 -22.82 49.95 -9.90
C PRO A 107 -21.39 50.48 -9.78
N ARG A 108 -20.91 50.52 -8.52
CA ARG A 108 -19.54 50.96 -8.26
C ARG A 108 -18.53 50.16 -9.07
N ARG A 109 -18.68 48.84 -9.09
CA ARG A 109 -17.88 47.96 -9.92
C ARG A 109 -18.78 46.86 -10.46
N PRO A 110 -18.37 46.18 -11.52
CA PRO A 110 -19.25 45.19 -12.15
C PRO A 110 -19.54 43.99 -11.26
N ARG A 111 -20.75 43.45 -11.40
CA ARG A 111 -21.17 42.22 -10.74
C ARG A 111 -20.92 40.99 -11.64
N TYR A 112 -20.78 39.84 -10.99
CA TYR A 112 -20.46 38.65 -11.73
C TYR A 112 -21.67 38.13 -12.50
N ARG A 113 -21.41 37.72 -13.75
CA ARG A 113 -22.35 37.04 -14.62
C ARG A 113 -21.71 35.73 -15.06
N VAL A 114 -22.41 34.62 -14.84
CA VAL A 114 -21.81 33.29 -14.99
C VAL A 114 -21.44 32.96 -16.43
N PRO A 115 -20.16 32.75 -16.71
CA PRO A 115 -19.72 32.45 -18.06
C PRO A 115 -19.69 30.94 -18.30
N ASP A 116 -19.50 30.57 -19.56
CA ASP A 116 -19.16 29.21 -19.98
C ASP A 116 -20.18 28.12 -19.62
N VAL A 117 -21.24 28.42 -18.90
CA VAL A 117 -22.27 27.43 -18.58
C VAL A 117 -23.32 27.32 -19.68
N LEU A 118 -23.84 28.44 -20.16
CA LEU A 118 -24.76 28.41 -21.29
C LEU A 118 -24.01 28.00 -22.55
N VAL A 119 -24.57 27.04 -23.29
CA VAL A 119 -23.90 26.56 -24.50
C VAL A 119 -24.01 27.55 -25.64
N ALA A 120 -24.94 28.50 -25.55
CA ALA A 120 -25.18 29.48 -26.60
C ALA A 120 -25.92 30.66 -26.00
N ASP A 121 -25.96 31.74 -26.74
CA ASP A 121 -26.82 32.87 -26.43
C ASP A 121 -28.26 32.47 -26.72
N PRO A 122 -29.14 32.39 -25.72
CA PRO A 122 -30.47 31.82 -25.96
C PRO A 122 -31.24 32.66 -26.96
N PRO A 123 -31.77 32.04 -28.03
CA PRO A 123 -32.60 32.79 -28.98
C PRO A 123 -33.83 33.37 -28.32
N THR A 124 -34.07 34.66 -28.59
CA THR A 124 -35.18 35.41 -28.01
C THR A 124 -36.43 35.29 -28.88
N ALA A 125 -37.56 35.62 -28.26
CA ALA A 125 -38.84 35.81 -28.91
C ALA A 125 -39.28 37.25 -28.66
N ARG A 126 -39.94 37.85 -29.65
CA ARG A 126 -40.32 39.26 -29.54
C ARG A 126 -41.38 39.46 -28.46
N LEU A 127 -41.21 40.50 -27.66
CA LEU A 127 -42.17 40.95 -26.66
C LEU A 127 -42.95 42.15 -27.19
N SER A 128 -44.24 42.19 -26.88
CA SER A 128 -45.07 43.33 -27.26
C SER A 128 -46.01 43.66 -26.11
N VAL A 129 -46.40 44.93 -26.01
CA VAL A 129 -47.33 45.36 -24.98
C VAL A 129 -48.75 45.12 -25.48
N SER A 130 -49.48 44.29 -24.76
CA SER A 130 -50.85 43.93 -25.10
C SER A 130 -51.86 44.40 -24.06
N GLY A 131 -51.42 45.08 -23.01
CA GLY A 131 -52.30 45.60 -21.99
C GLY A 131 -51.54 46.63 -21.19
N ARG A 132 -52.28 47.51 -20.50
CA ARG A 132 -51.63 48.58 -19.77
C ARG A 132 -52.64 49.16 -18.80
N ASP A 133 -52.14 49.79 -17.75
CA ASP A 133 -52.87 50.73 -16.90
C ASP A 133 -51.82 51.45 -16.04
N ASP A 134 -52.27 52.21 -15.04
CA ASP A 134 -51.29 53.00 -14.32
C ASP A 134 -50.42 52.17 -13.39
N ASN A 135 -50.74 50.89 -13.17
CA ASN A 135 -49.93 50.05 -12.29
C ASN A 135 -49.62 48.69 -12.92
N SER A 136 -49.76 48.55 -14.24
CA SER A 136 -49.70 47.24 -14.87
C SER A 136 -49.30 47.40 -16.32
N VAL A 137 -48.44 46.52 -16.78
CA VAL A 137 -48.14 46.38 -18.19
C VAL A 137 -48.20 44.90 -18.51
N GLU A 138 -48.98 44.53 -19.51
CA GLU A 138 -49.07 43.14 -19.92
C GLU A 138 -48.30 42.95 -21.21
N LEU A 139 -47.51 41.89 -21.26
CA LEU A 139 -46.64 41.64 -22.39
C LEU A 139 -46.98 40.28 -22.96
N THR A 140 -46.93 40.18 -24.28
CA THR A 140 -47.19 38.93 -24.97
C THR A 140 -45.88 38.45 -25.59
N VAL A 141 -45.58 37.17 -25.39
CA VAL A 141 -44.44 36.53 -26.03
C VAL A 141 -44.87 36.06 -27.40
N ALA A 142 -44.25 36.64 -28.44
CA ALA A 142 -44.57 36.38 -29.84
C ALA A 142 -46.07 36.59 -30.04
N GLU A 143 -46.79 35.60 -30.55
CA GLU A 143 -48.22 35.72 -30.81
C GLU A 143 -49.06 34.90 -29.84
N GLY A 144 -48.51 34.60 -28.66
CA GLY A 144 -49.22 33.87 -27.65
C GLY A 144 -48.88 32.40 -27.67
N PRO A 145 -49.40 31.63 -26.70
CA PRO A 145 -50.32 32.08 -25.67
C PRO A 145 -49.64 32.59 -24.40
N TYR A 146 -48.32 32.82 -24.41
CA TYR A 146 -47.62 33.15 -23.18
C TYR A 146 -47.60 34.67 -22.96
N LYS A 147 -47.97 35.07 -21.74
CA LYS A 147 -48.05 36.46 -21.33
C LYS A 147 -47.38 36.68 -19.99
N ILE A 148 -46.80 37.87 -19.83
CA ILE A 148 -46.13 38.26 -18.59
C ILE A 148 -46.72 39.60 -18.15
N ILE A 149 -47.25 39.64 -16.93
CA ILE A 149 -47.78 40.87 -16.36
C ILE A 149 -46.73 41.47 -15.43
N LEU A 150 -46.26 42.66 -15.76
CA LEU A 150 -45.36 43.44 -14.91
C LEU A 150 -46.21 44.39 -14.07
N THR A 151 -46.33 44.12 -12.78
CA THR A 151 -46.93 45.07 -11.86
C THR A 151 -45.89 46.08 -11.38
N ALA A 152 -46.29 47.35 -11.30
CA ALA A 152 -45.33 48.40 -11.00
C ALA A 152 -45.09 48.58 -9.52
N GLN A 153 -46.16 48.56 -8.71
CA GLN A 153 -46.08 48.81 -7.27
C GLN A 153 -47.06 47.94 -6.50
N PRO A 154 -46.58 47.02 -5.64
CA PRO A 154 -45.18 46.60 -5.52
C PRO A 154 -44.72 45.82 -6.75
N PHE A 155 -43.42 45.76 -6.99
CA PHE A 155 -42.87 45.03 -8.12
C PHE A 155 -43.27 43.55 -8.06
N ARG A 156 -43.71 43.03 -9.20
CA ARG A 156 -44.23 41.66 -9.29
C ARG A 156 -44.22 41.22 -10.75
N LEU A 157 -44.08 39.92 -10.96
CA LEU A 157 -44.15 39.35 -12.30
C LEU A 157 -45.06 38.14 -12.26
N ASP A 158 -45.99 38.06 -13.20
CA ASP A 158 -46.84 36.88 -13.35
C ASP A 158 -46.68 36.37 -14.77
N LEU A 159 -46.54 35.05 -14.90
CA LEU A 159 -46.39 34.39 -16.18
C LEU A 159 -47.64 33.56 -16.41
N LEU A 160 -48.21 33.67 -17.60
CA LEU A 160 -49.47 33.02 -17.93
C LEU A 160 -49.38 32.28 -19.24
N GLU A 161 -50.09 31.16 -19.31
CA GLU A 161 -50.50 30.58 -20.58
C GLU A 161 -51.97 30.92 -20.75
N ASP A 162 -52.26 31.79 -21.72
CA ASP A 162 -53.61 32.30 -21.96
C ASP A 162 -54.07 33.03 -20.71
N ARG A 163 -55.11 32.57 -20.01
CA ARG A 163 -55.57 33.19 -18.78
C ARG A 163 -55.22 32.34 -17.57
N SER A 164 -54.45 31.26 -17.75
CA SER A 164 -53.98 30.44 -16.64
C SER A 164 -52.68 31.02 -16.08
N LEU A 165 -52.64 31.19 -14.77
CA LEU A 165 -51.45 31.67 -14.08
C LEU A 165 -50.51 30.50 -13.86
N LEU A 166 -49.29 30.64 -14.35
CA LEU A 166 -48.31 29.58 -14.17
C LEU A 166 -47.46 29.81 -12.94
N LEU A 167 -47.06 31.05 -12.72
CA LEU A 167 -45.97 31.29 -11.79
C LEU A 167 -45.88 32.78 -11.52
N SER A 168 -45.55 33.15 -10.28
CA SER A 168 -45.32 34.54 -9.93
C SER A 168 -43.93 34.71 -9.36
N VAL A 169 -43.41 35.94 -9.50
CA VAL A 169 -42.11 36.33 -9.01
C VAL A 169 -42.30 37.50 -8.04
N ASN A 170 -41.71 37.38 -6.85
CA ASN A 170 -41.76 38.40 -5.79
C ASN A 170 -43.13 38.53 -5.15
N ALA A 171 -43.97 37.50 -5.27
CA ALA A 171 -45.31 37.55 -4.69
C ALA A 171 -45.29 37.53 -3.16
N ARG A 172 -44.27 36.94 -2.55
CA ARG A 172 -44.09 37.04 -1.10
C ARG A 172 -43.28 38.27 -0.71
N GLY A 173 -42.87 39.09 -1.68
CA GLY A 173 -42.14 40.30 -1.40
C GLY A 173 -40.73 40.09 -0.88
N LEU A 174 -40.10 38.96 -1.20
CA LEU A 174 -38.80 38.60 -0.64
C LEU A 174 -37.64 39.04 -1.51
N MET A 175 -37.86 39.88 -2.52
CA MET A 175 -36.74 40.35 -3.32
C MET A 175 -35.81 41.19 -2.47
N ALA A 176 -34.53 40.82 -2.47
CA ALA A 176 -33.49 41.55 -1.74
C ALA A 176 -32.28 41.69 -2.63
N PHE A 177 -31.75 42.91 -2.77
CA PHE A 177 -30.59 43.17 -3.64
C PHE A 177 -29.66 44.16 -2.96
N GLU A 178 -28.65 43.64 -2.25
CA GLU A 178 -27.73 44.50 -1.51
C GLU A 178 -26.77 45.15 -2.51
N HIS A 179 -26.94 46.45 -2.72
CA HIS A 179 -26.07 47.13 -3.67
C HIS A 179 -24.67 47.31 -3.08
N GLN A 180 -23.71 47.49 -3.99
CA GLN A 180 -22.31 47.65 -3.66
C GLN A 180 -22.11 48.99 -2.94
N ARG A 181 -21.97 48.92 -1.61
CA ARG A 181 -21.72 50.11 -0.83
C ARG A 181 -20.29 50.57 -1.06
N ALA A 182 -20.04 51.85 -0.79
CA ALA A 182 -18.69 52.42 -0.98
C ALA A 182 -17.72 51.82 0.03
N PRO A 183 -16.60 51.20 -0.40
CA PRO A 183 -15.64 50.55 0.50
C PRO A 183 -14.98 51.51 1.51
N GLY A 223 -21.50 39.53 10.58
CA GLY A 223 -20.31 40.05 9.92
C GLY A 223 -20.60 40.46 8.48
N ALA A 224 -21.12 41.69 8.33
CA ALA A 224 -21.47 42.23 7.01
C ALA A 224 -20.25 42.56 6.15
N TRP A 225 -19.18 43.12 6.74
CA TRP A 225 -17.93 43.35 6.02
C TRP A 225 -16.90 42.31 6.46
N GLU A 226 -15.78 42.72 7.05
CA GLU A 226 -14.84 41.71 7.55
C GLU A 226 -15.58 40.75 8.51
N GLU A 227 -15.34 39.45 8.33
CA GLU A 227 -16.10 38.39 9.01
C GLU A 227 -15.18 37.21 9.30
N THR A 228 -15.43 36.52 10.41
CA THR A 228 -14.64 35.35 10.80
C THR A 228 -15.54 34.15 11.09
N PHE A 229 -15.06 32.96 10.73
CA PHE A 229 -15.72 31.69 11.04
C PHE A 229 -14.66 30.70 11.49
N LYS A 230 -14.92 30.01 12.61
CA LYS A 230 -13.92 29.19 13.27
C LYS A 230 -12.68 30.06 13.45
N THR A 231 -11.57 29.70 12.81
CA THR A 231 -10.35 30.50 12.86
C THR A 231 -10.03 31.21 11.56
N HIS A 232 -10.93 31.16 10.57
CA HIS A 232 -10.66 31.67 9.24
C HIS A 232 -11.30 33.05 9.05
N SER A 233 -10.56 33.96 8.42
CA SER A 233 -10.99 35.35 8.29
C SER A 233 -11.27 35.69 6.83
N ASP A 234 -12.39 36.39 6.61
CA ASP A 234 -12.78 36.86 5.29
C ASP A 234 -12.66 38.38 5.30
N SER A 235 -11.70 38.89 4.54
CA SER A 235 -11.50 40.34 4.51
C SER A 235 -12.69 41.06 3.88
N LYS A 236 -13.44 40.38 3.00
CA LYS A 236 -14.72 40.87 2.49
C LYS A 236 -14.63 42.32 2.00
N PRO A 237 -13.71 42.62 1.09
CA PRO A 237 -13.45 44.03 0.74
C PRO A 237 -14.61 44.76 0.08
N TYR A 238 -15.58 44.05 -0.50
CA TYR A 238 -16.68 44.70 -1.20
C TYR A 238 -17.96 44.76 -0.40
N GLY A 239 -17.97 44.22 0.83
CA GLY A 239 -19.10 44.39 1.72
C GLY A 239 -20.27 43.52 1.34
N PRO A 240 -21.44 43.79 1.93
CA PRO A 240 -22.62 42.96 1.64
C PRO A 240 -23.10 43.16 0.20
N THR A 241 -23.23 42.05 -0.55
CA THR A 241 -23.63 42.14 -1.95
C THR A 241 -24.65 41.06 -2.34
N SER A 242 -25.35 40.48 -1.38
CA SER A 242 -26.17 39.32 -1.71
C SER A 242 -27.44 39.73 -2.46
N VAL A 243 -27.98 38.77 -3.22
CA VAL A 243 -29.20 38.95 -3.99
C VAL A 243 -30.09 37.76 -3.72
N GLY A 244 -31.40 38.00 -3.73
CA GLY A 244 -32.35 36.94 -3.46
C GLY A 244 -33.68 37.25 -4.11
N LEU A 245 -34.44 36.19 -4.40
CA LEU A 245 -35.72 36.38 -5.09
C LEU A 245 -36.61 35.15 -4.85
N ASP A 246 -37.93 35.39 -4.80
CA ASP A 246 -38.93 34.37 -4.48
C ASP A 246 -39.89 34.13 -5.64
N PHE A 247 -40.40 32.90 -5.71
CA PHE A 247 -41.21 32.42 -6.82
C PHE A 247 -42.38 31.62 -6.28
N SER A 248 -43.54 31.80 -6.87
CA SER A 248 -44.77 31.16 -6.39
C SER A 248 -45.31 30.23 -7.47
N LEU A 249 -45.61 28.98 -7.08
CA LEU A 249 -45.98 27.90 -7.99
C LEU A 249 -47.39 27.44 -7.63
N PRO A 250 -48.42 28.12 -8.15
CA PRO A 250 -49.79 27.71 -7.86
C PRO A 250 -50.08 26.33 -8.42
N GLY A 251 -50.67 25.49 -7.57
CA GLY A 251 -51.02 24.12 -7.92
C GLY A 251 -49.92 23.09 -7.77
N MET A 252 -48.72 23.49 -7.37
CA MET A 252 -47.61 22.55 -7.25
C MET A 252 -47.40 22.17 -5.80
N GLU A 253 -47.33 20.87 -5.53
CA GLU A 253 -47.09 20.37 -4.19
C GLU A 253 -45.82 19.52 -4.08
N HIS A 254 -45.15 19.24 -5.18
CA HIS A 254 -43.93 18.44 -5.20
C HIS A 254 -42.87 19.19 -5.98
N VAL A 255 -41.67 19.26 -5.43
CA VAL A 255 -40.54 19.82 -6.13
C VAL A 255 -39.37 18.87 -5.97
N TYR A 256 -38.44 18.95 -6.93
CA TYR A 256 -37.30 18.05 -7.06
C TYR A 256 -36.12 18.84 -7.58
N GLY A 257 -34.93 18.25 -7.44
CA GLY A 257 -33.76 18.89 -7.99
C GLY A 257 -32.73 19.40 -6.99
N ILE A 258 -32.13 20.54 -7.34
CA ILE A 258 -31.06 21.24 -6.65
C ILE A 258 -30.12 20.29 -5.91
N PRO A 259 -29.49 19.34 -6.60
CA PRO A 259 -28.44 18.53 -5.98
C PRO A 259 -27.21 19.38 -5.69
N GLU A 260 -26.36 18.91 -4.77
CA GLU A 260 -26.36 17.55 -4.28
C GLU A 260 -26.65 17.53 -2.80
N HIS A 261 -27.60 16.67 -2.42
CA HIS A 261 -27.96 16.48 -1.02
C HIS A 261 -28.24 15.02 -0.80
N ALA A 262 -27.80 14.51 0.35
CA ALA A 262 -28.15 13.15 0.76
C ALA A 262 -29.54 13.21 1.40
N ASP A 263 -30.52 13.37 0.53
CA ASP A 263 -31.89 13.59 0.95
C ASP A 263 -32.82 12.90 -0.03
N SER A 264 -34.10 12.87 0.33
CA SER A 264 -35.09 12.17 -0.47
C SER A 264 -35.29 12.89 -1.81
N LEU A 265 -35.84 12.16 -2.78
CA LEU A 265 -36.04 12.74 -4.11
C LEU A 265 -37.00 13.94 -4.06
N ARG A 266 -38.15 13.77 -3.45
CA ARG A 266 -39.07 14.89 -3.27
C ARG A 266 -38.53 15.84 -2.20
N LEU A 267 -38.24 17.07 -2.59
CA LEU A 267 -37.64 18.02 -1.67
C LEU A 267 -38.61 18.36 -0.54
N LYS A 268 -38.04 18.58 0.65
CA LYS A 268 -38.81 18.86 1.86
C LYS A 268 -38.95 20.35 2.06
N VAL A 269 -40.00 20.73 2.77
CA VAL A 269 -40.19 22.11 3.19
C VAL A 269 -39.07 22.51 4.16
N THR A 270 -38.56 23.73 4.01
CA THR A 270 -37.48 24.23 4.87
C THR A 270 -37.96 25.19 5.94
N GLU A 271 -39.28 25.32 6.13
CA GLU A 271 -39.82 26.40 6.95
C GLU A 271 -39.29 26.35 8.38
N GLY A 272 -39.24 25.17 8.98
CA GLY A 272 -38.77 25.01 10.35
C GLY A 272 -37.34 24.59 10.57
N GLY A 273 -36.50 24.62 9.54
CA GLY A 273 -35.14 24.10 9.67
C GLY A 273 -34.20 24.83 8.75
N GLU A 274 -33.24 24.11 8.26
CA GLU A 274 -32.27 24.75 7.40
C GLU A 274 -32.80 24.84 5.97
N PRO A 275 -32.41 25.89 5.24
CA PRO A 275 -32.60 25.88 3.79
C PRO A 275 -31.73 24.79 3.17
N TYR A 276 -32.04 24.42 1.94
CA TYR A 276 -31.10 23.60 1.17
C TYR A 276 -29.93 24.47 0.77
N ARG A 277 -28.72 23.96 0.95
CA ARG A 277 -27.52 24.74 0.70
C ARG A 277 -26.83 24.25 -0.57
N LEU A 278 -26.35 25.19 -1.39
CA LEU A 278 -25.67 24.85 -2.64
C LEU A 278 -24.29 25.49 -2.59
N TYR A 279 -23.32 24.73 -2.12
CA TYR A 279 -21.95 25.23 -2.01
C TYR A 279 -21.05 24.02 -2.04
N ASN A 280 -20.30 23.84 -3.13
CA ASN A 280 -19.53 22.61 -3.30
C ASN A 280 -18.56 22.43 -2.15
N LEU A 281 -18.74 21.36 -1.37
CA LEU A 281 -17.97 21.15 -0.15
C LEU A 281 -17.62 19.69 0.04
N ASP A 282 -16.44 19.47 0.63
CA ASP A 282 -15.92 18.14 0.97
C ASP A 282 -16.34 17.81 2.39
N VAL A 283 -17.35 16.96 2.55
CA VAL A 283 -17.92 16.66 3.86
C VAL A 283 -17.55 15.22 4.24
N PHE A 284 -16.70 15.10 5.25
CA PHE A 284 -16.17 13.81 5.67
C PHE A 284 -17.24 13.02 6.41
N GLN A 285 -17.52 11.80 5.93
CA GLN A 285 -18.52 10.91 6.54
C GLN A 285 -19.88 11.57 6.64
N TYR A 286 -20.36 12.10 5.50
CA TYR A 286 -21.63 12.82 5.49
C TYR A 286 -22.77 11.88 5.89
N GLU A 287 -23.81 12.46 6.46
CA GLU A 287 -24.94 11.70 6.97
C GLU A 287 -26.16 11.89 6.09
N LEU A 288 -27.18 11.08 6.35
CA LEU A 288 -28.34 10.99 5.47
C LEU A 288 -29.49 11.84 5.98
N ASN A 289 -30.35 12.22 5.04
CA ASN A 289 -31.59 12.94 5.30
C ASN A 289 -31.32 14.24 6.06
N ASN A 290 -30.43 15.06 5.49
CA ASN A 290 -30.21 16.39 6.00
C ASN A 290 -29.88 17.29 4.83
N PRO A 291 -30.02 18.60 4.98
CA PRO A 291 -29.85 19.48 3.82
C PRO A 291 -28.46 20.08 3.65
N MET A 292 -27.44 19.47 4.26
CA MET A 292 -26.09 20.03 4.16
C MET A 292 -25.57 19.99 2.73
N ALA A 293 -24.80 21.01 2.36
CA ALA A 293 -24.23 21.04 1.03
C ALA A 293 -23.20 19.93 0.87
N LEU A 294 -23.23 19.26 -0.28
CA LEU A 294 -22.27 18.23 -0.63
C LEU A 294 -21.40 18.73 -1.78
N TYR A 295 -20.84 17.80 -2.56
CA TYR A 295 -19.71 18.14 -3.41
C TYR A 295 -20.12 18.95 -4.63
N GLY A 296 -21.37 18.82 -5.11
CA GLY A 296 -21.79 19.52 -6.32
C GLY A 296 -23.07 20.30 -6.09
N SER A 297 -23.29 21.28 -6.98
CA SER A 297 -24.44 22.17 -6.89
C SER A 297 -25.00 22.41 -8.26
N VAL A 298 -26.25 21.98 -8.49
CA VAL A 298 -26.94 22.29 -9.74
C VAL A 298 -28.19 23.07 -9.38
N PRO A 299 -28.23 24.36 -9.62
CA PRO A 299 -29.36 25.23 -9.21
C PRO A 299 -30.56 25.15 -10.15
N VAL A 300 -31.18 23.98 -10.20
CA VAL A 300 -32.35 23.74 -11.04
C VAL A 300 -33.38 23.03 -10.18
N LEU A 301 -34.60 23.55 -10.15
CA LEU A 301 -35.69 22.95 -9.40
C LEU A 301 -36.86 22.61 -10.34
N LEU A 302 -37.45 21.44 -10.14
CA LEU A 302 -38.53 20.97 -10.99
C LEU A 302 -39.79 20.85 -10.15
N ALA A 303 -40.89 21.36 -10.68
CA ALA A 303 -42.20 21.28 -10.03
C ALA A 303 -43.10 20.42 -10.91
N HIS A 304 -43.77 19.46 -10.28
CA HIS A 304 -44.64 18.53 -10.99
C HIS A 304 -45.99 18.45 -10.32
N SER A 305 -47.04 18.51 -11.13
CA SER A 305 -48.40 18.19 -10.69
C SER A 305 -49.08 17.37 -11.78
N PHE A 306 -50.27 16.87 -11.45
CA PHE A 306 -51.11 16.17 -12.42
C PHE A 306 -51.32 17.01 -13.69
N HIS A 307 -51.26 18.33 -13.58
CA HIS A 307 -51.62 19.21 -14.69
C HIS A 307 -50.44 19.79 -15.46
N ARG A 308 -49.32 20.07 -14.81
CA ARG A 308 -48.23 20.72 -15.55
C ARG A 308 -46.88 20.41 -14.91
N ASP A 309 -45.84 20.80 -15.64
CA ASP A 309 -44.46 20.73 -15.17
C ASP A 309 -43.79 22.06 -15.42
N LEU A 310 -43.00 22.52 -14.45
CA LEU A 310 -42.22 23.73 -14.63
C LEU A 310 -40.82 23.52 -14.08
N GLY A 311 -39.90 24.37 -14.52
CA GLY A 311 -38.56 24.35 -14.00
C GLY A 311 -37.98 25.74 -13.79
N ILE A 312 -37.25 25.91 -12.69
CA ILE A 312 -36.55 27.16 -12.38
C ILE A 312 -35.07 26.86 -12.39
N PHE A 313 -34.33 27.67 -13.15
CA PHE A 313 -32.88 27.56 -13.33
C PHE A 313 -32.24 28.86 -12.87
N TRP A 314 -31.69 28.87 -11.65
CA TRP A 314 -31.12 30.09 -11.03
C TRP A 314 -29.63 30.16 -11.35
N LEU A 315 -29.27 30.91 -12.39
CA LEU A 315 -27.89 30.90 -12.91
C LEU A 315 -26.99 31.78 -12.04
N ASN A 316 -26.48 31.20 -10.95
CA ASN A 316 -25.58 31.88 -10.03
C ASN A 316 -24.51 30.90 -9.55
N ALA A 317 -23.26 31.35 -9.51
CA ALA A 317 -22.11 30.53 -9.14
C ALA A 317 -21.63 30.74 -7.70
N ALA A 318 -22.24 31.65 -6.95
CA ALA A 318 -21.85 31.87 -5.57
C ALA A 318 -22.68 30.99 -4.63
N GLU A 319 -22.30 31.01 -3.36
CA GLU A 319 -23.02 30.27 -2.33
C GLU A 319 -24.49 30.65 -2.33
N THR A 320 -25.33 29.63 -2.42
CA THR A 320 -26.77 29.81 -2.57
C THR A 320 -27.53 28.92 -1.60
N TRP A 321 -28.52 29.51 -0.94
CA TRP A 321 -29.43 28.79 -0.05
C TRP A 321 -30.83 28.85 -0.66
N VAL A 322 -31.57 27.76 -0.52
CA VAL A 322 -32.88 27.61 -1.15
C VAL A 322 -33.89 27.28 -0.06
N ASP A 323 -34.94 28.10 0.06
CA ASP A 323 -36.01 27.85 1.02
C ASP A 323 -37.25 27.37 0.29
N ILE A 324 -37.98 26.44 0.90
CA ILE A 324 -39.16 25.83 0.29
C ILE A 324 -40.31 25.80 1.29
N SER A 325 -41.45 26.39 0.92
CA SER A 325 -42.62 26.41 1.80
C SER A 325 -43.89 26.13 1.02
N SER A 326 -44.84 25.46 1.66
CA SER A 326 -46.11 25.12 1.04
C SER A 326 -47.22 25.92 1.68
N ASN A 327 -48.25 26.22 0.88
CA ASN A 327 -49.42 26.98 1.35
C ASN A 327 -50.68 26.12 1.26
N THR A 347 -56.03 25.29 -4.66
CA THR A 347 -55.40 25.98 -3.53
C THR A 347 -53.93 25.60 -3.23
N PRO A 348 -53.52 24.33 -3.41
CA PRO A 348 -52.13 23.96 -3.05
C PRO A 348 -51.10 24.79 -3.79
N GLN A 349 -50.06 25.21 -3.07
CA GLN A 349 -49.04 26.04 -3.67
C GLN A 349 -47.70 25.83 -2.97
N THR A 350 -46.63 25.86 -3.75
CA THR A 350 -45.27 25.78 -3.25
C THR A 350 -44.54 27.06 -3.60
N ASP A 351 -43.82 27.62 -2.63
CA ASP A 351 -43.01 28.81 -2.83
C ASP A 351 -41.54 28.46 -2.69
N ILE A 352 -40.72 29.11 -3.52
CA ILE A 352 -39.30 28.86 -3.62
C ILE A 352 -38.57 30.19 -3.52
N ARG A 353 -37.54 30.24 -2.67
CA ARG A 353 -36.76 31.46 -2.51
C ARG A 353 -35.28 31.15 -2.64
N TRP A 354 -34.60 31.81 -3.57
CA TRP A 354 -33.18 31.64 -3.79
C TRP A 354 -32.44 32.80 -3.15
N MET A 355 -31.34 32.50 -2.44
CA MET A 355 -30.51 33.51 -1.78
C MET A 355 -29.05 33.24 -2.09
N SER A 356 -28.39 34.20 -2.76
CA SER A 356 -27.02 34.05 -3.26
C SER A 356 -26.12 35.17 -2.75
N GLU A 357 -24.85 34.86 -2.53
CA GLU A 357 -23.92 35.80 -1.91
C GLU A 357 -23.55 36.95 -2.86
N SER A 358 -23.40 36.70 -4.15
CA SER A 358 -23.00 37.79 -5.03
C SER A 358 -23.46 37.50 -6.46
N GLY A 359 -22.92 38.26 -7.41
CA GLY A 359 -23.37 38.21 -8.77
C GLY A 359 -24.69 38.93 -8.98
N ILE A 360 -25.29 38.72 -10.16
CA ILE A 360 -26.56 39.34 -10.51
C ILE A 360 -27.69 38.36 -10.26
N ILE A 361 -28.92 38.78 -10.47
CA ILE A 361 -30.03 37.84 -10.52
C ILE A 361 -30.21 37.41 -11.97
N ASP A 362 -30.16 36.10 -12.21
CA ASP A 362 -30.22 35.53 -13.55
C ASP A 362 -30.96 34.22 -13.41
N VAL A 363 -32.25 34.22 -13.70
CA VAL A 363 -33.09 33.05 -13.53
C VAL A 363 -33.86 32.77 -14.81
N PHE A 364 -34.01 31.49 -15.13
CA PHE A 364 -34.73 31.03 -16.31
C PHE A 364 -35.95 30.28 -15.84
N LEU A 365 -37.11 30.64 -16.36
CA LEU A 365 -38.37 29.99 -16.05
C LEU A 365 -38.75 29.13 -17.25
N MET A 366 -38.83 27.82 -17.05
CA MET A 366 -39.01 26.84 -18.11
C MET A 366 -40.43 26.28 -17.97
N LEU A 367 -41.27 26.58 -18.95
CA LEU A 367 -42.71 26.56 -18.78
C LEU A 367 -43.36 25.24 -19.19
N GLY A 368 -42.59 24.25 -19.63
CA GLY A 368 -43.14 22.98 -20.03
C GLY A 368 -44.00 23.07 -21.28
N PRO A 369 -45.21 22.51 -21.23
CA PRO A 369 -45.96 21.99 -20.07
C PRO A 369 -45.60 20.60 -19.55
N SER A 370 -45.04 19.72 -20.37
CA SER A 370 -44.70 18.39 -19.88
C SER A 370 -43.26 18.37 -19.35
N VAL A 371 -42.95 17.34 -18.57
CA VAL A 371 -41.60 17.27 -18.01
C VAL A 371 -40.55 17.11 -19.11
N PHE A 372 -40.90 16.45 -20.23
CA PHE A 372 -39.95 16.33 -21.33
C PHE A 372 -39.75 17.64 -22.06
N ASP A 373 -40.77 18.52 -22.03
CA ASP A 373 -40.57 19.89 -22.51
C ASP A 373 -39.57 20.62 -21.62
N VAL A 374 -39.59 20.35 -20.32
CA VAL A 374 -38.64 21.00 -19.43
C VAL A 374 -37.23 20.50 -19.71
N PHE A 375 -37.08 19.18 -19.84
CA PHE A 375 -35.78 18.61 -20.21
C PHE A 375 -35.22 19.30 -21.45
N ARG A 376 -36.05 19.44 -22.49
CA ARG A 376 -35.64 20.10 -23.72
C ARG A 376 -35.32 21.56 -23.49
N GLN A 377 -36.16 22.26 -22.72
CA GLN A 377 -35.89 23.67 -22.45
C GLN A 377 -34.53 23.83 -21.76
N TYR A 378 -34.28 23.04 -20.73
CA TYR A 378 -33.01 23.13 -20.03
C TYR A 378 -31.83 22.69 -20.90
N ALA A 379 -31.99 21.61 -21.67
CA ALA A 379 -30.93 21.13 -22.54
C ALA A 379 -30.50 22.20 -23.54
N SER A 380 -31.46 22.96 -24.08
CA SER A 380 -31.11 24.00 -25.04
C SER A 380 -30.28 25.10 -24.41
N LEU A 381 -30.34 25.25 -23.09
CA LEU A 381 -29.56 26.27 -22.38
C LEU A 381 -28.17 25.77 -21.97
N THR A 382 -28.09 24.59 -21.34
CA THR A 382 -26.83 24.15 -20.77
C THR A 382 -26.24 22.93 -21.46
N GLY A 383 -26.91 22.37 -22.45
CA GLY A 383 -26.36 21.27 -23.21
C GLY A 383 -26.92 19.93 -22.81
N THR A 384 -26.37 18.89 -23.40
CA THR A 384 -26.84 17.55 -23.15
C THR A 384 -25.72 16.67 -22.61
N GLN A 385 -26.11 15.54 -22.01
CA GLN A 385 -25.15 14.54 -21.60
C GLN A 385 -24.18 14.20 -22.73
N ALA A 386 -22.89 14.27 -22.45
CA ALA A 386 -21.87 13.84 -23.39
C ALA A 386 -21.98 12.34 -23.62
N LEU A 387 -21.84 11.93 -24.89
CA LEU A 387 -21.98 10.52 -25.22
C LEU A 387 -20.80 9.74 -24.66
N PRO A 388 -21.00 8.86 -23.68
CA PRO A 388 -19.87 8.15 -23.11
C PRO A 388 -19.30 7.17 -24.12
N PRO A 389 -17.99 6.97 -24.13
CA PRO A 389 -17.45 5.82 -24.86
C PRO A 389 -18.02 4.55 -24.25
N LEU A 390 -18.25 3.53 -25.10
CA LEU A 390 -18.97 2.36 -24.62
C LEU A 390 -18.32 1.77 -23.36
N PHE A 391 -16.98 1.69 -23.33
CA PHE A 391 -16.30 1.01 -22.23
C PHE A 391 -16.66 1.62 -20.88
N SER A 392 -16.92 2.93 -20.84
CA SER A 392 -17.20 3.57 -19.56
C SER A 392 -18.56 3.20 -19.01
N LEU A 393 -19.42 2.54 -19.79
CA LEU A 393 -20.70 2.03 -19.31
C LEU A 393 -20.62 0.59 -18.85
N GLY A 394 -19.44 -0.01 -18.87
CA GLY A 394 -19.22 -1.30 -18.26
C GLY A 394 -18.92 -1.20 -16.77
N TYR A 395 -18.30 -2.26 -16.26
CA TYR A 395 -17.97 -2.32 -14.85
C TYR A 395 -16.56 -1.79 -14.60
N HIS A 396 -16.44 -0.90 -13.61
CA HIS A 396 -15.17 -0.34 -13.17
C HIS A 396 -14.79 -0.95 -11.81
N GLN A 397 -13.57 -1.47 -11.73
CA GLN A 397 -13.05 -2.03 -10.48
C GLN A 397 -12.01 -1.07 -9.91
N SER A 398 -12.28 -0.54 -8.73
CA SER A 398 -11.40 0.45 -8.13
C SER A 398 -11.24 0.17 -6.63
N ARG A 399 -10.19 0.75 -6.05
CA ARG A 399 -10.11 0.93 -4.62
C ARG A 399 -8.96 1.88 -4.37
N TRP A 400 -8.92 2.40 -3.16
CA TRP A 400 -7.78 3.14 -2.64
C TRP A 400 -7.01 2.13 -1.78
N ASN A 401 -5.93 1.54 -2.30
CA ASN A 401 -5.33 1.78 -3.59
C ASN A 401 -4.84 0.42 -4.12
N TYR A 402 -4.71 0.23 -5.42
CA TYR A 402 -3.97 -0.94 -5.89
C TYR A 402 -2.48 -0.64 -5.79
N ARG A 403 -1.75 -1.65 -5.37
CA ARG A 403 -0.44 -1.48 -4.75
C ARG A 403 0.64 -1.12 -5.76
N ASP A 404 0.68 -1.84 -6.88
CA ASP A 404 1.74 -1.69 -7.86
C ASP A 404 1.25 -2.27 -9.18
N GLU A 405 2.13 -2.26 -10.19
CA GLU A 405 1.76 -2.85 -11.47
C GLU A 405 1.37 -4.32 -11.31
N ALA A 406 2.12 -5.07 -10.51
CA ALA A 406 1.81 -6.48 -10.33
C ALA A 406 0.41 -6.66 -9.75
N ASP A 407 0.03 -5.85 -8.77
CA ASP A 407 -1.30 -5.95 -8.18
C ASP A 407 -2.38 -5.71 -9.25
N VAL A 408 -2.20 -4.67 -10.08
CA VAL A 408 -3.14 -4.34 -11.15
C VAL A 408 -3.30 -5.52 -12.10
N LEU A 409 -2.19 -6.14 -12.50
CA LEU A 409 -2.29 -7.28 -13.39
C LEU A 409 -2.89 -8.51 -12.71
N GLU A 410 -2.72 -8.65 -11.38
CA GLU A 410 -3.38 -9.75 -10.69
C GLU A 410 -4.89 -9.55 -10.64
N VAL A 411 -5.32 -8.32 -10.40
CA VAL A 411 -6.74 -8.00 -10.44
C VAL A 411 -7.30 -8.29 -11.82
N ASP A 412 -6.57 -7.89 -12.87
CA ASP A 412 -7.01 -8.18 -14.24
C ASP A 412 -7.19 -9.66 -14.43
N GLN A 413 -6.18 -10.44 -14.05
CA GLN A 413 -6.24 -11.89 -14.23
C GLN A 413 -7.34 -12.51 -13.39
N GLY A 414 -7.60 -11.94 -12.21
CA GLY A 414 -8.63 -12.49 -11.34
C GLY A 414 -10.02 -12.43 -11.95
N PHE A 415 -10.33 -11.34 -12.65
CA PHE A 415 -11.60 -11.28 -13.36
C PHE A 415 -11.72 -12.42 -14.36
N ASP A 416 -10.68 -12.64 -15.15
CA ASP A 416 -10.74 -13.67 -16.19
C ASP A 416 -10.74 -15.07 -15.58
N ASP A 417 -9.91 -15.31 -14.57
CA ASP A 417 -9.92 -16.61 -13.91
C ASP A 417 -11.25 -16.90 -13.21
N HIS A 418 -12.01 -15.88 -12.86
CA HIS A 418 -13.26 -16.10 -12.17
C HIS A 418 -14.45 -15.80 -13.03
N ASN A 419 -14.22 -15.66 -14.35
CA ASN A 419 -15.25 -15.52 -15.36
C ASN A 419 -16.22 -14.40 -14.97
N MET A 420 -15.65 -13.21 -14.80
CA MET A 420 -16.42 -12.04 -14.44
C MET A 420 -16.01 -10.88 -15.36
N PRO A 421 -16.96 -10.19 -15.96
CA PRO A 421 -16.61 -9.08 -16.85
C PRO A 421 -16.15 -7.84 -16.08
N CYS A 422 -15.25 -7.10 -16.71
CA CYS A 422 -14.77 -5.83 -16.20
C CYS A 422 -14.09 -5.10 -17.35
N ASP A 423 -14.31 -3.78 -17.44
CA ASP A 423 -13.74 -2.93 -18.48
C ASP A 423 -12.58 -2.06 -18.04
N VAL A 424 -12.61 -1.54 -16.81
CA VAL A 424 -11.64 -0.57 -16.33
C VAL A 424 -11.15 -0.92 -14.94
N ILE A 425 -9.83 -0.86 -14.73
CA ILE A 425 -9.25 -0.91 -13.40
C ILE A 425 -8.71 0.49 -13.10
N TRP A 426 -8.92 0.98 -11.87
CA TRP A 426 -8.62 2.36 -11.48
C TRP A 426 -7.40 2.46 -10.59
N LEU A 427 -6.72 3.59 -10.70
CA LEU A 427 -5.49 3.87 -9.97
C LEU A 427 -5.68 5.16 -9.16
N ASP A 428 -5.78 5.01 -7.83
CA ASP A 428 -6.04 6.14 -6.94
C ASP A 428 -4.73 6.85 -6.63
N ILE A 429 -4.73 7.76 -5.65
CA ILE A 429 -3.63 8.71 -5.47
C ILE A 429 -2.30 8.03 -5.13
N GLU A 430 -2.33 6.81 -4.61
CA GLU A 430 -1.04 6.22 -4.26
C GLU A 430 -0.24 5.75 -5.48
N HIS A 431 -0.78 5.84 -6.70
CA HIS A 431 -0.01 5.42 -7.87
C HIS A 431 1.01 6.45 -8.32
N ALA A 432 0.86 7.69 -7.90
CA ALA A 432 1.75 8.78 -8.30
C ALA A 432 2.89 8.94 -7.28
N ASP A 433 3.84 9.84 -7.58
CA ASP A 433 4.99 10.11 -6.70
C ASP A 433 4.56 11.08 -5.60
N GLY A 434 4.19 10.54 -4.44
CA GLY A 434 3.87 11.37 -3.29
C GLY A 434 2.83 12.43 -3.58
N LYS A 435 1.79 12.05 -4.34
CA LYS A 435 0.62 12.89 -4.66
C LYS A 435 0.99 14.08 -5.54
N ARG A 436 2.07 13.93 -6.30
CA ARG A 436 2.40 14.83 -7.41
C ARG A 436 1.73 14.27 -8.65
N TYR A 437 0.68 14.93 -9.13
CA TYR A 437 -0.11 14.35 -10.21
C TYR A 437 0.64 14.42 -11.55
N PHE A 438 0.20 13.58 -12.48
CA PHE A 438 0.89 13.32 -13.74
C PHE A 438 2.22 12.59 -13.55
N THR A 439 2.47 12.00 -12.38
CA THR A 439 3.69 11.23 -12.15
C THR A 439 3.35 9.81 -11.73
N TRP A 440 4.36 8.96 -11.65
CA TRP A 440 4.20 7.57 -11.23
C TRP A 440 5.19 7.26 -10.12
N ASP A 441 4.77 6.50 -9.12
CA ASP A 441 5.73 6.11 -8.09
C ASP A 441 6.86 5.29 -8.73
N PRO A 442 8.14 5.68 -8.51
CA PRO A 442 9.24 5.03 -9.25
C PRO A 442 9.47 3.58 -8.88
N THR A 443 9.04 3.15 -7.70
CA THR A 443 9.18 1.77 -7.27
C THR A 443 7.96 0.93 -7.63
N ARG A 444 6.77 1.45 -7.32
CA ARG A 444 5.57 0.64 -7.49
C ARG A 444 4.93 0.73 -8.89
N PHE A 445 5.22 1.77 -9.67
CA PHE A 445 4.74 1.86 -11.07
C PHE A 445 5.87 2.31 -11.99
N PRO A 446 6.96 1.50 -12.10
CA PRO A 446 8.13 1.94 -12.88
C PRO A 446 7.97 1.89 -14.41
N GLN A 447 7.11 1.04 -14.93
CA GLN A 447 6.91 0.87 -16.37
C GLN A 447 5.44 0.99 -16.73
N PRO A 448 4.85 2.19 -16.61
CA PRO A 448 3.40 2.31 -16.88
C PRO A 448 2.97 1.93 -18.28
N LEU A 449 3.77 2.22 -19.31
CA LEU A 449 3.38 1.81 -20.65
C LEU A 449 3.24 0.30 -20.77
N ASN A 450 4.14 -0.46 -20.14
CA ASN A 450 4.01 -1.92 -20.18
C ASN A 450 2.76 -2.37 -19.46
N MET A 451 2.40 -1.71 -18.36
CA MET A 451 1.17 -2.05 -17.65
C MET A 451 -0.05 -1.80 -18.54
N LEU A 452 -0.10 -0.64 -19.19
CA LEU A 452 -1.22 -0.29 -20.07
C LEU A 452 -1.25 -1.20 -21.28
N GLU A 453 -0.07 -1.55 -21.78
CA GLU A 453 -0.01 -2.48 -22.90
C GLU A 453 -0.54 -3.86 -22.51
N HIS A 454 -0.28 -4.30 -21.27
CA HIS A 454 -0.85 -5.58 -20.85
CA HIS A 454 -0.84 -5.56 -20.79
C HIS A 454 -2.36 -5.48 -20.68
N LEU A 455 -2.88 -4.32 -20.26
CA LEU A 455 -4.32 -4.14 -20.20
C LEU A 455 -4.95 -4.04 -21.58
N ALA A 456 -4.26 -3.41 -22.54
CA ALA A 456 -4.77 -3.34 -23.92
C ALA A 456 -4.88 -4.73 -24.54
N SER A 457 -3.93 -5.63 -24.24
CA SER A 457 -4.05 -6.96 -24.82
C SER A 457 -5.21 -7.74 -24.24
N LYS A 458 -5.67 -7.41 -23.04
CA LYS A 458 -6.94 -7.92 -22.53
C LYS A 458 -8.12 -7.08 -23.00
N ARG A 459 -7.86 -6.03 -23.79
CA ARG A 459 -8.90 -5.15 -24.32
C ARG A 459 -9.65 -4.47 -23.17
N ARG A 460 -8.89 -4.02 -22.16
CA ARG A 460 -9.39 -3.30 -20.99
C ARG A 460 -8.70 -1.96 -20.87
N LYS A 461 -9.29 -1.06 -20.10
CA LYS A 461 -8.80 0.30 -19.95
C LYS A 461 -8.31 0.54 -18.52
N LEU A 462 -7.76 1.73 -18.30
CA LEU A 462 -7.29 2.12 -16.97
C LEU A 462 -7.66 3.56 -16.71
N VAL A 463 -8.00 3.90 -15.47
CA VAL A 463 -8.23 5.29 -15.07
C VAL A 463 -7.23 5.67 -13.99
N ALA A 464 -6.56 6.80 -14.18
CA ALA A 464 -5.65 7.36 -13.20
C ALA A 464 -6.21 8.68 -12.68
N ILE A 465 -6.07 8.89 -11.37
CA ILE A 465 -6.58 10.09 -10.72
C ILE A 465 -5.60 11.25 -10.93
N VAL A 466 -6.15 12.43 -11.18
CA VAL A 466 -5.40 13.68 -11.32
C VAL A 466 -6.21 14.76 -10.61
N ASP A 467 -5.75 15.20 -9.47
CA ASP A 467 -6.48 16.18 -8.71
C ASP A 467 -6.00 17.58 -9.05
N PRO A 468 -6.79 18.62 -8.80
CA PRO A 468 -6.38 19.97 -9.22
C PRO A 468 -5.48 20.71 -8.24
N HIS A 469 -5.02 20.11 -7.17
CA HIS A 469 -4.11 20.81 -6.28
C HIS A 469 -2.69 20.34 -6.59
N ILE A 470 -1.76 21.28 -6.60
CA ILE A 470 -0.40 21.04 -7.05
C ILE A 470 0.57 21.24 -5.87
N LYS A 471 1.30 20.17 -5.52
CA LYS A 471 2.26 20.22 -4.41
C LYS A 471 3.27 21.33 -4.60
N VAL A 472 3.40 22.18 -3.58
CA VAL A 472 4.39 23.26 -3.61
C VAL A 472 5.77 22.61 -3.43
N ASP A 473 6.49 22.47 -4.55
CA ASP A 473 7.70 21.65 -4.59
C ASP A 473 8.54 22.14 -5.76
N SER A 474 9.69 22.73 -5.47
CA SER A 474 10.50 23.29 -6.54
C SER A 474 11.10 22.23 -7.46
N GLY A 475 11.05 20.96 -7.09
CA GLY A 475 11.44 19.90 -7.99
C GLY A 475 10.31 19.34 -8.84
N TYR A 476 9.08 19.81 -8.61
CA TYR A 476 7.90 19.35 -9.33
C TYR A 476 7.69 20.25 -10.53
N ARG A 477 7.87 19.69 -11.73
CA ARG A 477 7.86 20.50 -12.95
C ARG A 477 6.51 21.21 -13.15
N VAL A 478 5.41 20.52 -12.83
CA VAL A 478 4.09 21.13 -12.98
C VAL A 478 3.99 22.39 -12.14
N HIS A 479 4.46 22.32 -10.88
CA HIS A 479 4.38 23.47 -10.00
C HIS A 479 5.26 24.61 -10.50
N GLU A 480 6.43 24.28 -11.03
CA GLU A 480 7.34 25.34 -11.48
C GLU A 480 6.78 26.08 -12.66
N GLU A 481 6.18 25.36 -13.62
CA GLU A 481 5.57 26.02 -14.78
C GLU A 481 4.40 26.91 -14.38
N LEU A 482 3.50 26.41 -13.52
CA LEU A 482 2.34 27.20 -13.14
C LEU A 482 2.74 28.45 -12.36
N ARG A 483 3.71 28.29 -11.46
CA ARG A 483 4.23 29.44 -10.73
C ARG A 483 4.95 30.41 -11.67
N ASN A 484 5.75 29.90 -12.60
CA ASN A 484 6.50 30.77 -13.50
C ASN A 484 5.58 31.51 -14.48
N HIS A 485 4.41 30.97 -14.78
CA HIS A 485 3.45 31.59 -15.69
C HIS A 485 2.29 32.27 -14.99
N GLY A 486 2.35 32.41 -13.66
CA GLY A 486 1.34 33.16 -12.94
C GLY A 486 -0.08 32.63 -13.05
N LEU A 487 -0.23 31.32 -13.22
CA LEU A 487 -1.51 30.67 -13.47
C LEU A 487 -2.20 30.15 -12.19
N TYR A 488 -1.74 30.54 -11.01
CA TYR A 488 -2.28 30.05 -9.74
C TYR A 488 -3.33 31.02 -9.21
N VAL A 489 -4.25 30.50 -8.39
CA VAL A 489 -5.12 31.36 -7.64
C VAL A 489 -4.27 32.15 -6.65
N LYS A 490 -4.58 33.43 -6.50
CA LYS A 490 -3.73 34.34 -5.74
C LYS A 490 -4.47 34.88 -4.53
N THR A 491 -3.70 35.43 -3.60
CA THR A 491 -4.27 36.15 -2.47
C THR A 491 -4.27 37.66 -2.79
N ARG A 492 -4.94 38.44 -1.94
CA ARG A 492 -5.06 39.88 -2.24
C ARG A 492 -3.70 40.57 -2.31
N ASP A 493 -2.70 40.07 -1.58
CA ASP A 493 -1.41 40.70 -1.70
C ASP A 493 -0.70 40.33 -2.99
N GLY A 494 -1.23 39.39 -3.78
CA GLY A 494 -0.65 39.04 -5.06
C GLY A 494 0.22 37.79 -5.05
N SER A 495 0.43 37.17 -3.90
CA SER A 495 1.20 35.94 -3.93
C SER A 495 0.28 34.76 -4.16
N ASP A 496 0.85 33.66 -4.64
CA ASP A 496 0.03 32.50 -4.96
C ASP A 496 -0.52 31.88 -3.69
N TYR A 497 -1.82 31.56 -3.71
CA TYR A 497 -2.46 30.92 -2.58
C TYR A 497 -1.83 29.56 -2.30
N GLU A 498 -1.62 29.26 -1.02
CA GLU A 498 -1.10 27.96 -0.62
C GLU A 498 -2.02 27.40 0.47
N GLY A 499 -2.56 26.22 0.22
CA GLY A 499 -3.33 25.50 1.21
C GLY A 499 -2.75 24.13 1.46
N TRP A 500 -3.54 23.24 2.02
CA TRP A 500 -3.07 21.92 2.39
C TRP A 500 -3.99 20.86 1.80
N CYS A 501 -3.39 19.84 1.17
CA CYS A 501 -4.15 18.68 0.73
C CYS A 501 -3.26 17.44 0.75
N TRP A 502 -3.57 16.43 -0.05
CA TRP A 502 -2.83 15.17 0.01
C TRP A 502 -1.32 15.28 -0.08
N PRO A 503 -0.72 16.15 -0.91
CA PRO A 503 0.75 16.18 -0.96
C PRO A 503 1.32 17.14 0.08
N GLY A 504 0.51 17.50 1.06
CA GLY A 504 0.91 18.54 2.00
C GLY A 504 0.59 19.91 1.46
N SER A 505 1.55 20.84 1.56
CA SER A 505 1.33 22.19 1.09
C SER A 505 1.18 22.22 -0.42
N ALA A 506 0.10 22.88 -0.91
CA ALA A 506 -0.24 22.83 -2.32
C ALA A 506 -0.86 24.16 -2.74
N SER A 507 -0.66 24.50 -4.02
CA SER A 507 -1.28 25.63 -4.67
C SER A 507 -2.34 25.13 -5.63
N TYR A 508 -3.25 26.03 -6.00
CA TYR A 508 -4.44 25.69 -6.78
C TYR A 508 -4.44 26.46 -8.09
N PRO A 509 -4.31 25.78 -9.22
CA PRO A 509 -4.38 26.49 -10.50
C PRO A 509 -5.72 27.19 -10.65
N ASP A 510 -5.68 28.37 -11.27
CA ASP A 510 -6.89 29.15 -11.48
C ASP A 510 -7.59 28.64 -12.73
N PHE A 511 -8.48 27.68 -12.56
CA PHE A 511 -9.13 27.09 -13.72
C PHE A 511 -10.16 28.00 -14.37
N THR A 512 -10.58 29.10 -13.72
CA THR A 512 -11.43 30.08 -14.38
C THR A 512 -10.70 30.82 -15.50
N ASN A 513 -9.37 30.79 -15.50
CA ASN A 513 -8.57 31.45 -16.51
C ASN A 513 -8.40 30.51 -17.69
N PRO A 514 -8.86 30.88 -18.89
CA PRO A 514 -8.76 29.97 -20.02
C PRO A 514 -7.33 29.62 -20.42
N ARG A 515 -6.38 30.50 -20.13
CA ARG A 515 -4.98 30.18 -20.36
C ARG A 515 -4.55 29.01 -19.49
N MET A 516 -5.05 28.99 -18.25
CA MET A 516 -4.80 27.87 -17.37
CA MET A 516 -4.81 27.87 -17.35
C MET A 516 -5.47 26.60 -17.88
N ARG A 517 -6.73 26.69 -18.32
CA ARG A 517 -7.38 25.51 -18.86
C ARG A 517 -6.65 24.98 -20.10
N ALA A 518 -6.16 25.86 -20.96
CA ALA A 518 -5.43 25.41 -22.14
C ALA A 518 -4.14 24.72 -21.74
N TRP A 519 -3.45 25.27 -20.73
CA TRP A 519 -2.28 24.62 -20.19
C TRP A 519 -2.63 23.23 -19.70
N TRP A 520 -3.69 23.13 -18.89
CA TRP A 520 -4.09 21.84 -18.33
C TRP A 520 -4.38 20.84 -19.43
N SER A 521 -5.13 21.26 -20.45
CA SER A 521 -5.48 20.32 -21.51
CA SER A 521 -5.48 20.36 -21.53
C SER A 521 -4.23 19.84 -22.24
N ASN A 522 -3.27 20.74 -22.50
CA ASN A 522 -2.08 20.32 -23.21
C ASN A 522 -1.22 19.37 -22.39
N MET A 523 -1.34 19.43 -21.06
CA MET A 523 -0.59 18.54 -20.17
C MET A 523 -0.94 17.07 -20.39
N PHE A 524 -2.13 16.78 -20.91
CA PHE A 524 -2.52 15.40 -21.16
C PHE A 524 -2.02 14.87 -22.50
N SER A 525 -1.20 15.62 -23.24
CA SER A 525 -0.67 15.04 -24.46
C SER A 525 0.32 13.94 -24.11
N PHE A 526 0.38 12.91 -24.96
CA PHE A 526 1.23 11.76 -24.65
C PHE A 526 2.68 12.14 -24.44
N ASP A 527 3.13 13.27 -25.00
CA ASP A 527 4.49 13.72 -24.74
C ASP A 527 4.59 14.34 -23.35
N ASN A 528 3.56 15.05 -22.90
CA ASN A 528 3.64 15.72 -21.60
C ASN A 528 3.33 14.78 -20.45
N TYR A 529 2.26 14.00 -20.56
CA TYR A 529 1.92 13.03 -19.52
C TYR A 529 2.65 11.74 -19.82
N GLU A 530 3.94 11.70 -19.47
CA GLU A 530 4.74 10.51 -19.75
C GLU A 530 4.20 9.27 -19.05
N GLY A 531 4.21 8.15 -19.75
CA GLY A 531 3.64 6.93 -19.25
C GLY A 531 2.16 6.75 -19.53
N SER A 532 1.47 7.78 -20.03
CA SER A 532 0.07 7.63 -20.42
C SER A 532 0.00 7.07 -21.85
N ALA A 533 -1.15 6.48 -22.18
CA ALA A 533 -1.36 5.85 -23.46
C ALA A 533 -2.84 5.98 -23.79
N PRO A 534 -3.25 5.62 -25.02
CA PRO A 534 -4.66 5.85 -25.40
C PRO A 534 -5.70 5.14 -24.55
N ASN A 535 -5.38 4.05 -23.85
CA ASN A 535 -6.37 3.42 -22.99
C ASN A 535 -6.27 3.87 -21.52
N LEU A 536 -5.59 4.99 -21.24
CA LEU A 536 -5.57 5.59 -19.92
C LEU A 536 -6.54 6.75 -19.89
N TYR A 537 -7.50 6.74 -18.96
CA TYR A 537 -8.46 7.82 -18.79
C TYR A 537 -8.34 8.38 -17.37
N VAL A 538 -9.14 9.40 -17.03
CA VAL A 538 -8.84 10.27 -15.91
C VAL A 538 -10.00 10.40 -14.93
N TRP A 539 -9.64 10.61 -13.65
CA TRP A 539 -10.56 10.88 -12.55
C TRP A 539 -10.16 12.19 -11.86
N ASN A 540 -11.04 13.20 -11.89
CA ASN A 540 -10.83 14.45 -11.18
C ASN A 540 -11.58 14.41 -9.85
N ASP A 541 -10.83 14.48 -8.75
CA ASP A 541 -11.38 14.46 -7.41
C ASP A 541 -10.93 15.71 -6.66
N MET A 542 -11.58 16.00 -5.53
CA MET A 542 -11.19 17.09 -4.63
C MET A 542 -11.28 18.45 -5.29
N ASN A 543 -12.12 18.60 -6.34
CA ASN A 543 -12.14 19.81 -7.14
C ASN A 543 -13.21 20.80 -6.72
N GLU A 544 -13.66 20.73 -5.46
CA GLU A 544 -14.58 21.74 -4.93
C GLU A 544 -14.06 23.18 -4.94
N PRO A 545 -12.79 23.47 -4.62
CA PRO A 545 -11.67 22.60 -4.24
C PRO A 545 -11.64 22.26 -2.75
N SER A 546 -11.16 21.06 -2.44
CA SER A 546 -10.93 20.67 -1.05
C SER A 546 -9.63 21.31 -0.57
N VAL A 547 -9.68 21.98 0.58
CA VAL A 547 -8.50 22.58 1.21
C VAL A 547 -8.57 22.25 2.69
N PHE A 548 -7.64 21.40 3.17
CA PHE A 548 -7.79 20.85 4.51
C PHE A 548 -7.73 21.93 5.60
N ASN A 549 -6.87 22.93 5.44
CA ASN A 549 -6.78 24.04 6.38
C ASN A 549 -7.63 25.25 5.99
N GLY A 550 -8.53 25.10 5.03
CA GLY A 550 -9.38 26.20 4.62
C GLY A 550 -10.72 26.22 5.33
N PRO A 551 -11.44 27.33 5.21
CA PRO A 551 -12.76 27.43 5.86
C PRO A 551 -13.75 26.46 5.24
N GLU A 552 -14.39 25.66 6.09
CA GLU A 552 -15.31 24.59 5.66
C GLU A 552 -14.63 23.60 4.72
N VAL A 553 -13.30 23.45 4.87
CA VAL A 553 -12.46 22.55 4.09
C VAL A 553 -12.37 23.00 2.63
N THR A 554 -12.52 24.29 2.36
CA THR A 554 -12.38 24.79 0.98
C THR A 554 -11.64 26.12 0.99
N MET A 555 -11.61 26.77 -0.17
CA MET A 555 -10.77 27.94 -0.37
CA MET A 555 -10.79 27.96 -0.39
C MET A 555 -11.39 29.19 0.26
N LEU A 556 -10.52 30.15 0.58
CA LEU A 556 -10.95 31.41 1.20
C LEU A 556 -11.82 32.21 0.23
N LYS A 557 -12.87 32.83 0.77
CA LYS A 557 -13.80 33.60 -0.06
C LYS A 557 -13.11 34.76 -0.76
N ASP A 558 -12.00 35.27 -0.21
CA ASP A 558 -11.33 36.45 -0.75
C ASP A 558 -10.09 36.13 -1.57
N ALA A 559 -9.85 34.86 -1.90
CA ALA A 559 -8.82 34.59 -2.91
C ALA A 559 -9.25 35.22 -4.23
N VAL A 560 -8.28 35.47 -5.11
CA VAL A 560 -8.55 36.25 -6.31
C VAL A 560 -8.27 35.42 -7.54
N HIS A 561 -9.17 35.49 -8.51
CA HIS A 561 -9.03 34.73 -9.74
C HIS A 561 -8.86 35.70 -10.90
N TYR A 562 -8.75 35.10 -12.09
CA TYR A 562 -8.62 35.85 -13.33
C TYR A 562 -9.67 36.94 -13.44
N GLY A 563 -9.25 38.10 -13.94
CA GLY A 563 -10.13 39.23 -14.09
C GLY A 563 -10.45 39.97 -12.82
N GLY A 564 -9.80 39.63 -11.71
CA GLY A 564 -10.06 40.30 -10.47
C GLY A 564 -11.22 39.77 -9.68
N TRP A 565 -11.92 38.74 -10.14
CA TRP A 565 -13.08 38.24 -9.41
C TRP A 565 -12.66 37.49 -8.14
N GLU A 566 -13.49 37.60 -7.11
CA GLU A 566 -13.22 36.90 -5.85
C GLU A 566 -13.62 35.43 -5.94
N HIS A 567 -13.05 34.63 -5.02
CA HIS A 567 -13.41 33.23 -5.01
C HIS A 567 -14.88 33.05 -4.67
N ARG A 568 -15.45 33.93 -3.83
CA ARG A 568 -16.86 33.82 -3.47
C ARG A 568 -17.75 34.00 -4.71
N ASP A 569 -17.24 34.70 -5.73
CA ASP A 569 -18.01 34.91 -6.95
C ASP A 569 -18.13 33.62 -7.77
N ILE A 570 -17.08 32.80 -7.81
CA ILE A 570 -16.97 31.76 -8.82
C ILE A 570 -17.06 30.36 -8.24
N HIS A 571 -17.25 30.22 -6.92
CA HIS A 571 -16.91 28.97 -6.24
C HIS A 571 -17.50 27.75 -6.92
N ASN A 572 -18.78 27.79 -7.29
CA ASN A 572 -19.43 26.54 -7.67
C ASN A 572 -19.13 26.09 -9.08
N ILE A 573 -18.36 26.84 -9.87
CA ILE A 573 -17.94 26.38 -11.20
C ILE A 573 -16.45 26.09 -11.25
N TYR A 574 -15.74 26.16 -10.12
CA TYR A 574 -14.34 25.77 -10.15
C TYR A 574 -14.18 24.32 -10.57
N GLY A 575 -15.01 23.42 -10.02
CA GLY A 575 -14.87 22.02 -10.36
C GLY A 575 -15.23 21.74 -11.82
N LEU A 576 -16.27 22.39 -12.31
CA LEU A 576 -16.67 22.23 -13.71
C LEU A 576 -15.53 22.61 -14.65
N TYR A 577 -14.79 23.66 -14.32
CA TYR A 577 -13.66 24.03 -15.18
C TYR A 577 -12.60 22.94 -15.19
N VAL A 578 -12.37 22.29 -14.05
CA VAL A 578 -11.40 21.19 -14.02
C VAL A 578 -11.86 20.06 -14.91
N HIS A 579 -13.12 19.63 -14.71
CA HIS A 579 -13.70 18.54 -15.49
C HIS A 579 -13.64 18.83 -16.98
N MET A 580 -13.95 20.07 -17.37
CA MET A 580 -13.95 20.50 -18.76
C MET A 580 -12.55 20.49 -19.34
N ALA A 581 -11.59 21.10 -18.63
CA ALA A 581 -10.22 21.14 -19.14
C ALA A 581 -9.63 19.73 -19.24
N THR A 582 -9.95 18.88 -18.28
CA THR A 582 -9.45 17.51 -18.35
C THR A 582 -10.03 16.81 -19.56
N ALA A 583 -11.36 16.88 -19.71
CA ALA A 583 -12.03 16.20 -20.81
C ALA A 583 -11.54 16.70 -22.17
N ASP A 584 -11.39 18.02 -22.34
CA ASP A 584 -10.83 18.55 -23.57
C ASP A 584 -9.41 18.05 -23.82
N GLY A 585 -8.64 17.80 -22.74
CA GLY A 585 -7.29 17.29 -22.90
C GLY A 585 -7.26 15.88 -23.48
N LEU A 586 -8.20 15.03 -23.05
CA LEU A 586 -8.26 13.68 -23.58
C LEU A 586 -8.70 13.67 -25.03
N ILE A 587 -9.49 14.68 -25.43
CA ILE A 587 -9.84 14.82 -26.83
C ILE A 587 -8.63 15.30 -27.64
N GLN A 588 -7.94 16.32 -27.13
CA GLN A 588 -6.83 16.92 -27.86
C GLN A 588 -5.70 15.94 -28.06
N ARG A 589 -5.35 15.16 -27.03
CA ARG A 589 -4.20 14.27 -27.17
C ARG A 589 -4.43 13.25 -28.27
N SER A 590 -5.67 13.05 -28.70
CA SER A 590 -5.99 12.10 -29.75
C SER A 590 -6.08 12.76 -31.11
N GLY A 591 -5.87 14.07 -31.18
CA GLY A 591 -6.08 14.81 -32.40
C GLY A 591 -7.53 15.12 -32.66
N GLY A 592 -8.35 15.15 -31.62
CA GLY A 592 -9.76 15.42 -31.75
C GLY A 592 -10.63 14.26 -32.14
N ILE A 593 -10.12 13.03 -32.13
CA ILE A 593 -10.87 11.88 -32.64
C ILE A 593 -11.55 11.10 -31.51
N GLU A 594 -10.85 10.86 -30.39
CA GLU A 594 -11.35 9.97 -29.36
C GLU A 594 -12.27 10.69 -28.39
N ARG A 595 -13.35 10.04 -28.00
CA ARG A 595 -14.20 10.61 -26.98
C ARG A 595 -13.51 10.49 -25.62
N PRO A 596 -13.74 11.45 -24.71
CA PRO A 596 -13.09 11.39 -23.40
C PRO A 596 -13.88 10.50 -22.46
N PHE A 597 -13.25 10.16 -21.34
CA PHE A 597 -13.98 9.76 -20.16
C PHE A 597 -13.32 10.41 -18.95
N VAL A 598 -14.07 11.23 -18.22
CA VAL A 598 -13.58 11.85 -17.00
C VAL A 598 -14.67 11.73 -15.95
N LEU A 599 -14.32 11.22 -14.77
CA LEU A 599 -15.20 11.22 -13.61
C LEU A 599 -14.85 12.40 -12.72
N SER A 600 -15.86 13.10 -12.23
CA SER A 600 -15.61 14.29 -11.44
C SER A 600 -16.46 14.29 -10.18
N ARG A 601 -15.90 14.79 -9.06
CA ARG A 601 -16.67 14.83 -7.82
C ARG A 601 -17.48 16.11 -7.65
N ALA A 602 -16.88 17.27 -7.92
CA ALA A 602 -17.61 18.53 -7.90
C ALA A 602 -18.21 18.78 -9.29
N PHE A 603 -19.33 19.51 -9.33
CA PHE A 603 -20.02 19.74 -10.59
C PHE A 603 -20.95 20.94 -10.46
N PHE A 604 -21.44 21.38 -11.62
CA PHE A 604 -22.37 22.51 -11.71
C PHE A 604 -23.27 22.26 -12.91
N SER A 605 -24.24 23.16 -13.11
CA SER A 605 -24.99 23.20 -14.36
C SER A 605 -24.04 23.18 -15.54
N GLY A 606 -24.30 22.31 -16.51
CA GLY A 606 -23.42 22.13 -17.63
C GLY A 606 -22.38 21.05 -17.47
N SER A 607 -22.23 20.49 -16.27
CA SER A 607 -21.24 19.43 -16.09
C SER A 607 -21.60 18.19 -16.90
N GLN A 608 -22.87 17.99 -17.25
CA GLN A 608 -23.24 16.83 -18.04
C GLN A 608 -22.47 16.79 -19.36
N ARG A 609 -21.99 17.94 -19.84
CA ARG A 609 -21.27 17.97 -21.10
C ARG A 609 -19.91 17.29 -21.04
N PHE A 610 -19.37 17.00 -19.86
CA PHE A 610 -17.97 16.62 -19.73
C PHE A 610 -17.73 15.22 -19.17
N GLY A 611 -18.78 14.48 -18.81
CA GLY A 611 -18.56 13.11 -18.45
C GLY A 611 -19.49 12.63 -17.36
N ALA A 612 -18.91 12.05 -16.31
CA ALA A 612 -19.63 11.40 -15.22
C ALA A 612 -19.39 12.12 -13.91
N VAL A 613 -20.26 11.84 -12.93
CA VAL A 613 -20.09 12.22 -11.53
C VAL A 613 -20.48 11.05 -10.63
N TRP A 614 -20.05 11.10 -9.36
CA TRP A 614 -20.52 10.13 -8.39
C TRP A 614 -20.76 10.83 -7.04
N THR A 615 -21.48 10.15 -6.13
CA THR A 615 -21.91 10.77 -4.89
C THR A 615 -20.84 10.81 -3.80
N GLY A 616 -19.57 10.77 -4.17
CA GLY A 616 -18.54 10.98 -3.15
C GLY A 616 -18.43 9.82 -2.17
N ASP A 617 -18.07 10.17 -0.92
CA ASP A 617 -17.70 9.16 0.07
C ASP A 617 -18.92 8.70 0.87
N ASN A 618 -19.64 7.75 0.31
CA ASN A 618 -20.72 7.07 1.03
C ASN A 618 -20.12 6.06 2.00
N THR A 619 -20.99 5.25 2.64
CA THR A 619 -20.59 4.33 3.69
C THR A 619 -21.26 2.98 3.48
N ALA A 620 -20.57 1.92 3.90
CA ALA A 620 -21.05 0.55 3.72
C ALA A 620 -22.26 0.22 4.60
N GLU A 621 -23.39 0.85 4.35
CA GLU A 621 -24.55 0.63 5.18
C GLU A 621 -25.80 0.59 4.31
N TRP A 622 -26.80 -0.15 4.78
CA TRP A 622 -27.99 -0.41 3.96
C TRP A 622 -28.69 0.88 3.57
N ASP A 623 -28.71 1.87 4.47
CA ASP A 623 -29.43 3.10 4.14
CA ASP A 623 -29.41 3.12 4.17
C ASP A 623 -28.65 3.94 3.13
N HIS A 624 -27.31 3.81 3.09
CA HIS A 624 -26.54 4.44 2.03
C HIS A 624 -26.79 3.75 0.69
N LEU A 625 -26.94 2.43 0.68
CA LEU A 625 -27.37 1.76 -0.54
C LEU A 625 -28.71 2.32 -1.00
N LYS A 626 -29.68 2.41 -0.09
CA LYS A 626 -31.00 2.92 -0.46
C LYS A 626 -30.90 4.31 -1.06
N ILE A 627 -30.06 5.19 -0.50
CA ILE A 627 -30.12 6.60 -0.88
C ILE A 627 -29.48 6.87 -2.24
N SER A 628 -28.81 5.87 -2.82
CA SER A 628 -28.23 6.07 -4.15
C SER A 628 -29.31 6.39 -5.19
N ILE A 629 -30.49 5.79 -5.06
CA ILE A 629 -31.57 6.03 -6.01
C ILE A 629 -32.02 7.50 -5.96
N PRO A 630 -32.48 8.05 -4.84
CA PRO A 630 -32.91 9.46 -4.87
C PRO A 630 -31.80 10.41 -5.22
N MET A 631 -30.54 10.09 -4.90
CA MET A 631 -29.47 11.03 -5.20
C MET A 631 -29.20 11.06 -6.70
N CYS A 632 -29.08 9.89 -7.32
CA CYS A 632 -28.87 9.87 -8.76
C CYS A 632 -30.12 10.30 -9.52
N LEU A 633 -31.31 10.02 -8.96
CA LEU A 633 -32.53 10.51 -9.60
C LEU A 633 -32.59 12.02 -9.61
N SER A 634 -32.16 12.67 -8.51
CA SER A 634 -32.21 14.12 -8.48
C SER A 634 -31.18 14.73 -9.41
N LEU A 635 -30.05 14.04 -9.65
CA LEU A 635 -29.08 14.47 -10.66
C LEU A 635 -29.60 14.21 -12.08
N ALA A 636 -30.33 13.10 -12.28
CA ALA A 636 -30.94 12.83 -13.58
C ALA A 636 -31.86 13.98 -13.99
N LEU A 637 -32.74 14.41 -13.09
CA LEU A 637 -33.73 15.41 -13.44
C LEU A 637 -33.09 16.71 -13.90
N VAL A 638 -31.86 17.00 -13.48
CA VAL A 638 -31.22 18.27 -13.81
C VAL A 638 -30.09 18.09 -14.83
N GLY A 639 -30.11 17.00 -15.57
CA GLY A 639 -29.25 16.85 -16.73
C GLY A 639 -28.05 15.96 -16.54
N LEU A 640 -27.74 15.54 -15.33
CA LEU A 640 -26.54 14.74 -15.11
C LEU A 640 -26.97 13.28 -15.12
N SER A 641 -26.98 12.67 -16.32
CA SER A 641 -27.42 11.28 -16.44
C SER A 641 -26.34 10.25 -16.08
N PHE A 642 -25.07 10.64 -16.06
CA PHE A 642 -23.99 9.69 -15.87
C PHE A 642 -23.55 9.74 -14.40
N CYS A 643 -24.42 9.18 -13.55
CA CYS A 643 -24.35 9.26 -12.09
C CYS A 643 -24.20 7.87 -11.50
N GLY A 644 -23.56 7.81 -10.33
CA GLY A 644 -23.44 6.56 -9.60
C GLY A 644 -22.94 6.77 -8.18
N ALA A 645 -22.95 5.70 -7.41
CA ALA A 645 -22.42 5.70 -6.05
C ALA A 645 -21.46 4.53 -5.87
N ASP A 646 -20.46 4.69 -4.99
CA ASP A 646 -19.49 3.62 -4.77
C ASP A 646 -20.19 2.32 -4.36
N VAL A 647 -20.00 1.28 -5.18
CA VAL A 647 -20.62 -0.02 -4.93
C VAL A 647 -19.89 -0.73 -3.79
N GLY A 648 -20.61 -1.01 -2.72
CA GLY A 648 -20.04 -1.52 -1.50
C GLY A 648 -19.95 -0.48 -0.41
N GLY A 649 -20.00 0.81 -0.77
CA GLY A 649 -19.79 1.88 0.16
C GLY A 649 -18.31 2.19 0.25
N PHE A 650 -17.95 3.47 0.40
CA PHE A 650 -16.54 3.85 0.50
C PHE A 650 -15.96 3.55 1.89
N PHE A 651 -16.57 4.06 2.94
CA PHE A 651 -16.11 3.77 4.31
C PHE A 651 -16.61 2.39 4.77
N LYS A 652 -15.79 1.75 5.60
CA LYS A 652 -16.15 0.52 6.32
C LYS A 652 -16.26 -0.71 5.43
N ASN A 653 -16.52 -1.87 6.03
CA ASN A 653 -16.50 -3.12 5.32
C ASN A 653 -17.91 -3.63 5.19
N PRO A 654 -18.44 -3.79 3.98
CA PRO A 654 -19.80 -4.31 3.86
C PRO A 654 -19.84 -5.81 4.13
N GLU A 655 -20.94 -6.25 4.72
CA GLU A 655 -21.17 -7.67 4.86
C GLU A 655 -21.51 -8.27 3.50
N PRO A 656 -21.20 -9.54 3.29
CA PRO A 656 -21.40 -10.15 1.96
C PRO A 656 -22.79 -9.98 1.40
N GLU A 657 -23.85 -10.09 2.21
CA GLU A 657 -25.18 -9.86 1.67
C GLU A 657 -25.32 -8.42 1.18
N LEU A 658 -24.73 -7.48 1.91
CA LEU A 658 -24.84 -6.09 1.51
C LEU A 658 -24.09 -5.83 0.20
N LEU A 659 -22.91 -6.45 0.03
CA LEU A 659 -22.14 -6.27 -1.19
C LEU A 659 -22.86 -6.82 -2.40
N VAL A 660 -23.48 -7.99 -2.26
CA VAL A 660 -24.29 -8.55 -3.35
C VAL A 660 -25.43 -7.60 -3.74
N ARG A 661 -26.17 -7.09 -2.75
CA ARG A 661 -27.27 -6.17 -3.08
C ARG A 661 -26.75 -4.89 -3.70
N TRP A 662 -25.57 -4.45 -3.27
CA TRP A 662 -25.04 -3.23 -3.86
C TRP A 662 -24.61 -3.44 -5.30
N TYR A 663 -24.15 -4.64 -5.65
CA TYR A 663 -23.83 -4.94 -7.03
C TYR A 663 -25.09 -4.99 -7.88
N GLN A 664 -26.12 -5.69 -7.41
CA GLN A 664 -27.37 -5.73 -8.17
C GLN A 664 -27.92 -4.32 -8.37
N MET A 665 -27.84 -3.48 -7.33
CA MET A 665 -28.25 -2.09 -7.47
C MET A 665 -27.35 -1.34 -8.45
N GLY A 666 -26.04 -1.44 -8.27
CA GLY A 666 -25.12 -0.72 -9.13
C GLY A 666 -25.20 -1.15 -10.58
N ALA A 667 -25.47 -2.44 -10.81
CA ALA A 667 -25.58 -2.96 -12.18
C ALA A 667 -26.70 -2.29 -12.98
N TYR A 668 -27.69 -1.70 -12.32
CA TYR A 668 -28.79 -1.01 -12.98
C TYR A 668 -28.74 0.50 -12.75
N GLN A 669 -27.57 1.02 -12.37
CA GLN A 669 -27.41 2.46 -12.31
C GLN A 669 -26.35 2.93 -13.30
N PRO A 670 -26.42 4.18 -13.74
CA PRO A 670 -25.64 4.59 -14.93
C PRO A 670 -24.14 4.43 -14.82
N PHE A 671 -23.50 4.95 -13.77
CA PHE A 671 -22.06 4.77 -13.56
C PHE A 671 -21.85 3.68 -12.52
N PHE A 672 -21.11 2.65 -12.90
CA PHE A 672 -21.08 1.35 -12.23
C PHE A 672 -19.64 1.05 -11.79
N ARG A 673 -19.27 1.50 -10.58
CA ARG A 673 -17.91 1.38 -10.06
C ARG A 673 -17.92 0.95 -8.59
N ALA A 674 -17.21 -0.12 -8.29
CA ALA A 674 -16.88 -0.48 -6.93
C ALA A 674 -15.63 0.28 -6.48
N HIS A 675 -15.68 0.87 -5.28
CA HIS A 675 -14.57 1.65 -4.74
C HIS A 675 -14.61 1.52 -3.22
N ALA A 676 -13.46 1.79 -2.58
CA ALA A 676 -13.25 1.46 -1.17
C ALA A 676 -12.09 2.27 -0.60
N HIS A 677 -12.20 2.57 0.70
CA HIS A 677 -11.26 3.37 1.48
C HIS A 677 -9.98 2.59 1.73
N LEU A 678 -8.90 3.31 2.01
CA LEU A 678 -7.57 2.70 2.13
C LEU A 678 -7.53 1.59 3.16
N ASP A 679 -8.26 1.75 4.27
CA ASP A 679 -8.15 0.86 5.40
C ASP A 679 -9.21 -0.22 5.40
N THR A 680 -9.98 -0.35 4.32
CA THR A 680 -10.98 -1.41 4.21
C THR A 680 -10.34 -2.70 3.74
N GLY A 681 -11.01 -3.81 4.01
CA GLY A 681 -10.55 -5.08 3.48
C GLY A 681 -10.75 -5.15 1.96
N ARG A 682 -9.92 -5.96 1.31
CA ARG A 682 -10.04 -6.16 -0.13
C ARG A 682 -11.36 -6.82 -0.47
N ARG A 683 -12.09 -6.26 -1.43
CA ARG A 683 -13.40 -6.82 -1.77
C ARG A 683 -13.58 -6.96 -3.27
N GLU A 684 -12.53 -7.39 -3.97
CA GLU A 684 -12.73 -7.81 -5.33
C GLU A 684 -13.75 -8.95 -5.33
N PRO A 685 -14.69 -8.97 -6.29
CA PRO A 685 -15.88 -9.84 -6.14
C PRO A 685 -15.60 -11.35 -6.08
N TRP A 686 -14.41 -11.83 -6.44
CA TRP A 686 -14.13 -13.26 -6.30
C TRP A 686 -13.58 -13.63 -4.94
N LEU A 687 -13.39 -12.66 -4.04
CA LEU A 687 -12.92 -12.98 -2.70
C LEU A 687 -14.05 -13.43 -1.77
N LEU A 688 -15.29 -13.50 -2.23
CA LEU A 688 -16.40 -13.93 -1.39
C LEU A 688 -16.71 -15.40 -1.64
N ALA A 689 -17.49 -15.98 -0.72
CA ALA A 689 -17.93 -17.36 -0.88
C ALA A 689 -18.77 -17.48 -2.15
N SER A 690 -18.79 -18.70 -2.68
CA SER A 690 -19.28 -18.93 -4.03
C SER A 690 -20.72 -18.46 -4.21
N GLN A 691 -21.57 -18.63 -3.19
CA GLN A 691 -22.95 -18.18 -3.31
C GLN A 691 -23.03 -16.68 -3.53
N TYR A 692 -22.16 -15.92 -2.88
CA TYR A 692 -22.12 -14.48 -3.09
C TYR A 692 -21.46 -14.14 -4.42
N GLN A 693 -20.40 -14.87 -4.76
CA GLN A 693 -19.75 -14.74 -6.06
C GLN A 693 -20.73 -14.96 -7.20
N ASP A 694 -21.53 -16.03 -7.11
CA ASP A 694 -22.40 -16.40 -8.22
C ASP A 694 -23.48 -15.35 -8.43
N ALA A 695 -24.02 -14.79 -7.35
CA ALA A 695 -25.01 -13.72 -7.49
C ALA A 695 -24.37 -12.47 -8.08
N ILE A 696 -23.14 -12.17 -7.69
CA ILE A 696 -22.44 -11.00 -8.23
C ILE A 696 -22.12 -11.21 -9.70
N ARG A 697 -21.67 -12.42 -10.07
CA ARG A 697 -21.41 -12.71 -11.48
C ARG A 697 -22.66 -12.50 -12.31
N ASP A 698 -23.80 -12.99 -11.80
CA ASP A 698 -25.08 -12.88 -12.49
C ASP A 698 -25.45 -11.42 -12.68
N ALA A 699 -25.22 -10.59 -11.67
CA ALA A 699 -25.51 -9.17 -11.85
C ALA A 699 -24.61 -8.55 -12.90
N LEU A 700 -23.34 -8.95 -12.94
CA LEU A 700 -22.45 -8.40 -13.95
C LEU A 700 -22.89 -8.83 -15.34
N PHE A 701 -23.30 -10.09 -15.48
CA PHE A 701 -23.75 -10.56 -16.78
C PHE A 701 -24.99 -9.81 -17.24
N GLN A 702 -25.93 -9.56 -16.34
CA GLN A 702 -27.13 -8.80 -16.73
C GLN A 702 -26.75 -7.43 -17.25
N ARG A 703 -25.74 -6.81 -16.64
CA ARG A 703 -25.30 -5.48 -17.06
C ARG A 703 -24.67 -5.52 -18.45
N TYR A 704 -23.73 -6.44 -18.66
CA TYR A 704 -23.04 -6.47 -19.95
C TYR A 704 -24.02 -6.79 -21.08
N SER A 705 -25.02 -7.64 -20.83
CA SER A 705 -26.01 -7.95 -21.85
C SER A 705 -26.88 -6.76 -22.22
N LEU A 706 -27.09 -5.84 -21.30
CA LEU A 706 -27.93 -4.68 -21.57
C LEU A 706 -27.15 -3.50 -22.13
N LEU A 707 -25.85 -3.64 -22.35
CA LEU A 707 -25.08 -2.52 -22.91
C LEU A 707 -25.68 -1.93 -24.18
N PRO A 708 -26.18 -2.70 -25.16
CA PRO A 708 -26.83 -2.05 -26.32
C PRO A 708 -27.96 -1.15 -25.92
N PHE A 709 -28.73 -1.57 -24.92
CA PHE A 709 -29.82 -0.78 -24.37
C PHE A 709 -29.31 0.47 -23.65
N TRP A 710 -28.34 0.29 -22.75
CA TRP A 710 -27.71 1.39 -22.03
C TRP A 710 -27.14 2.42 -22.99
N TYR A 711 -26.50 1.94 -24.07
CA TYR A 711 -25.85 2.82 -25.04
C TYR A 711 -26.88 3.65 -25.80
N THR A 712 -28.05 3.06 -26.10
CA THR A 712 -29.09 3.78 -26.84
C THR A 712 -29.72 4.87 -25.97
N LEU A 713 -30.02 4.55 -24.71
CA LEU A 713 -30.55 5.57 -23.80
C LEU A 713 -29.57 6.71 -23.67
N PHE A 714 -28.27 6.40 -23.68
CA PHE A 714 -27.30 7.47 -23.58
C PHE A 714 -27.23 8.26 -24.87
N TYR A 715 -27.47 7.63 -26.02
CA TYR A 715 -27.55 8.40 -27.27
C TYR A 715 -28.77 9.30 -27.27
N GLN A 716 -29.90 8.79 -26.76
CA GLN A 716 -31.09 9.63 -26.65
C GLN A 716 -30.88 10.77 -25.66
N ALA A 717 -30.16 10.52 -24.56
CA ALA A 717 -29.82 11.62 -23.65
C ALA A 717 -28.94 12.65 -24.34
N HIS A 718 -28.01 12.18 -25.19
CA HIS A 718 -27.09 13.05 -25.87
C HIS A 718 -27.79 13.92 -26.92
N LYS A 719 -28.76 13.36 -27.65
CA LYS A 719 -29.43 14.10 -28.71
C LYS A 719 -30.59 14.95 -28.18
N GLU A 720 -31.37 14.45 -27.20
CA GLU A 720 -32.63 15.06 -26.81
C GLU A 720 -32.61 15.73 -25.45
N GLY A 721 -31.67 15.39 -24.57
CA GLY A 721 -31.68 15.87 -23.21
C GLY A 721 -32.55 15.07 -22.25
N PHE A 722 -32.98 13.87 -22.63
CA PHE A 722 -33.86 13.07 -21.78
C PHE A 722 -33.03 12.22 -20.83
N PRO A 723 -33.40 12.15 -19.55
CA PRO A 723 -32.56 11.43 -18.58
C PRO A 723 -32.62 9.92 -18.76
N VAL A 724 -31.48 9.27 -18.48
CA VAL A 724 -31.39 7.81 -18.61
C VAL A 724 -32.16 7.14 -17.47
N MET A 725 -31.78 7.43 -16.23
CA MET A 725 -32.47 6.91 -15.04
C MET A 725 -33.61 7.84 -14.69
N ARG A 726 -34.82 7.29 -14.53
CA ARG A 726 -35.97 8.19 -14.40
C ARG A 726 -36.83 7.84 -13.21
N PRO A 727 -37.35 8.85 -12.49
CA PRO A 727 -38.43 8.58 -11.52
C PRO A 727 -39.68 8.10 -12.22
N LEU A 728 -40.45 7.26 -11.51
CA LEU A 728 -41.68 6.75 -12.10
C LEU A 728 -42.63 7.87 -12.51
N TRP A 729 -42.67 8.98 -11.77
CA TRP A 729 -43.61 10.04 -12.13
C TRP A 729 -43.28 10.68 -13.47
N VAL A 730 -42.05 10.50 -13.98
CA VAL A 730 -41.75 11.01 -15.32
C VAL A 730 -42.55 10.25 -16.37
N GLN A 731 -42.62 8.93 -16.24
CA GLN A 731 -43.36 8.09 -17.17
C GLN A 731 -44.86 8.02 -16.88
N TYR A 732 -45.28 8.38 -15.66
CA TYR A 732 -46.68 8.31 -15.27
C TYR A 732 -47.07 9.60 -14.55
N PRO A 733 -47.01 10.72 -15.26
CA PRO A 733 -47.14 12.03 -14.61
C PRO A 733 -48.48 12.26 -13.96
N GLU A 734 -49.52 11.51 -14.30
CA GLU A 734 -50.83 11.72 -13.72
C GLU A 734 -51.13 10.77 -12.57
N ASP A 735 -50.22 9.85 -12.26
CA ASP A 735 -50.41 8.91 -11.15
C ASP A 735 -49.78 9.53 -9.91
N MET A 736 -50.62 10.14 -9.06
CA MET A 736 -50.12 10.89 -7.93
C MET A 736 -49.42 10.01 -6.90
N SER A 737 -49.64 8.71 -6.93
CA SER A 737 -48.93 7.85 -5.99
C SER A 737 -47.49 7.57 -6.41
N THR A 738 -47.04 8.07 -7.57
CA THR A 738 -45.66 7.87 -7.97
C THR A 738 -44.79 9.08 -7.68
N PHE A 739 -45.39 10.19 -7.24
CA PHE A 739 -44.66 11.45 -7.13
C PHE A 739 -43.53 11.41 -6.10
N SER A 740 -43.59 10.54 -5.10
CA SER A 740 -42.57 10.49 -4.05
C SER A 740 -41.74 9.21 -4.07
N ILE A 741 -42.03 8.26 -4.96
CA ILE A 741 -41.37 6.96 -4.95
C ILE A 741 -39.87 7.13 -5.18
N GLU A 742 -39.07 6.45 -4.36
CA GLU A 742 -37.63 6.47 -4.54
C GLU A 742 -36.97 5.15 -4.19
N ASP A 743 -37.72 4.06 -4.04
CA ASP A 743 -37.15 2.71 -3.96
C ASP A 743 -37.33 1.96 -5.25
N GLN A 744 -37.65 2.68 -6.31
CA GLN A 744 -37.93 2.16 -7.64
C GLN A 744 -37.52 3.21 -8.65
N PHE A 745 -37.10 2.76 -9.82
CA PHE A 745 -36.80 3.72 -10.86
C PHE A 745 -36.97 3.05 -12.22
N MET A 746 -36.94 3.88 -13.25
CA MET A 746 -37.05 3.39 -14.61
C MET A 746 -35.83 3.75 -15.44
N LEU A 747 -35.53 2.88 -16.39
CA LEU A 747 -34.47 3.09 -17.36
C LEU A 747 -35.17 3.33 -18.68
N GLY A 748 -35.07 4.56 -19.18
CA GLY A 748 -35.90 4.98 -20.29
C GLY A 748 -37.34 4.74 -19.92
N ASP A 749 -38.10 4.16 -20.85
CA ASP A 749 -39.51 3.87 -20.63
C ASP A 749 -39.80 2.37 -20.63
N ALA A 750 -38.77 1.53 -20.63
CA ALA A 750 -38.92 0.11 -20.89
C ALA A 750 -38.69 -0.78 -19.68
N LEU A 751 -37.82 -0.39 -18.76
CA LEU A 751 -37.46 -1.24 -17.64
C LEU A 751 -37.78 -0.54 -16.32
N LEU A 752 -38.51 -1.24 -15.46
CA LEU A 752 -38.81 -0.81 -14.10
C LEU A 752 -37.98 -1.66 -13.13
N ILE A 753 -37.27 -1.00 -12.22
CA ILE A 753 -36.29 -1.66 -11.36
C ILE A 753 -36.64 -1.36 -9.92
N HIS A 754 -36.77 -2.42 -9.11
CA HIS A 754 -36.91 -2.31 -7.65
C HIS A 754 -35.91 -3.25 -6.99
N PRO A 755 -34.66 -2.82 -6.83
CA PRO A 755 -33.66 -3.70 -6.22
C PRO A 755 -33.98 -3.96 -4.74
N VAL A 756 -33.54 -5.13 -4.27
CA VAL A 756 -33.64 -5.43 -2.84
C VAL A 756 -32.62 -4.59 -2.08
N SER A 757 -33.09 -3.83 -1.09
CA SER A 757 -32.21 -3.01 -0.26
C SER A 757 -32.47 -3.21 1.25
N ASP A 758 -32.75 -4.45 1.68
CA ASP A 758 -32.89 -4.75 3.10
C ASP A 758 -32.25 -6.10 3.38
N ALA A 759 -31.45 -6.18 4.45
CA ALA A 759 -30.82 -7.45 4.82
C ALA A 759 -31.88 -8.50 5.12
N GLY A 760 -31.67 -9.70 4.59
CA GLY A 760 -32.55 -10.81 4.85
C GLY A 760 -33.96 -10.68 4.33
N ALA A 761 -34.20 -9.79 3.36
CA ALA A 761 -35.56 -9.63 2.84
C ALA A 761 -36.07 -10.93 2.22
N HIS A 762 -37.35 -11.19 2.40
CA HIS A 762 -37.99 -12.35 1.80
C HIS A 762 -38.78 -11.97 0.55
N GLY A 763 -39.08 -10.69 0.38
CA GLY A 763 -39.83 -10.20 -0.76
C GLY A 763 -39.68 -8.70 -0.86
N VAL A 764 -40.22 -8.15 -1.96
CA VAL A 764 -40.34 -6.72 -2.14
C VAL A 764 -41.74 -6.40 -2.64
N GLN A 765 -42.16 -5.19 -2.38
CA GLN A 765 -43.46 -4.69 -2.80
C GLN A 765 -43.22 -3.80 -4.01
N VAL A 766 -43.62 -4.27 -5.20
CA VAL A 766 -43.31 -3.59 -6.46
C VAL A 766 -44.56 -2.87 -6.95
N TYR A 767 -44.50 -1.54 -7.03
CA TYR A 767 -45.61 -0.79 -7.61
C TYR A 767 -45.43 -0.77 -9.14
N LEU A 768 -46.35 -1.42 -9.85
CA LEU A 768 -46.35 -1.43 -11.30
C LEU A 768 -47.41 -0.45 -11.79
N PRO A 769 -47.05 0.69 -12.35
CA PRO A 769 -48.08 1.69 -12.68
C PRO A 769 -48.74 1.48 -14.05
N GLY A 770 -49.64 2.41 -14.41
CA GLY A 770 -50.21 2.43 -15.73
C GLY A 770 -51.57 1.77 -15.86
N GLN A 771 -52.59 2.52 -16.27
CA GLN A 771 -53.88 1.91 -16.62
C GLN A 771 -53.77 1.18 -17.95
N GLU A 772 -54.32 -0.03 -18.00
CA GLU A 772 -54.19 -0.90 -19.17
C GLU A 772 -52.74 -1.04 -19.64
N GLU A 773 -51.84 -1.16 -18.67
CA GLU A 773 -50.44 -1.37 -18.94
C GLU A 773 -50.11 -2.78 -18.45
N VAL A 774 -49.18 -3.44 -19.13
CA VAL A 774 -48.71 -4.74 -18.68
C VAL A 774 -47.21 -4.65 -18.47
N TRP A 775 -46.72 -5.51 -17.59
CA TRP A 775 -45.30 -5.62 -17.28
C TRP A 775 -44.92 -7.09 -17.29
N TYR A 776 -43.72 -7.39 -17.77
CA TYR A 776 -43.21 -8.76 -17.81
C TYR A 776 -42.05 -8.88 -16.82
N ASP A 777 -42.17 -9.80 -15.87
CA ASP A 777 -41.07 -10.23 -15.03
C ASP A 777 -39.96 -10.78 -15.92
N ILE A 778 -38.83 -10.11 -16.05
CA ILE A 778 -37.85 -10.53 -17.04
C ILE A 778 -37.11 -11.80 -16.66
N GLN A 779 -37.31 -12.29 -15.44
CA GLN A 779 -36.75 -13.58 -15.01
C GLN A 779 -37.75 -14.72 -15.20
N SER A 780 -39.04 -14.51 -14.91
CA SER A 780 -40.05 -15.56 -15.02
C SER A 780 -40.94 -15.42 -16.25
N TYR A 781 -40.87 -14.29 -16.96
CA TYR A 781 -41.71 -13.97 -18.11
C TYR A 781 -43.19 -13.85 -17.74
N GLN A 782 -43.51 -13.91 -16.45
CA GLN A 782 -44.87 -13.73 -15.99
C GLN A 782 -45.38 -12.33 -16.33
N LYS A 783 -46.62 -12.24 -16.83
CA LYS A 783 -47.23 -10.96 -17.17
C LYS A 783 -48.04 -10.44 -15.99
N HIS A 784 -47.97 -9.12 -15.76
CA HIS A 784 -48.71 -8.47 -14.68
C HIS A 784 -49.42 -7.23 -15.18
N HIS A 785 -50.59 -6.94 -14.64
CA HIS A 785 -51.45 -5.88 -15.14
C HIS A 785 -51.40 -4.69 -14.19
N GLY A 786 -51.10 -3.51 -14.72
CA GLY A 786 -51.06 -2.31 -13.94
C GLY A 786 -52.43 -1.64 -13.88
N PRO A 787 -52.67 -0.81 -12.85
CA PRO A 787 -51.79 -0.52 -11.73
C PRO A 787 -51.98 -1.47 -10.56
N GLN A 788 -50.89 -1.86 -9.91
CA GLN A 788 -50.97 -2.72 -8.74
C GLN A 788 -49.69 -2.60 -7.93
N THR A 789 -49.72 -3.14 -6.72
CA THR A 789 -48.55 -3.36 -5.91
C THR A 789 -48.38 -4.86 -5.75
N LEU A 790 -47.33 -5.40 -6.33
CA LEU A 790 -47.12 -6.83 -6.40
C LEU A 790 -46.09 -7.24 -5.35
N TYR A 791 -46.44 -8.25 -4.56
CA TYR A 791 -45.49 -8.82 -3.60
C TYR A 791 -44.65 -9.83 -4.36
N LEU A 792 -43.37 -9.52 -4.53
CA LEU A 792 -42.48 -10.41 -5.26
C LEU A 792 -41.50 -11.06 -4.30
N PRO A 793 -41.60 -12.37 -4.06
CA PRO A 793 -40.57 -13.04 -3.25
C PRO A 793 -39.21 -12.97 -3.93
N VAL A 794 -38.16 -12.88 -3.13
CA VAL A 794 -36.81 -12.72 -3.63
C VAL A 794 -35.90 -13.73 -2.94
N THR A 795 -34.82 -14.09 -3.61
CA THR A 795 -33.69 -14.76 -2.98
C THR A 795 -32.46 -13.89 -3.15
N LEU A 796 -31.31 -14.39 -2.70
CA LEU A 796 -30.09 -13.59 -2.79
C LEU A 796 -29.80 -13.17 -4.21
N SER A 797 -30.18 -13.99 -5.21
CA SER A 797 -29.90 -13.75 -6.63
C SER A 797 -30.91 -12.85 -7.32
N SER A 798 -31.96 -12.44 -6.64
CA SER A 798 -33.02 -11.69 -7.28
C SER A 798 -32.60 -10.26 -7.55
N ILE A 799 -32.84 -9.81 -8.78
CA ILE A 799 -32.87 -8.39 -9.12
C ILE A 799 -34.23 -8.11 -9.75
N PRO A 800 -35.20 -7.65 -8.96
CA PRO A 800 -36.55 -7.42 -9.50
C PRO A 800 -36.57 -6.42 -10.66
N VAL A 801 -36.73 -6.95 -11.87
CA VAL A 801 -36.73 -6.16 -13.09
C VAL A 801 -37.93 -6.58 -13.94
N PHE A 802 -38.65 -5.59 -14.47
CA PHE A 802 -39.84 -5.81 -15.29
C PHE A 802 -39.71 -5.00 -16.56
N GLN A 803 -40.18 -5.56 -17.69
CA GLN A 803 -40.20 -4.85 -18.96
C GLN A 803 -41.62 -4.40 -19.27
N ARG A 804 -41.76 -3.16 -19.70
CA ARG A 804 -43.07 -2.61 -20.01
C ARG A 804 -43.55 -3.14 -21.35
N GLY A 805 -44.82 -3.51 -21.39
CA GLY A 805 -45.44 -3.90 -22.65
C GLY A 805 -45.43 -2.74 -23.62
N GLY A 806 -45.13 -3.05 -24.89
CA GLY A 806 -44.96 -2.06 -25.92
C GLY A 806 -43.53 -1.62 -26.16
N THR A 807 -42.56 -2.29 -25.57
CA THR A 807 -41.17 -1.90 -25.67
C THR A 807 -40.37 -3.05 -26.26
N ILE A 808 -39.25 -2.69 -26.90
CA ILE A 808 -38.31 -3.65 -27.49
C ILE A 808 -36.92 -3.32 -26.97
N VAL A 809 -36.32 -4.24 -26.25
CA VAL A 809 -35.04 -4.02 -25.57
C VAL A 809 -33.96 -4.84 -26.28
N PRO A 810 -32.86 -4.22 -26.72
CA PRO A 810 -31.80 -4.99 -27.39
C PRO A 810 -30.71 -5.46 -26.43
N ARG A 811 -30.31 -6.72 -26.54
CA ARG A 811 -29.31 -7.30 -25.65
C ARG A 811 -28.21 -8.01 -26.45
N TRP A 812 -27.00 -8.02 -25.88
CA TRP A 812 -25.92 -8.89 -26.33
C TRP A 812 -25.92 -10.09 -25.40
N MET A 813 -26.41 -11.24 -25.89
CA MET A 813 -26.48 -12.36 -24.97
C MET A 813 -25.16 -13.11 -24.83
N ARG A 814 -24.14 -12.75 -25.58
CA ARG A 814 -22.82 -13.38 -25.48
C ARG A 814 -21.94 -12.49 -24.60
N VAL A 815 -21.99 -12.74 -23.29
CA VAL A 815 -21.17 -11.97 -22.35
C VAL A 815 -19.73 -12.42 -22.48
N ARG A 816 -18.82 -11.47 -22.69
CA ARG A 816 -17.38 -11.69 -22.79
C ARG A 816 -16.69 -10.89 -21.69
N ARG A 817 -15.35 -10.84 -21.73
CA ARG A 817 -14.61 -10.31 -20.60
C ARG A 817 -14.62 -8.78 -20.51
N SER A 818 -14.97 -8.08 -21.59
CA SER A 818 -15.07 -6.62 -21.56
C SER A 818 -15.89 -6.19 -22.76
N SER A 819 -16.30 -4.91 -22.75
CA SER A 819 -17.16 -4.42 -23.83
C SER A 819 -16.41 -4.37 -25.17
N ASP A 820 -15.11 -4.02 -25.17
CA ASP A 820 -14.38 -4.03 -26.44
C ASP A 820 -14.49 -5.37 -27.16
N CYS A 821 -14.51 -6.47 -26.39
CA CYS A 821 -14.61 -7.80 -27.00
C CYS A 821 -15.98 -8.06 -27.62
N MET A 822 -17.04 -7.39 -27.14
CA MET A 822 -18.41 -7.68 -27.47
C MET A 822 -18.98 -6.83 -28.60
N LYS A 823 -18.30 -5.74 -28.98
CA LYS A 823 -18.99 -4.71 -29.74
C LYS A 823 -19.18 -5.02 -31.23
N ASP A 824 -18.82 -6.22 -31.69
CA ASP A 824 -19.17 -6.65 -33.04
C ASP A 824 -20.09 -7.86 -33.03
N ASP A 825 -20.64 -8.22 -31.88
CA ASP A 825 -21.42 -9.43 -31.69
C ASP A 825 -22.88 -9.23 -32.05
N PRO A 826 -23.61 -10.31 -32.34
CA PRO A 826 -25.02 -10.16 -32.71
C PRO A 826 -25.91 -9.75 -31.54
N ILE A 827 -27.02 -9.10 -31.91
CA ILE A 827 -28.02 -8.60 -30.98
C ILE A 827 -29.16 -9.58 -30.89
N THR A 828 -29.71 -9.74 -29.69
CA THR A 828 -30.99 -10.40 -29.46
C THR A 828 -32.02 -9.32 -29.15
N LEU A 829 -33.21 -9.43 -29.72
CA LEU A 829 -34.27 -8.44 -29.50
C LEU A 829 -35.34 -9.02 -28.58
N PHE A 830 -35.71 -8.25 -27.55
CA PHE A 830 -36.72 -8.65 -26.57
C PHE A 830 -37.96 -7.79 -26.76
N VAL A 831 -39.02 -8.39 -27.29
CA VAL A 831 -40.25 -7.67 -27.60
C VAL A 831 -41.29 -8.03 -26.54
N ALA A 832 -41.68 -7.05 -25.73
CA ALA A 832 -42.75 -7.21 -24.76
C ALA A 832 -44.03 -6.63 -25.37
N LEU A 833 -44.96 -7.50 -25.73
CA LEU A 833 -46.13 -7.04 -26.48
C LEU A 833 -47.09 -6.26 -25.59
N SER A 834 -47.61 -5.16 -26.13
CA SER A 834 -48.61 -4.37 -25.43
C SER A 834 -49.93 -5.15 -25.39
N PRO A 835 -50.94 -4.68 -24.65
CA PRO A 835 -52.25 -5.34 -24.75
C PRO A 835 -52.86 -5.23 -26.14
N GLN A 836 -52.46 -4.23 -26.93
CA GLN A 836 -52.92 -4.10 -28.32
C GLN A 836 -52.02 -4.86 -29.30
N GLY A 837 -51.13 -5.71 -28.82
CA GLY A 837 -50.26 -6.46 -29.69
C GLY A 837 -49.19 -5.67 -30.40
N THR A 838 -48.79 -4.52 -29.85
CA THR A 838 -47.78 -3.67 -30.47
C THR A 838 -46.58 -3.51 -29.53
N ALA A 839 -45.48 -3.02 -30.10
CA ALA A 839 -44.25 -2.73 -29.36
C ALA A 839 -43.32 -1.94 -30.26
N GLN A 840 -42.39 -1.21 -29.64
CA GLN A 840 -41.37 -0.48 -30.39
C GLN A 840 -40.16 -0.18 -29.50
N GLY A 841 -39.03 0.10 -30.16
CA GLY A 841 -37.81 0.47 -29.47
C GLY A 841 -36.77 0.89 -30.49
N GLU A 842 -35.68 1.48 -29.99
CA GLU A 842 -34.58 1.93 -30.84
C GLU A 842 -33.28 1.23 -30.48
N LEU A 843 -32.31 1.36 -31.39
CA LEU A 843 -30.97 0.84 -31.20
C LEU A 843 -29.98 1.78 -31.86
N PHE A 844 -28.98 2.24 -31.09
CA PHE A 844 -27.88 3.07 -31.59
C PHE A 844 -26.62 2.23 -31.66
N LEU A 845 -25.80 2.47 -32.69
CA LEU A 845 -24.55 1.75 -32.86
C LEU A 845 -23.54 2.70 -33.50
N ASP A 846 -22.27 2.55 -33.11
CA ASP A 846 -21.17 3.25 -33.75
C ASP A 846 -19.90 2.44 -33.45
N ASP A 847 -18.72 3.06 -33.62
CA ASP A 847 -17.51 2.30 -33.35
C ASP A 847 -17.25 2.12 -31.84
N GLY A 848 -17.95 2.87 -31.00
CA GLY A 848 -17.84 2.72 -29.57
C GLY A 848 -16.99 3.75 -28.86
N HIS A 849 -16.23 4.60 -29.56
CA HIS A 849 -15.28 5.46 -28.87
C HIS A 849 -14.85 6.74 -29.59
N THR A 850 -15.16 6.91 -30.87
CA THR A 850 -14.73 8.13 -31.54
C THR A 850 -15.89 9.10 -31.72
N PHE A 851 -15.58 10.26 -32.28
CA PHE A 851 -16.58 11.23 -32.68
C PHE A 851 -17.03 11.04 -34.14
N ASN A 852 -16.64 9.93 -34.78
CA ASN A 852 -17.03 9.71 -36.15
C ASN A 852 -18.54 9.73 -36.34
N TYR A 853 -19.31 9.42 -35.29
CA TYR A 853 -20.77 9.46 -35.44
C TYR A 853 -21.24 10.87 -35.78
N GLN A 854 -20.56 11.92 -35.31
CA GLN A 854 -21.00 13.25 -35.70
C GLN A 854 -20.16 13.88 -36.81
N THR A 855 -18.85 13.66 -36.85
CA THR A 855 -18.06 14.29 -37.90
C THR A 855 -18.19 13.58 -39.24
N ARG A 856 -18.52 12.30 -39.25
CA ARG A 856 -18.66 11.52 -40.47
C ARG A 856 -20.00 10.83 -40.58
N HIS A 857 -20.91 11.06 -39.61
CA HIS A 857 -22.22 10.41 -39.57
C HIS A 857 -22.09 8.90 -39.69
N GLU A 858 -21.05 8.36 -39.06
CA GLU A 858 -20.79 6.91 -39.11
C GLU A 858 -21.42 6.28 -37.88
N PHE A 859 -22.67 5.86 -38.02
CA PHE A 859 -23.45 5.25 -36.95
C PHE A 859 -24.68 4.59 -37.58
N LEU A 860 -25.48 3.95 -36.74
CA LEU A 860 -26.78 3.40 -37.11
C LEU A 860 -27.77 3.77 -36.02
N LEU A 861 -28.95 4.23 -36.42
CA LEU A 861 -30.07 4.37 -35.50
C LEU A 861 -31.22 3.55 -36.09
N ARG A 862 -31.54 2.42 -35.45
CA ARG A 862 -32.58 1.53 -35.93
C ARG A 862 -33.83 1.71 -35.08
N ARG A 863 -34.98 1.68 -35.74
CA ARG A 863 -36.27 1.58 -35.09
C ARG A 863 -36.86 0.21 -35.39
N PHE A 864 -37.25 -0.51 -34.34
CA PHE A 864 -37.92 -1.79 -34.45
C PHE A 864 -39.36 -1.62 -34.02
N SER A 865 -40.30 -2.09 -34.85
CA SER A 865 -41.71 -1.90 -34.56
C SER A 865 -42.42 -3.23 -34.70
N PHE A 866 -43.37 -3.48 -33.82
CA PHE A 866 -44.22 -4.66 -33.89
C PHE A 866 -45.66 -4.20 -33.85
N SER A 867 -46.47 -4.75 -34.75
CA SER A 867 -47.91 -4.54 -34.81
C SER A 867 -48.51 -5.58 -35.74
N GLY A 868 -49.82 -5.81 -35.59
CA GLY A 868 -50.48 -6.86 -36.31
C GLY A 868 -49.78 -8.15 -35.92
N SER A 869 -49.03 -8.72 -36.84
CA SER A 869 -48.22 -9.85 -36.47
C SER A 869 -46.86 -9.77 -37.14
N THR A 870 -46.32 -8.54 -37.24
CA THR A 870 -45.11 -8.31 -38.00
C THR A 870 -44.12 -7.43 -37.23
N LEU A 871 -42.88 -7.90 -37.15
CA LEU A 871 -41.77 -7.12 -36.64
C LEU A 871 -41.00 -6.51 -37.81
N VAL A 872 -40.82 -5.20 -37.79
CA VAL A 872 -40.19 -4.47 -38.88
C VAL A 872 -38.98 -3.70 -38.36
N SER A 873 -37.86 -3.78 -39.06
CA SER A 873 -36.71 -2.94 -38.77
C SER A 873 -36.57 -1.87 -39.85
N SER A 874 -36.54 -0.61 -39.42
CA SER A 874 -36.31 0.53 -40.32
C SER A 874 -35.28 1.47 -39.72
N SER A 875 -34.81 2.41 -40.53
CA SER A 875 -33.86 3.41 -40.06
C SER A 875 -34.61 4.54 -39.33
N ALA A 876 -34.13 4.91 -38.14
CA ALA A 876 -34.66 6.07 -37.45
C ALA A 876 -33.90 7.34 -37.76
N ASP A 877 -32.82 7.25 -38.54
CA ASP A 877 -32.03 8.38 -39.02
C ASP A 877 -31.25 7.94 -40.26
N PRO A 878 -31.66 8.38 -41.46
CA PRO A 878 -31.00 7.89 -42.68
C PRO A 878 -29.60 8.46 -42.87
N LYS A 879 -29.28 9.58 -42.22
CA LYS A 879 -27.92 10.09 -42.27
C LYS A 879 -26.90 9.08 -41.74
N GLY A 880 -27.31 8.14 -40.91
CA GLY A 880 -26.35 7.26 -40.27
C GLY A 880 -26.02 6.01 -41.05
N HIS A 881 -24.75 5.87 -41.42
CA HIS A 881 -24.29 4.63 -42.06
C HIS A 881 -23.08 4.08 -41.30
N LEU A 882 -22.99 2.75 -41.22
CA LEU A 882 -21.90 2.11 -40.49
C LEU A 882 -21.53 0.79 -41.13
N GLU A 883 -20.23 0.52 -41.17
CA GLU A 883 -19.73 -0.80 -41.57
C GLU A 883 -19.61 -1.65 -40.31
N THR A 884 -20.45 -2.66 -40.19
CA THR A 884 -20.48 -3.43 -38.98
C THR A 884 -20.86 -4.88 -39.28
N PRO A 885 -20.25 -5.84 -38.59
CA PRO A 885 -20.71 -7.23 -38.72
C PRO A 885 -21.89 -7.59 -37.83
N ILE A 886 -22.47 -6.65 -37.08
CA ILE A 886 -23.52 -7.01 -36.12
C ILE A 886 -24.76 -7.48 -36.87
N TRP A 887 -25.32 -8.60 -36.41
CA TRP A 887 -26.52 -9.18 -37.01
C TRP A 887 -27.53 -9.52 -35.92
N ILE A 888 -28.76 -9.85 -36.34
CA ILE A 888 -29.83 -10.23 -35.42
C ILE A 888 -29.81 -11.76 -35.29
N GLU A 889 -29.35 -12.27 -34.14
CA GLU A 889 -29.23 -13.71 -33.97
C GLU A 889 -30.45 -14.35 -33.33
N ARG A 890 -31.33 -13.56 -32.73
CA ARG A 890 -32.45 -14.13 -31.98
C ARG A 890 -33.49 -13.05 -31.74
N VAL A 891 -34.75 -13.45 -31.71
CA VAL A 891 -35.85 -12.57 -31.31
C VAL A 891 -36.69 -13.30 -30.26
N VAL A 892 -36.84 -12.68 -29.09
CA VAL A 892 -37.65 -13.21 -27.98
C VAL A 892 -38.86 -12.32 -27.80
N ILE A 893 -40.05 -12.90 -27.94
CA ILE A 893 -41.31 -12.16 -27.86
C ILE A 893 -42.08 -12.68 -26.67
N MET A 894 -42.44 -11.76 -25.77
CA MET A 894 -43.22 -12.08 -24.57
C MET A 894 -44.67 -11.66 -24.81
N GLY A 895 -45.60 -12.57 -24.49
CA GLY A 895 -47.00 -12.32 -24.68
C GLY A 895 -47.55 -12.71 -26.04
N ALA A 896 -47.04 -13.77 -26.65
CA ALA A 896 -47.44 -14.18 -27.99
C ALA A 896 -47.93 -15.63 -27.99
N GLY A 897 -48.86 -15.92 -28.91
CA GLY A 897 -49.28 -17.28 -29.14
C GLY A 897 -48.40 -17.99 -30.18
N LYS A 898 -48.62 -19.30 -30.31
CA LYS A 898 -47.83 -20.10 -31.23
C LYS A 898 -48.23 -19.75 -32.67
N PRO A 899 -47.29 -19.31 -33.51
CA PRO A 899 -47.62 -19.11 -34.91
C PRO A 899 -47.61 -20.44 -35.63
N ALA A 900 -48.15 -20.43 -36.85
CA ALA A 900 -48.06 -21.61 -37.70
C ALA A 900 -46.81 -21.59 -38.55
N ALA A 901 -46.32 -20.40 -38.90
CA ALA A 901 -45.09 -20.26 -39.64
C ALA A 901 -44.52 -18.89 -39.36
N VAL A 902 -43.21 -18.77 -39.57
CA VAL A 902 -42.54 -17.48 -39.42
C VAL A 902 -41.73 -17.22 -40.68
N VAL A 903 -41.89 -16.02 -41.24
CA VAL A 903 -41.34 -15.67 -42.54
C VAL A 903 -40.58 -14.37 -42.39
N LEU A 904 -39.34 -14.37 -42.88
CA LEU A 904 -38.46 -13.21 -42.84
C LEU A 904 -38.31 -12.66 -44.25
N GLN A 905 -38.39 -11.34 -44.39
CA GLN A 905 -38.16 -10.67 -45.66
C GLN A 905 -37.10 -9.60 -45.45
N THR A 906 -36.00 -9.68 -46.21
CA THR A 906 -34.96 -8.67 -46.20
C THR A 906 -34.77 -8.12 -47.60
N LYS A 907 -34.63 -6.80 -47.72
CA LYS A 907 -34.24 -6.21 -48.99
C LYS A 907 -32.94 -6.83 -49.42
N GLY A 908 -32.91 -7.36 -50.66
CA GLY A 908 -31.75 -8.02 -51.21
C GLY A 908 -31.71 -9.54 -51.07
N SER A 909 -32.73 -10.14 -50.45
CA SER A 909 -32.76 -11.57 -50.18
C SER A 909 -34.08 -12.22 -50.53
N PRO A 910 -34.07 -13.52 -50.83
CA PRO A 910 -35.33 -14.24 -50.99
C PRO A 910 -36.05 -14.37 -49.66
N GLU A 911 -37.36 -14.54 -49.76
CA GLU A 911 -38.16 -14.73 -48.57
C GLU A 911 -37.73 -16.01 -47.86
N SER A 912 -37.47 -15.89 -46.55
CA SER A 912 -36.86 -16.96 -45.77
C SER A 912 -37.83 -17.48 -44.72
N ARG A 913 -37.69 -18.75 -44.37
CA ARG A 913 -38.44 -19.35 -43.27
C ARG A 913 -37.52 -19.54 -42.07
N LEU A 914 -38.02 -19.18 -40.89
CA LEU A 914 -37.28 -19.30 -39.63
C LEU A 914 -37.98 -20.28 -38.71
N SER A 915 -37.22 -21.09 -38.00
CA SER A 915 -37.79 -21.99 -37.00
C SER A 915 -37.92 -21.29 -35.65
N PHE A 916 -38.74 -21.86 -34.78
CA PHE A 916 -39.08 -21.16 -33.55
C PHE A 916 -39.48 -22.15 -32.47
N GLN A 917 -39.48 -21.66 -31.25
CA GLN A 917 -39.93 -22.43 -30.09
C GLN A 917 -40.96 -21.60 -29.34
N HIS A 918 -41.91 -22.30 -28.75
CA HIS A 918 -42.97 -21.62 -28.03
C HIS A 918 -43.26 -22.35 -26.72
N ASP A 919 -43.33 -21.59 -25.65
CA ASP A 919 -43.73 -22.13 -24.37
C ASP A 919 -45.16 -21.73 -24.14
N PRO A 920 -46.11 -22.67 -24.16
CA PRO A 920 -47.52 -22.30 -23.93
C PRO A 920 -47.78 -21.86 -22.50
N GLU A 921 -46.92 -22.23 -21.56
CA GLU A 921 -47.08 -21.80 -20.17
C GLU A 921 -46.79 -20.31 -20.00
N THR A 922 -45.76 -19.79 -20.67
CA THR A 922 -45.35 -18.41 -20.47
C THR A 922 -45.72 -17.47 -21.61
N SER A 923 -46.27 -18.00 -22.70
CA SER A 923 -46.54 -17.20 -23.90
C SER A 923 -45.28 -16.46 -24.36
N VAL A 924 -44.18 -17.21 -24.43
CA VAL A 924 -42.89 -16.72 -24.91
C VAL A 924 -42.59 -17.40 -26.24
N LEU A 925 -42.23 -16.61 -27.24
CA LEU A 925 -41.92 -17.09 -28.57
C LEU A 925 -40.49 -16.71 -28.92
N ILE A 926 -39.68 -17.68 -29.31
CA ILE A 926 -38.28 -17.46 -29.64
C ILE A 926 -38.07 -17.76 -31.11
N LEU A 927 -37.60 -16.76 -31.86
CA LEU A 927 -37.31 -16.91 -33.29
C LEU A 927 -35.83 -17.20 -33.43
N ARG A 928 -35.50 -18.38 -33.98
CA ARG A 928 -34.12 -18.81 -34.16
C ARG A 928 -33.44 -18.08 -35.33
N LYS A 929 -32.22 -17.64 -35.10
CA LYS A 929 -31.24 -17.15 -36.05
C LYS A 929 -31.82 -16.45 -37.28
N PRO A 930 -32.42 -15.27 -37.12
CA PRO A 930 -32.78 -14.46 -38.31
C PRO A 930 -31.61 -14.21 -39.25
N GLY A 931 -30.39 -14.08 -38.74
CA GLY A 931 -29.22 -13.98 -39.59
C GLY A 931 -29.07 -12.69 -40.36
N VAL A 932 -29.86 -11.70 -40.10
CA VAL A 932 -29.90 -10.49 -40.92
C VAL A 932 -28.97 -9.43 -40.36
N SER A 933 -28.37 -8.64 -41.24
CA SER A 933 -27.53 -7.55 -40.79
C SER A 933 -28.37 -6.50 -40.10
N VAL A 934 -27.81 -5.89 -39.06
CA VAL A 934 -28.51 -4.84 -38.36
C VAL A 934 -28.56 -3.55 -39.18
N ALA A 935 -27.74 -3.43 -40.22
CA ALA A 935 -27.85 -2.25 -41.06
C ALA A 935 -28.95 -2.38 -42.10
N SER A 936 -29.52 -3.57 -42.26
CA SER A 936 -30.51 -3.83 -43.29
C SER A 936 -31.92 -3.59 -42.76
N ASP A 937 -32.80 -3.19 -43.67
CA ASP A 937 -34.23 -3.19 -43.40
C ASP A 937 -34.76 -4.61 -43.57
N TRP A 938 -35.66 -5.01 -42.70
CA TRP A 938 -36.20 -6.37 -42.76
C TRP A 938 -37.53 -6.40 -42.04
N SER A 939 -38.26 -7.49 -42.25
CA SER A 939 -39.52 -7.71 -41.55
C SER A 939 -39.69 -9.20 -41.31
N ILE A 940 -40.29 -9.55 -40.17
CA ILE A 940 -40.62 -10.91 -39.79
C ILE A 940 -42.12 -10.98 -39.62
N HIS A 941 -42.75 -12.00 -40.20
CA HIS A 941 -44.20 -12.14 -40.12
C HIS A 941 -44.56 -13.45 -39.45
N LEU A 942 -45.45 -13.38 -38.48
CA LEU A 942 -45.98 -14.55 -37.79
C LEU A 942 -47.35 -14.88 -38.38
N ARG A 943 -47.51 -16.11 -38.88
CA ARG A 943 -48.72 -16.49 -39.62
C ARG A 943 -49.68 -17.33 -38.81
N SER B 51 -26.67 -38.64 -45.87
CA SER B 51 -25.88 -38.07 -44.76
C SER B 51 -26.74 -37.74 -43.53
N LYS B 52 -26.32 -38.27 -42.38
CA LYS B 52 -27.08 -38.27 -41.13
C LYS B 52 -27.00 -36.92 -40.41
N PRO B 53 -27.86 -36.72 -39.37
CA PRO B 53 -27.78 -35.47 -38.57
C PRO B 53 -27.02 -35.64 -37.26
N PHE B 54 -26.82 -34.55 -36.54
CA PHE B 54 -26.10 -34.50 -35.27
C PHE B 54 -27.07 -34.39 -34.09
N THR B 55 -26.68 -35.01 -32.95
CA THR B 55 -27.50 -35.02 -31.75
C THR B 55 -27.00 -33.99 -30.75
N CYS B 56 -26.90 -34.37 -29.49
CA CYS B 56 -26.27 -33.49 -28.50
C CYS B 56 -25.81 -34.38 -27.36
N LEU B 57 -24.64 -34.03 -26.82
CA LEU B 57 -24.02 -34.89 -25.82
C LEU B 57 -24.87 -35.03 -24.56
N ASP B 58 -25.79 -34.11 -24.31
CA ASP B 58 -26.73 -34.26 -23.20
C ASP B 58 -28.03 -34.95 -23.60
N GLY B 59 -28.23 -35.26 -24.88
CA GLY B 59 -29.48 -35.82 -25.35
C GLY B 59 -30.58 -34.81 -25.61
N THR B 60 -30.33 -33.52 -25.37
CA THR B 60 -31.32 -32.47 -25.61
C THR B 60 -31.40 -32.20 -27.11
N ALA B 61 -32.24 -33.00 -27.79
CA ALA B 61 -32.59 -32.86 -29.21
C ALA B 61 -31.54 -33.37 -30.19
N THR B 62 -31.82 -33.12 -31.47
CA THR B 62 -30.98 -33.50 -32.59
C THR B 62 -31.20 -32.46 -33.69
N ILE B 63 -30.14 -32.14 -34.44
CA ILE B 63 -30.18 -31.05 -35.40
C ILE B 63 -29.52 -31.50 -36.70
N PRO B 64 -29.83 -30.83 -37.80
CA PRO B 64 -29.15 -31.16 -39.06
C PRO B 64 -27.69 -30.74 -39.03
N PHE B 65 -26.87 -31.48 -39.80
CA PHE B 65 -25.42 -31.30 -39.76
C PHE B 65 -24.99 -29.90 -40.16
N ASP B 66 -25.88 -29.10 -40.77
CA ASP B 66 -25.52 -27.73 -41.10
C ASP B 66 -25.70 -26.77 -39.93
N GLN B 67 -26.21 -27.26 -38.80
CA GLN B 67 -26.34 -26.45 -37.59
C GLN B 67 -25.25 -26.76 -36.57
N VAL B 68 -24.18 -27.42 -37.00
CA VAL B 68 -22.98 -27.57 -36.19
C VAL B 68 -22.00 -26.49 -36.61
N ASN B 69 -21.58 -25.67 -35.65
CA ASN B 69 -20.73 -24.49 -35.87
C ASN B 69 -21.36 -23.51 -36.86
N ASP B 70 -22.67 -23.26 -36.72
CA ASP B 70 -23.31 -22.24 -37.54
C ASP B 70 -23.54 -20.95 -36.77
N ASP B 71 -22.88 -20.77 -35.62
CA ASP B 71 -22.86 -19.51 -34.89
C ASP B 71 -24.23 -19.17 -34.30
N TYR B 72 -25.00 -20.20 -34.00
CA TYR B 72 -26.20 -20.07 -33.20
C TYR B 72 -26.22 -21.27 -32.26
N CYS B 73 -26.66 -21.07 -31.03
CA CYS B 73 -26.63 -22.13 -30.03
C CYS B 73 -27.92 -22.94 -30.02
N ASP B 74 -27.82 -24.23 -30.36
CA ASP B 74 -28.97 -25.11 -30.41
C ASP B 74 -28.98 -26.22 -29.37
N CYS B 75 -27.85 -26.55 -28.74
CA CYS B 75 -27.81 -27.59 -27.71
C CYS B 75 -27.73 -26.95 -26.32
N LYS B 76 -28.53 -27.47 -25.39
CA LYS B 76 -28.52 -26.91 -24.05
C LYS B 76 -27.14 -27.01 -23.40
N ASP B 77 -26.35 -28.01 -23.78
CA ASP B 77 -25.00 -28.15 -23.25
C ASP B 77 -23.94 -27.47 -24.11
N GLY B 78 -24.33 -26.81 -25.19
CA GLY B 78 -23.40 -26.11 -26.04
C GLY B 78 -22.58 -26.99 -26.95
N SER B 79 -22.91 -28.28 -27.07
CA SER B 79 -22.03 -29.17 -27.80
C SER B 79 -22.05 -28.93 -29.31
N ASP B 80 -23.05 -28.25 -29.85
CA ASP B 80 -23.13 -28.06 -31.29
C ASP B 80 -22.27 -26.93 -31.82
N GLU B 81 -21.60 -26.15 -30.94
CA GLU B 81 -20.80 -25.01 -31.37
C GLU B 81 -19.40 -25.05 -30.74
N PRO B 82 -18.67 -26.15 -30.90
CA PRO B 82 -17.33 -26.22 -30.30
C PRO B 82 -16.35 -25.24 -30.88
N GLY B 83 -16.61 -24.72 -32.08
CA GLY B 83 -15.64 -23.86 -32.72
C GLY B 83 -16.00 -22.40 -32.80
N THR B 84 -17.13 -21.99 -32.20
CA THR B 84 -17.63 -20.61 -32.25
C THR B 84 -17.86 -20.09 -30.83
N ALA B 85 -18.31 -18.84 -30.75
CA ALA B 85 -18.64 -18.18 -29.49
C ALA B 85 -20.13 -18.17 -29.21
N ALA B 86 -20.91 -19.02 -29.87
CA ALA B 86 -22.36 -18.88 -29.84
C ALA B 86 -22.98 -19.40 -28.56
N CYS B 87 -22.39 -20.42 -27.96
CA CYS B 87 -23.04 -20.99 -26.80
C CYS B 87 -22.41 -20.48 -25.53
N PRO B 88 -23.25 -20.14 -24.54
CA PRO B 88 -22.70 -19.59 -23.28
C PRO B 88 -21.90 -20.59 -22.48
N ASN B 89 -22.19 -21.88 -22.60
CA ASN B 89 -21.54 -22.92 -21.82
C ASN B 89 -20.67 -23.83 -22.66
N GLY B 90 -20.27 -23.39 -23.84
CA GLY B 90 -19.43 -24.20 -24.68
C GLY B 90 -17.98 -24.08 -24.30
N SER B 91 -17.15 -24.88 -24.96
CA SER B 91 -15.71 -24.83 -24.77
C SER B 91 -15.05 -24.96 -26.14
N PHE B 92 -13.92 -24.29 -26.28
CA PHE B 92 -13.10 -24.32 -27.47
C PHE B 92 -11.77 -24.98 -27.15
N HIS B 93 -11.35 -25.93 -27.99
CA HIS B 93 -10.19 -26.75 -27.70
C HIS B 93 -8.97 -26.19 -28.43
N CYS B 94 -7.96 -25.80 -27.66
CA CYS B 94 -6.67 -25.39 -28.22
C CYS B 94 -5.80 -26.63 -28.34
N THR B 95 -5.43 -27.00 -29.56
CA THR B 95 -4.59 -28.18 -29.73
C THR B 95 -3.18 -27.92 -29.18
N ASN B 96 -2.60 -26.76 -29.50
CA ASN B 96 -1.35 -26.27 -28.88
C ASN B 96 -0.17 -27.26 -28.99
N THR B 97 0.18 -27.63 -30.23
CA THR B 97 1.33 -28.51 -30.41
C THR B 97 2.59 -27.83 -29.88
N GLY B 98 3.39 -28.57 -29.11
CA GLY B 98 4.58 -28.01 -28.52
C GLY B 98 4.41 -27.50 -27.10
N TYR B 99 3.20 -27.50 -26.58
CA TYR B 99 2.93 -27.20 -25.17
C TYR B 99 1.70 -28.02 -24.78
N LYS B 100 1.10 -27.68 -23.65
CA LYS B 100 -0.07 -28.40 -23.13
C LYS B 100 -1.33 -28.04 -23.92
N PRO B 101 -2.13 -29.02 -24.36
CA PRO B 101 -3.43 -28.69 -24.94
C PRO B 101 -4.37 -28.11 -23.88
N LEU B 102 -5.15 -27.12 -24.27
CA LEU B 102 -5.94 -26.35 -23.32
C LEU B 102 -7.37 -26.16 -23.82
N TYR B 103 -8.32 -26.13 -22.89
CA TYR B 103 -9.70 -25.72 -23.14
C TYR B 103 -9.94 -24.31 -22.62
N ILE B 104 -10.70 -23.52 -23.38
CA ILE B 104 -11.09 -22.18 -22.96
C ILE B 104 -12.59 -22.06 -23.13
N LEU B 105 -13.15 -21.03 -22.48
CA LEU B 105 -14.56 -20.73 -22.62
C LEU B 105 -14.91 -20.38 -24.07
N SER B 106 -16.14 -20.71 -24.47
CA SER B 106 -16.61 -20.33 -25.80
C SER B 106 -16.62 -18.82 -25.99
N SER B 107 -16.87 -18.04 -24.93
CA SER B 107 -16.87 -16.58 -25.04
C SER B 107 -15.50 -15.99 -25.34
N ARG B 108 -14.44 -16.78 -25.28
CA ARG B 108 -13.12 -16.26 -25.59
C ARG B 108 -12.67 -16.62 -27.00
N VAL B 109 -13.58 -17.13 -27.81
CA VAL B 109 -13.31 -17.40 -29.22
C VAL B 109 -13.62 -16.10 -29.99
N ASN B 110 -12.62 -15.60 -30.71
CA ASN B 110 -12.78 -14.39 -31.49
C ASN B 110 -13.21 -13.21 -30.64
N ASP B 111 -12.68 -13.12 -29.43
CA ASP B 111 -12.90 -11.93 -28.62
C ASP B 111 -11.79 -10.90 -28.79
N GLY B 112 -10.76 -11.18 -29.57
CA GLY B 112 -9.67 -10.25 -29.75
C GLY B 112 -8.52 -10.45 -28.78
N VAL B 113 -8.63 -11.44 -27.91
CA VAL B 113 -7.62 -11.74 -26.90
C VAL B 113 -7.05 -13.11 -27.23
N CYS B 114 -5.72 -13.24 -27.12
CA CYS B 114 -5.02 -14.49 -27.43
C CYS B 114 -5.08 -15.42 -26.23
N ASP B 115 -5.92 -16.44 -26.29
CA ASP B 115 -6.03 -17.36 -25.16
C ASP B 115 -5.21 -18.63 -25.33
N CYS B 116 -5.13 -19.18 -26.54
CA CYS B 116 -4.28 -20.33 -26.82
C CYS B 116 -2.89 -19.87 -27.21
N CYS B 117 -1.88 -20.65 -26.83
CA CYS B 117 -0.53 -20.32 -27.27
C CYS B 117 -0.36 -20.50 -28.78
N ASP B 118 -1.13 -21.41 -29.38
CA ASP B 118 -1.12 -21.60 -30.83
C ASP B 118 -1.95 -20.56 -31.59
N GLY B 119 -2.66 -19.67 -30.89
CA GLY B 119 -3.40 -18.59 -31.51
C GLY B 119 -4.67 -18.98 -32.23
N THR B 120 -5.08 -20.26 -32.21
CA THR B 120 -6.21 -20.70 -33.00
C THR B 120 -7.56 -20.22 -32.46
N ASP B 121 -7.65 -19.67 -31.24
CA ASP B 121 -8.92 -19.12 -30.79
C ASP B 121 -9.29 -17.83 -31.51
N GLU B 122 -8.32 -17.16 -32.13
CA GLU B 122 -8.56 -15.93 -32.87
C GLU B 122 -8.33 -16.22 -34.34
N TYR B 123 -9.40 -16.50 -35.07
CA TYR B 123 -9.29 -16.79 -36.48
C TYR B 123 -10.05 -15.81 -37.35
N ASN B 124 -10.83 -14.92 -36.77
CA ASN B 124 -11.65 -13.98 -37.52
C ASN B 124 -12.03 -12.80 -36.66
N SER B 125 -11.04 -12.17 -36.02
CA SER B 125 -11.34 -11.14 -35.03
C SER B 125 -10.54 -9.88 -35.23
N GLY B 126 -9.63 -9.83 -36.18
CA GLY B 126 -8.78 -8.67 -36.29
C GLY B 126 -7.56 -8.71 -35.40
N THR B 127 -7.49 -9.68 -34.48
CA THR B 127 -6.30 -9.88 -33.68
C THR B 127 -5.58 -11.09 -34.25
N VAL B 128 -4.34 -10.92 -34.64
CA VAL B 128 -3.53 -12.02 -35.12
C VAL B 128 -2.63 -12.46 -33.96
N CYS B 129 -2.74 -13.71 -33.56
CA CYS B 129 -1.96 -14.21 -32.44
C CYS B 129 -0.78 -15.00 -32.97
N GLU B 130 0.42 -14.62 -32.56
CA GLU B 130 1.59 -15.38 -32.92
C GLU B 130 1.63 -16.62 -32.04
N ASN B 131 2.25 -17.68 -32.58
CA ASN B 131 2.40 -18.90 -31.79
C ASN B 131 3.47 -18.69 -30.73
N THR B 132 3.15 -19.07 -29.51
CA THR B 132 4.04 -18.82 -28.39
C THR B 132 4.14 -20.03 -27.49
N CYS B 133 3.95 -21.22 -28.03
CA CYS B 133 3.93 -22.41 -27.19
C CYS B 133 5.33 -22.81 -26.73
N ARG B 134 6.37 -22.15 -27.24
CA ARG B 134 7.74 -22.35 -26.78
C ARG B 134 7.86 -22.00 -25.29
N VAL C 32 17.86 -16.64 -9.59
CA VAL C 32 18.95 -15.67 -9.76
C VAL C 32 19.45 -15.71 -11.21
N ASP C 33 19.87 -14.55 -11.72
CA ASP C 33 20.45 -14.41 -13.06
C ASP C 33 21.97 -14.29 -12.92
N ARG C 34 22.66 -15.43 -13.08
CA ARG C 34 24.08 -15.46 -12.79
C ARG C 34 24.87 -14.61 -13.77
N SER C 35 24.35 -14.43 -14.99
CA SER C 35 25.07 -13.71 -16.03
C SER C 35 25.27 -12.26 -15.66
N ASN C 36 24.47 -11.75 -14.73
CA ASN C 36 24.67 -10.40 -14.19
C ASN C 36 25.94 -10.30 -13.35
N PHE C 37 26.47 -11.41 -12.86
CA PHE C 37 27.55 -11.41 -11.88
C PHE C 37 28.76 -12.14 -12.44
N LYS C 38 29.93 -11.49 -12.35
CA LYS C 38 31.14 -12.02 -12.97
C LYS C 38 31.59 -13.30 -12.28
N THR C 39 31.98 -14.29 -13.08
CA THR C 39 32.81 -15.37 -12.59
C THR C 39 34.27 -14.89 -12.51
N CYS C 40 35.13 -15.74 -11.94
CA CYS C 40 36.53 -15.39 -11.78
C CYS C 40 37.17 -15.10 -13.13
N ASP C 41 36.79 -15.86 -14.14
CA ASP C 41 37.33 -15.64 -15.48
C ASP C 41 36.91 -14.26 -16.01
N GLU C 42 35.69 -13.81 -15.68
CA GLU C 42 35.21 -12.52 -16.15
C GLU C 42 35.74 -11.35 -15.32
N SER C 43 36.41 -11.65 -14.21
CA SER C 43 37.15 -10.65 -13.46
C SER C 43 38.61 -10.79 -13.91
N SER C 44 39.11 -9.79 -14.65
CA SER C 44 40.41 -9.95 -15.29
C SER C 44 41.53 -10.11 -14.25
N PHE C 45 41.45 -9.40 -13.11
CA PHE C 45 42.47 -9.60 -12.09
C PHE C 45 42.35 -10.97 -11.43
N CYS C 46 41.14 -11.52 -11.32
CA CYS C 46 41.02 -12.89 -10.83
C CYS C 46 41.66 -13.86 -11.81
N LYS C 47 41.40 -13.65 -13.10
CA LYS C 47 41.96 -14.53 -14.11
C LYS C 47 43.49 -14.50 -14.09
N ARG C 48 44.06 -13.29 -13.99
CA ARG C 48 45.52 -13.17 -13.93
C ARG C 48 46.09 -13.93 -12.73
N GLN C 49 45.55 -13.66 -11.54
CA GLN C 49 46.06 -14.33 -10.34
C GLN C 49 45.90 -15.84 -10.44
N ARG C 50 44.69 -16.29 -10.75
CA ARG C 50 44.38 -17.71 -10.78
C ARG C 50 45.13 -18.46 -11.87
N SER C 51 45.66 -17.76 -12.88
CA SER C 51 46.41 -18.41 -13.95
C SER C 51 47.78 -18.89 -13.50
N ILE C 52 48.38 -18.24 -12.50
CA ILE C 52 49.65 -18.66 -11.93
C ILE C 52 49.48 -20.02 -11.26
N ARG C 53 50.28 -20.98 -11.67
CA ARG C 53 50.17 -22.31 -11.08
C ARG C 53 51.29 -22.53 -10.09
N PRO C 54 51.10 -23.45 -9.14
CA PRO C 54 52.07 -23.61 -8.04
C PRO C 54 53.44 -24.03 -8.54
N GLY C 55 54.46 -23.34 -8.05
CA GLY C 55 55.83 -23.63 -8.43
C GLY C 55 56.78 -22.73 -7.68
N LEU C 56 58.05 -22.77 -8.07
CA LEU C 56 59.04 -21.94 -7.38
C LEU C 56 58.67 -20.47 -7.57
N SER C 57 58.52 -19.76 -6.48
CA SER C 57 58.12 -18.37 -6.57
C SER C 57 59.28 -17.54 -7.12
N PRO C 58 59.00 -16.52 -7.94
CA PRO C 58 60.06 -15.60 -8.39
C PRO C 58 60.39 -14.50 -7.39
N TYR C 59 59.80 -14.54 -6.20
CA TYR C 59 60.07 -13.52 -5.20
C TYR C 59 61.16 -14.03 -4.27
N ARG C 60 62.14 -13.17 -3.96
CA ARG C 60 63.22 -13.56 -3.08
C ARG C 60 63.63 -12.38 -2.19
N ALA C 61 64.03 -12.71 -0.97
CA ALA C 61 64.29 -11.71 0.08
C ALA C 61 65.77 -11.33 0.12
N LEU C 62 66.05 -10.03 0.04
CA LEU C 62 67.42 -9.52 0.07
C LEU C 62 67.85 -9.33 1.51
N LEU C 63 68.45 -10.37 2.08
CA LEU C 63 68.82 -10.35 3.49
C LEU C 63 69.81 -9.24 3.82
N ASP C 64 70.48 -8.69 2.81
CA ASP C 64 71.38 -7.56 3.05
C ASP C 64 70.62 -6.34 3.53
N THR C 65 69.36 -6.19 3.11
CA THR C 65 68.55 -5.03 3.39
C THR C 65 67.78 -5.13 4.70
N LEU C 66 67.87 -6.27 5.37
CA LEU C 66 67.11 -6.52 6.59
C LEU C 66 67.47 -5.50 7.68
N GLN C 67 66.44 -5.04 8.39
CA GLN C 67 66.62 -4.10 9.50
C GLN C 67 65.68 -4.49 10.63
N LEU C 68 66.20 -4.54 11.85
CA LEU C 68 65.42 -4.93 13.02
C LEU C 68 65.25 -3.77 13.99
N GLY C 69 63.99 -3.36 14.22
CA GLY C 69 63.68 -2.41 15.25
C GLY C 69 62.97 -3.11 16.41
N PRO C 70 62.58 -2.36 17.44
CA PRO C 70 61.83 -2.98 18.54
C PRO C 70 60.47 -3.49 18.10
N ASP C 71 59.82 -2.81 17.14
CA ASP C 71 58.45 -3.09 16.73
C ASP C 71 58.34 -3.95 15.49
N ALA C 72 59.28 -3.85 14.56
CA ALA C 72 59.09 -4.53 13.30
C ALA C 72 60.45 -4.93 12.73
N LEU C 73 60.39 -5.84 11.77
CA LEU C 73 61.51 -6.17 10.89
C LEU C 73 61.12 -5.72 9.49
N THR C 74 62.02 -5.02 8.81
CA THR C 74 61.80 -4.63 7.43
C THR C 74 62.87 -5.28 6.56
N VAL C 75 62.45 -5.91 5.48
CA VAL C 75 63.37 -6.52 4.52
C VAL C 75 62.79 -6.32 3.12
N HIS C 76 63.68 -6.15 2.14
CA HIS C 76 63.24 -5.97 0.77
C HIS C 76 63.00 -7.31 0.08
N LEU C 77 61.98 -7.34 -0.78
CA LEU C 77 61.69 -8.45 -1.67
C LEU C 77 61.91 -8.02 -3.11
N ILE C 78 62.19 -8.99 -3.97
CA ILE C 78 62.51 -8.70 -5.37
C ILE C 78 61.86 -9.74 -6.27
N HIS C 79 61.34 -9.28 -7.41
CA HIS C 79 60.84 -10.17 -8.45
C HIS C 79 61.98 -10.45 -9.43
N GLU C 80 62.24 -11.74 -9.64
CA GLU C 80 63.45 -12.15 -10.33
C GLU C 80 63.44 -11.73 -11.81
N VAL C 81 62.27 -11.58 -12.42
CA VAL C 81 62.17 -11.22 -13.83
C VAL C 81 61.90 -9.73 -14.00
N THR C 82 60.97 -9.16 -13.23
CA THR C 82 60.57 -7.77 -13.41
C THR C 82 61.41 -6.80 -12.61
N LYS C 83 62.17 -7.29 -11.63
CA LYS C 83 63.03 -6.48 -10.78
C LYS C 83 62.24 -5.45 -9.98
N VAL C 84 60.96 -5.73 -9.70
CA VAL C 84 60.17 -4.84 -8.85
C VAL C 84 60.61 -5.00 -7.40
N LEU C 85 60.69 -3.89 -6.68
CA LEU C 85 61.15 -3.88 -5.29
C LEU C 85 59.97 -3.68 -4.34
N LEU C 86 59.78 -4.64 -3.45
CA LEU C 86 58.76 -4.59 -2.41
C LEU C 86 59.42 -4.44 -1.04
N VAL C 87 58.61 -4.06 -0.06
CA VAL C 87 59.03 -3.96 1.33
C VAL C 87 58.15 -4.87 2.17
N LEU C 88 58.76 -5.76 2.95
CA LEU C 88 58.05 -6.62 3.87
C LEU C 88 58.21 -6.06 5.28
N GLU C 89 57.09 -5.81 5.96
CA GLU C 89 57.12 -5.38 7.35
C GLU C 89 56.54 -6.52 8.19
N LEU C 90 57.41 -7.18 8.96
CA LEU C 90 57.05 -8.37 9.73
C LEU C 90 56.99 -7.99 11.21
N GLN C 91 55.91 -8.39 11.88
CA GLN C 91 55.67 -7.95 13.25
C GLN C 91 55.13 -9.06 14.12
N GLY C 92 55.76 -9.24 15.27
CA GLY C 92 55.17 -10.01 16.35
C GLY C 92 54.28 -9.11 17.17
N LEU C 93 53.11 -9.62 17.53
CA LEU C 93 52.14 -8.84 18.26
C LEU C 93 51.82 -9.49 19.59
N GLN C 94 51.45 -8.65 20.56
CA GLN C 94 50.88 -9.18 21.78
C GLN C 94 49.67 -10.06 21.48
N LYS C 95 49.38 -10.96 22.41
CA LYS C 95 48.29 -11.92 22.30
C LYS C 95 48.54 -12.93 21.18
N ASP C 96 49.80 -13.25 20.92
CA ASP C 96 50.18 -14.36 20.04
C ASP C 96 49.69 -14.15 18.62
N MET C 97 50.00 -12.99 18.07
CA MET C 97 49.64 -12.73 16.69
C MET C 97 50.85 -12.22 15.94
N THR C 98 50.86 -12.51 14.64
CA THR C 98 51.86 -12.03 13.70
C THR C 98 51.14 -11.21 12.64
N ARG C 99 51.73 -10.10 12.23
CA ARG C 99 51.21 -9.28 11.15
C ARG C 99 52.21 -9.22 10.01
N ILE C 100 51.75 -9.44 8.79
CA ILE C 100 52.58 -9.36 7.58
C ILE C 100 52.02 -8.26 6.69
N ARG C 101 52.87 -7.30 6.34
CA ARG C 101 52.49 -6.22 5.45
C ARG C 101 53.52 -6.12 4.33
N ILE C 102 53.03 -6.10 3.09
CA ILE C 102 53.87 -6.00 1.90
C ILE C 102 53.32 -4.90 1.00
N ASP C 103 54.17 -3.94 0.66
CA ASP C 103 53.83 -2.80 -0.20
C ASP C 103 54.99 -2.58 -1.17
N GLU C 104 54.76 -1.75 -2.19
CA GLU C 104 55.83 -1.39 -3.11
C GLU C 104 56.89 -0.56 -2.39
N LEU C 105 58.16 -0.74 -2.78
CA LEU C 105 59.22 0.04 -2.17
C LEU C 105 59.18 1.49 -2.64
N GLU C 106 59.04 1.69 -3.94
CA GLU C 106 58.88 3.02 -4.52
C GLU C 106 57.67 3.00 -5.45
N PRO C 107 56.48 3.20 -4.90
CA PRO C 107 55.29 3.25 -5.77
C PRO C 107 55.06 4.64 -6.33
N ARG C 108 54.55 4.68 -7.57
CA ARG C 108 54.24 5.94 -8.23
C ARG C 108 53.37 6.83 -7.33
N ARG C 109 52.37 6.24 -6.71
CA ARG C 109 51.52 6.88 -5.71
C ARG C 109 51.20 5.85 -4.63
N PRO C 110 50.77 6.30 -3.46
CA PRO C 110 50.47 5.35 -2.37
C PRO C 110 49.27 4.46 -2.69
N ARG C 111 49.36 3.24 -2.19
CA ARG C 111 48.28 2.26 -2.25
C ARG C 111 47.35 2.41 -1.04
N TYR C 112 46.13 1.88 -1.20
CA TYR C 112 45.14 2.02 -0.13
C TYR C 112 45.48 1.13 1.06
N ARG C 113 45.33 1.69 2.26
CA ARG C 113 45.41 0.95 3.51
C ARG C 113 44.11 1.17 4.28
N VAL C 114 43.44 0.08 4.65
CA VAL C 114 42.06 0.14 5.14
C VAL C 114 41.94 0.86 6.48
N PRO C 115 41.24 1.99 6.53
CA PRO C 115 41.08 2.73 7.78
C PRO C 115 39.84 2.29 8.57
N ASP C 116 39.79 2.76 9.81
CA ASP C 116 38.61 2.71 10.69
C ASP C 116 38.13 1.32 11.07
N VAL C 117 38.75 0.27 10.55
CA VAL C 117 38.36 -1.08 10.95
C VAL C 117 39.07 -1.50 12.23
N LEU C 118 40.37 -1.27 12.31
CA LEU C 118 41.11 -1.59 13.52
C LEU C 118 40.76 -0.61 14.62
N VAL C 119 40.41 -1.13 15.79
CA VAL C 119 40.03 -0.29 16.92
C VAL C 119 41.22 0.40 17.56
N ALA C 120 42.42 -0.12 17.33
CA ALA C 120 43.64 0.41 17.95
C ALA C 120 44.84 -0.03 17.11
N ASP C 121 45.95 0.64 17.39
CA ASP C 121 47.25 0.20 16.91
C ASP C 121 47.69 -1.00 17.76
N PRO C 122 47.83 -2.19 17.19
CA PRO C 122 48.10 -3.40 17.99
C PRO C 122 49.43 -3.30 18.73
N PRO C 123 49.44 -3.62 20.03
CA PRO C 123 50.71 -3.69 20.76
C PRO C 123 51.63 -4.77 20.19
N THR C 124 52.90 -4.41 20.03
CA THR C 124 53.88 -5.30 19.43
C THR C 124 54.57 -6.17 20.48
N ALA C 125 55.22 -7.23 19.98
CA ALA C 125 56.14 -8.06 20.74
C ALA C 125 57.49 -8.02 20.04
N ARG C 126 58.57 -7.97 20.82
CA ARG C 126 59.90 -7.82 20.23
C ARG C 126 60.30 -9.08 19.48
N LEU C 127 60.88 -8.89 18.31
CA LEU C 127 61.46 -9.98 17.54
C LEU C 127 62.97 -9.99 17.75
N SER C 128 63.54 -11.18 17.82
CA SER C 128 64.96 -11.33 18.02
C SER C 128 65.49 -12.38 17.06
N VAL C 129 66.73 -12.19 16.62
CA VAL C 129 67.37 -13.14 15.72
C VAL C 129 67.97 -14.26 16.56
N SER C 130 67.51 -15.49 16.32
CA SER C 130 68.01 -16.67 17.03
C SER C 130 68.66 -17.70 16.12
N GLY C 131 68.70 -17.44 14.81
CA GLY C 131 69.34 -18.35 13.88
C GLY C 131 69.58 -17.61 12.59
N ARG C 132 70.55 -18.11 11.81
CA ARG C 132 70.86 -17.44 10.56
C ARG C 132 71.71 -18.37 9.70
N ASP C 133 71.68 -18.09 8.41
CA ASP C 133 72.62 -18.59 7.41
C ASP C 133 72.43 -17.73 6.16
N ASP C 134 72.98 -18.17 5.04
CA ASP C 134 72.92 -17.36 3.83
C ASP C 134 71.54 -17.34 3.19
N ASN C 135 70.64 -18.24 3.59
CA ASN C 135 69.31 -18.33 3.01
C ASN C 135 68.21 -18.44 4.06
N SER C 136 68.51 -18.09 5.32
CA SER C 136 67.57 -18.30 6.39
C SER C 136 67.87 -17.34 7.52
N VAL C 137 66.81 -16.76 8.09
CA VAL C 137 66.88 -16.01 9.33
C VAL C 137 65.76 -16.53 10.22
N GLU C 138 66.10 -16.92 11.45
CA GLU C 138 65.13 -17.41 12.40
C GLU C 138 64.90 -16.32 13.44
N LEU C 139 63.64 -16.08 13.75
CA LEU C 139 63.24 -15.00 14.65
C LEU C 139 62.41 -15.56 15.79
N THR C 140 62.61 -15.02 16.98
CA THR C 140 61.87 -15.41 18.17
C THR C 140 61.00 -14.25 18.64
N VAL C 141 59.74 -14.57 18.93
CA VAL C 141 58.78 -13.58 19.43
C VAL C 141 58.94 -13.50 20.94
N ALA C 142 59.40 -12.33 21.43
CA ALA C 142 59.66 -12.12 22.85
C ALA C 142 60.54 -13.26 23.36
N GLU C 143 60.08 -13.97 24.39
CA GLU C 143 60.83 -15.09 24.92
C GLU C 143 60.27 -16.44 24.48
N GLY C 144 59.53 -16.48 23.38
CA GLY C 144 58.99 -17.72 22.91
C GLY C 144 57.57 -17.92 23.36
N PRO C 145 56.96 -19.04 22.98
CA PRO C 145 57.59 -20.14 22.23
C PRO C 145 57.51 -19.98 20.73
N TYR C 146 57.10 -18.81 20.27
CA TYR C 146 56.78 -18.60 18.86
C TYR C 146 57.98 -18.12 18.06
N LYS C 147 58.20 -18.76 16.91
CA LYS C 147 59.32 -18.43 16.02
C LYS C 147 58.83 -18.32 14.58
N ILE C 148 59.52 -17.46 13.81
CA ILE C 148 59.21 -17.21 12.39
C ILE C 148 60.49 -17.44 11.58
N ILE C 149 60.44 -18.37 10.64
CA ILE C 149 61.57 -18.63 9.76
C ILE C 149 61.35 -17.91 8.43
N LEU C 150 62.22 -16.94 8.16
CA LEU C 150 62.23 -16.23 6.88
C LEU C 150 63.24 -16.89 5.95
N THR C 151 62.73 -17.55 4.91
CA THR C 151 63.56 -18.06 3.84
C THR C 151 63.77 -16.96 2.80
N ALA C 152 64.99 -16.86 2.26
CA ALA C 152 65.33 -15.76 1.36
C ALA C 152 64.98 -16.07 -0.09
N GLN C 153 65.32 -17.25 -0.56
CA GLN C 153 65.08 -17.62 -1.95
C GLN C 153 64.72 -19.10 -2.02
N PRO C 154 63.53 -19.46 -2.53
CA PRO C 154 62.44 -18.53 -2.81
C PRO C 154 61.85 -17.99 -1.51
N PHE C 155 61.17 -16.84 -1.59
CA PHE C 155 60.60 -16.23 -0.40
C PHE C 155 59.58 -17.14 0.28
N ARG C 156 59.67 -17.23 1.60
CA ARG C 156 58.79 -18.09 2.38
C ARG C 156 58.85 -17.60 3.82
N LEU C 157 57.76 -17.80 4.54
CA LEU C 157 57.66 -17.53 5.97
C LEU C 157 57.04 -18.74 6.63
N ASP C 158 57.66 -19.20 7.70
CA ASP C 158 57.14 -20.33 8.45
C ASP C 158 56.99 -19.91 9.90
N LEU C 159 55.85 -20.27 10.49
CA LEU C 159 55.58 -19.93 11.88
C LEU C 159 55.52 -21.20 12.71
N LEU C 160 56.21 -21.18 13.84
CA LEU C 160 56.32 -22.35 14.70
C LEU C 160 56.06 -21.97 16.15
N GLU C 161 55.47 -22.91 16.86
CA GLU C 161 55.52 -22.95 18.32
C GLU C 161 56.54 -24.02 18.65
N ASP C 162 57.67 -23.61 19.21
CA ASP C 162 58.81 -24.51 19.48
C ASP C 162 59.25 -25.13 18.16
N ARG C 163 59.15 -26.43 17.97
CA ARG C 163 59.55 -27.08 16.74
C ARG C 163 58.36 -27.55 15.91
N SER C 164 57.14 -27.23 16.33
CA SER C 164 55.95 -27.58 15.56
C SER C 164 55.70 -26.52 14.51
N LEU C 165 55.48 -26.94 13.27
CA LEU C 165 55.10 -25.98 12.24
C LEU C 165 53.59 -25.76 12.29
N LEU C 166 53.19 -24.50 12.45
CA LEU C 166 51.79 -24.11 12.51
C LEU C 166 51.25 -23.72 11.15
N LEU C 167 52.04 -22.98 10.38
CA LEU C 167 51.56 -22.32 9.18
C LEU C 167 52.75 -21.78 8.39
N SER C 168 52.67 -21.87 7.06
CA SER C 168 53.66 -21.29 6.16
C SER C 168 52.98 -20.35 5.19
N VAL C 169 53.78 -19.42 4.66
CA VAL C 169 53.35 -18.41 3.72
C VAL C 169 54.12 -18.58 2.42
N ASN C 170 53.42 -18.57 1.29
CA ASN C 170 54.03 -18.64 -0.02
C ASN C 170 54.69 -19.99 -0.28
N ALA C 171 54.30 -21.00 0.50
CA ALA C 171 54.86 -22.33 0.34
C ALA C 171 54.46 -22.95 -0.99
N ARG C 172 53.31 -22.58 -1.53
CA ARG C 172 52.97 -22.95 -2.90
C ARG C 172 53.46 -21.93 -3.92
N GLY C 173 54.16 -20.88 -3.48
CA GLY C 173 54.77 -19.94 -4.39
C GLY C 173 53.82 -19.07 -5.18
N LEU C 174 52.59 -18.87 -4.69
CA LEU C 174 51.55 -18.18 -5.43
C LEU C 174 51.48 -16.70 -5.15
N MET C 175 52.48 -16.12 -4.48
CA MET C 175 52.46 -14.70 -4.23
C MET C 175 52.56 -13.92 -5.54
N ALA C 176 51.61 -13.02 -5.77
CA ALA C 176 51.64 -12.14 -6.92
C ALA C 176 51.29 -10.73 -6.46
N PHE C 177 52.11 -9.75 -6.86
CA PHE C 177 51.91 -8.36 -6.45
C PHE C 177 52.15 -7.48 -7.68
N GLU C 178 51.07 -7.11 -8.37
CA GLU C 178 51.12 -6.28 -9.59
C GLU C 178 51.42 -4.84 -9.19
N HIS C 179 52.62 -4.36 -9.52
CA HIS C 179 52.96 -2.99 -9.18
C HIS C 179 52.26 -1.99 -10.10
N GLN C 180 52.11 -0.77 -9.59
CA GLN C 180 51.48 0.32 -10.33
C GLN C 180 52.34 0.69 -11.53
N ARG C 181 51.91 0.24 -12.72
CA ARG C 181 52.61 0.58 -13.94
C ARG C 181 52.37 2.04 -14.31
N ALA C 182 53.25 2.56 -15.14
CA ALA C 182 53.12 3.94 -15.58
C ALA C 182 51.88 4.08 -16.46
N PRO C 183 50.98 5.01 -16.14
CA PRO C 183 49.73 5.12 -16.92
C PRO C 183 50.01 5.40 -18.38
N ARG C 184 49.05 5.01 -19.23
CA ARG C 184 49.23 5.10 -20.68
C ARG C 184 48.15 5.96 -21.36
N GLU C 221 46.63 -10.11 -20.12
CA GLU C 221 46.92 -9.05 -21.10
C GLU C 221 45.65 -8.27 -21.51
N PRO C 222 44.57 -8.93 -21.94
CA PRO C 222 43.33 -8.19 -22.22
C PRO C 222 42.54 -7.97 -20.94
N GLY C 223 41.93 -6.80 -20.82
CA GLY C 223 41.26 -6.46 -19.60
C GLY C 223 42.17 -6.04 -18.48
N ALA C 224 43.48 -6.03 -18.71
CA ALA C 224 44.42 -5.57 -17.70
C ALA C 224 44.24 -4.07 -17.44
N TRP C 225 43.98 -3.29 -18.49
CA TRP C 225 43.63 -1.88 -18.35
C TRP C 225 42.14 -1.73 -18.60
N GLU C 226 41.73 -0.94 -19.61
CA GLU C 226 40.30 -0.77 -19.86
C GLU C 226 39.63 -2.13 -20.01
N GLU C 227 38.47 -2.27 -19.38
CA GLU C 227 37.78 -3.54 -19.30
C GLU C 227 36.28 -3.29 -19.29
N THR C 228 35.51 -4.18 -19.92
CA THR C 228 34.07 -4.05 -19.97
C THR C 228 33.43 -5.36 -19.55
N PHE C 229 32.26 -5.25 -18.94
CA PHE C 229 31.43 -6.41 -18.61
C PHE C 229 30.00 -6.09 -19.00
N LYS C 230 29.39 -7.00 -19.76
CA LYS C 230 28.08 -6.74 -20.35
C LYS C 230 28.12 -5.37 -21.05
N THR C 231 27.36 -4.39 -20.56
CA THR C 231 27.30 -3.09 -21.20
C THR C 231 28.09 -2.03 -20.45
N HIS C 232 28.76 -2.39 -19.35
CA HIS C 232 29.45 -1.43 -18.50
C HIS C 232 30.94 -1.50 -18.76
N SER C 233 31.57 -0.33 -18.81
CA SER C 233 32.99 -0.21 -19.09
C SER C 233 33.71 0.40 -17.89
N ASP C 234 34.88 -0.17 -17.57
CA ASP C 234 35.75 0.29 -16.50
C ASP C 234 36.97 0.95 -17.12
N SER C 235 37.10 2.28 -16.92
CA SER C 235 38.22 3.00 -17.53
C SER C 235 39.57 2.57 -16.91
N LYS C 236 39.57 2.11 -15.67
CA LYS C 236 40.73 1.50 -15.03
C LYS C 236 42.01 2.35 -15.15
N PRO C 237 41.97 3.61 -14.68
CA PRO C 237 43.10 4.51 -14.95
C PRO C 237 44.43 4.09 -14.34
N TYR C 238 44.42 3.22 -13.33
CA TYR C 238 45.64 2.80 -12.65
C TYR C 238 46.14 1.44 -13.11
N GLY C 239 45.41 0.77 -13.98
CA GLY C 239 45.89 -0.44 -14.56
C GLY C 239 45.86 -1.58 -13.58
N PRO C 240 46.52 -2.68 -13.91
CA PRO C 240 46.52 -3.85 -13.01
C PRO C 240 47.31 -3.56 -11.74
N THR C 241 46.68 -3.85 -10.59
CA THR C 241 47.28 -3.56 -9.28
C THR C 241 47.00 -4.64 -8.23
N SER C 242 46.62 -5.84 -8.63
CA SER C 242 46.14 -6.81 -7.66
C SER C 242 47.27 -7.42 -6.83
N VAL C 243 46.92 -7.90 -5.64
CA VAL C 243 47.85 -8.50 -4.70
C VAL C 243 47.31 -9.86 -4.28
N GLY C 244 48.21 -10.80 -4.05
CA GLY C 244 47.80 -12.17 -3.72
C GLY C 244 48.83 -12.88 -2.88
N LEU C 245 48.36 -13.87 -2.12
CA LEU C 245 49.25 -14.59 -1.23
C LEU C 245 48.58 -15.89 -0.82
N ASP C 246 49.38 -16.94 -0.65
CA ASP C 246 48.86 -18.25 -0.29
C ASP C 246 49.41 -18.65 1.07
N PHE C 247 48.64 -19.47 1.78
CA PHE C 247 48.94 -19.85 3.14
C PHE C 247 48.68 -21.34 3.29
N SER C 248 49.56 -22.04 4.01
CA SER C 248 49.46 -23.49 4.12
C SER C 248 49.22 -23.87 5.58
N LEU C 249 48.23 -24.72 5.81
CA LEU C 249 47.76 -25.08 7.14
C LEU C 249 47.96 -26.57 7.38
N PRO C 250 49.15 -26.98 7.82
CA PRO C 250 49.37 -28.40 8.11
C PRO C 250 48.49 -28.87 9.25
N GLY C 251 47.82 -29.99 9.04
CA GLY C 251 46.96 -30.56 10.05
C GLY C 251 45.56 -30.02 10.08
N MET C 252 45.21 -29.10 9.18
CA MET C 252 43.88 -28.50 9.13
C MET C 252 43.10 -29.09 7.97
N GLU C 253 41.92 -29.61 8.26
CA GLU C 253 41.04 -30.17 7.26
C GLU C 253 39.69 -29.48 7.16
N HIS C 254 39.37 -28.58 8.09
CA HIS C 254 38.10 -27.86 8.12
C HIS C 254 38.39 -26.38 8.27
N VAL C 255 37.78 -25.55 7.41
CA VAL C 255 37.90 -24.11 7.54
C VAL C 255 36.51 -23.49 7.41
N TYR C 256 36.34 -22.31 8.04
CA TYR C 256 35.04 -21.67 8.16
C TYR C 256 35.22 -20.17 8.03
N GLY C 257 34.11 -19.47 7.81
CA GLY C 257 34.17 -18.03 7.80
C GLY C 257 33.91 -17.39 6.45
N ILE C 258 34.61 -16.30 6.17
CA ILE C 258 34.45 -15.46 4.98
C ILE C 258 33.00 -15.37 4.53
N PRO C 259 32.08 -14.90 5.38
CA PRO C 259 30.73 -14.61 4.89
C PRO C 259 30.79 -13.38 3.99
N GLU C 260 29.76 -13.22 3.16
CA GLU C 260 28.50 -13.93 3.26
C GLU C 260 28.23 -14.76 2.03
N HIS C 261 27.88 -16.01 2.24
CA HIS C 261 27.58 -16.90 1.13
C HIS C 261 26.44 -17.79 1.60
N ALA C 262 25.50 -18.10 0.69
CA ALA C 262 24.46 -19.08 1.01
C ALA C 262 25.06 -20.47 0.83
N ASP C 263 25.92 -20.84 1.78
CA ASP C 263 26.70 -22.07 1.68
C ASP C 263 26.87 -22.69 3.06
N SER C 264 27.37 -23.91 3.06
CA SER C 264 27.46 -24.65 4.31
C SER C 264 28.48 -24.03 5.26
N LEU C 265 28.34 -24.39 6.54
CA LEU C 265 29.23 -23.85 7.55
C LEU C 265 30.67 -24.25 7.27
N ARG C 266 30.91 -25.54 7.06
CA ARG C 266 32.24 -25.97 6.67
C ARG C 266 32.48 -25.62 5.21
N LEU C 267 33.44 -24.72 4.98
CA LEU C 267 33.72 -24.24 3.63
C LEU C 267 34.21 -25.39 2.75
N LYS C 268 33.90 -25.31 1.46
CA LYS C 268 34.25 -26.33 0.48
C LYS C 268 35.54 -25.98 -0.26
N VAL C 269 36.16 -27.02 -0.83
CA VAL C 269 37.29 -26.81 -1.72
C VAL C 269 36.80 -26.16 -3.01
N THR C 270 37.59 -25.21 -3.53
CA THR C 270 37.24 -24.50 -4.74
C THR C 270 37.98 -24.99 -5.97
N GLU C 271 38.68 -26.14 -5.86
CA GLU C 271 39.63 -26.55 -6.89
C GLU C 271 38.97 -26.77 -8.24
N GLY C 272 37.82 -27.43 -8.26
CA GLY C 272 37.17 -27.67 -9.53
C GLY C 272 36.12 -26.64 -9.92
N GLY C 273 36.06 -25.51 -9.23
CA GLY C 273 35.02 -24.55 -9.46
C GLY C 273 35.47 -23.15 -9.14
N GLU C 274 34.54 -22.35 -8.64
CA GLU C 274 34.77 -20.95 -8.37
C GLU C 274 35.41 -20.71 -7.00
N PRO C 275 36.25 -19.68 -6.89
CA PRO C 275 36.68 -19.23 -5.57
C PRO C 275 35.50 -18.64 -4.81
N TYR C 276 35.62 -18.62 -3.50
CA TYR C 276 34.67 -17.83 -2.72
C TYR C 276 34.99 -16.38 -2.99
N ARG C 277 33.96 -15.59 -3.28
CA ARG C 277 34.10 -14.19 -3.65
C ARG C 277 33.60 -13.30 -2.52
N LEU C 278 34.30 -12.19 -2.29
CA LEU C 278 33.94 -11.22 -1.25
C LEU C 278 33.80 -9.87 -1.94
N TYR C 279 32.56 -9.56 -2.33
CA TYR C 279 32.26 -8.29 -2.99
C TYR C 279 30.80 -7.99 -2.71
N ASN C 280 30.54 -6.98 -1.89
CA ASN C 280 29.18 -6.73 -1.43
C ASN C 280 28.25 -6.48 -2.61
N LEU C 281 27.27 -7.36 -2.78
CA LEU C 281 26.41 -7.31 -3.95
C LEU C 281 24.98 -7.65 -3.59
N ASP C 282 24.05 -7.01 -4.31
CA ASP C 282 22.61 -7.23 -4.21
C ASP C 282 22.23 -8.27 -5.24
N VAL C 283 21.99 -9.49 -4.80
CA VAL C 283 21.73 -10.63 -5.67
C VAL C 283 20.26 -10.98 -5.52
N PHE C 284 19.48 -10.71 -6.57
CA PHE C 284 18.03 -10.90 -6.53
C PHE C 284 17.71 -12.39 -6.58
N GLN C 285 16.97 -12.86 -5.59
CA GLN C 285 16.56 -14.27 -5.50
C GLN C 285 17.78 -15.19 -5.51
N TYR C 286 18.73 -14.91 -4.62
CA TYR C 286 19.94 -15.70 -4.55
C TYR C 286 19.60 -17.15 -4.21
N GLU C 287 20.46 -18.06 -4.65
CA GLU C 287 20.25 -19.48 -4.48
C GLU C 287 21.22 -20.05 -3.46
N LEU C 288 21.02 -21.31 -3.10
CA LEU C 288 21.71 -21.95 -1.99
C LEU C 288 22.89 -22.80 -2.48
N ASN C 289 23.88 -22.93 -1.59
CA ASN C 289 25.04 -23.81 -1.77
C ASN C 289 25.82 -23.50 -3.04
N ASN C 290 26.22 -22.24 -3.17
CA ASN C 290 27.12 -21.80 -4.23
C ASN C 290 27.96 -20.66 -3.68
N PRO C 291 29.10 -20.36 -4.31
CA PRO C 291 30.02 -19.37 -3.73
C PRO C 291 29.81 -17.94 -4.21
N MET C 292 28.64 -17.59 -4.72
CA MET C 292 28.46 -16.23 -5.21
C MET C 292 28.53 -15.24 -4.05
N ALA C 293 29.09 -14.06 -4.36
CA ALA C 293 29.19 -12.99 -3.37
C ALA C 293 27.80 -12.45 -3.05
N LEU C 294 27.54 -12.20 -1.77
CA LEU C 294 26.29 -11.63 -1.27
C LEU C 294 26.52 -10.24 -0.68
N TYR C 295 25.66 -9.84 0.26
CA TYR C 295 25.55 -8.43 0.61
C TYR C 295 26.73 -7.94 1.44
N GLY C 296 27.38 -8.83 2.20
CA GLY C 296 28.47 -8.44 3.07
C GLY C 296 29.69 -9.32 2.93
N SER C 297 30.84 -8.80 3.40
CA SER C 297 32.12 -9.48 3.29
C SER C 297 32.93 -9.31 4.57
N VAL C 298 33.27 -10.41 5.23
CA VAL C 298 34.19 -10.38 6.37
C VAL C 298 35.41 -11.24 6.05
N PRO C 299 36.57 -10.65 5.75
CA PRO C 299 37.74 -11.42 5.31
C PRO C 299 38.49 -12.07 6.46
N VAL C 300 37.81 -13.00 7.13
CA VAL C 300 38.35 -13.74 8.25
C VAL C 300 38.04 -15.21 8.04
N LEU C 301 39.06 -16.05 8.10
CA LEU C 301 38.92 -17.49 7.94
C LEU C 301 39.46 -18.17 9.18
N LEU C 302 38.77 -19.22 9.61
CA LEU C 302 39.12 -19.94 10.82
C LEU C 302 39.48 -21.37 10.45
N ALA C 303 40.57 -21.88 11.02
CA ALA C 303 40.98 -23.25 10.81
C ALA C 303 40.87 -24.02 12.11
N HIS C 304 40.22 -25.18 12.07
CA HIS C 304 40.03 -25.99 13.27
C HIS C 304 40.49 -27.42 13.02
N SER C 305 41.23 -27.97 14.00
CA SER C 305 41.55 -29.39 14.05
C SER C 305 41.39 -29.86 15.48
N PHE C 306 41.49 -31.19 15.67
CA PHE C 306 41.48 -31.74 17.02
C PHE C 306 42.56 -31.12 17.90
N HIS C 307 43.64 -30.61 17.30
CA HIS C 307 44.81 -30.14 18.03
C HIS C 307 44.85 -28.63 18.23
N ARG C 308 44.40 -27.84 17.26
CA ARG C 308 44.58 -26.39 17.37
C ARG C 308 43.53 -25.65 16.58
N ASP C 309 43.50 -24.33 16.79
CA ASP C 309 42.66 -23.38 16.08
C ASP C 309 43.53 -22.20 15.66
N LEU C 310 43.30 -21.71 14.44
CA LEU C 310 44.02 -20.56 13.92
C LEU C 310 43.03 -19.66 13.17
N GLY C 311 43.46 -18.42 12.94
CA GLY C 311 42.67 -17.49 12.16
C GLY C 311 43.49 -16.62 11.23
N ILE C 312 42.99 -16.37 10.04
CA ILE C 312 43.60 -15.46 9.08
C ILE C 312 42.65 -14.28 8.89
N PHE C 313 43.18 -13.07 9.01
CA PHE C 313 42.43 -11.83 8.88
C PHE C 313 43.12 -11.04 7.77
N TRP C 314 42.54 -11.08 6.58
CA TRP C 314 43.11 -10.45 5.40
C TRP C 314 42.53 -9.05 5.29
N LEU C 315 43.22 -8.06 5.84
CA LEU C 315 42.65 -6.71 5.94
C LEU C 315 42.74 -6.01 4.59
N ASN C 316 41.74 -6.25 3.75
CA ASN C 316 41.69 -5.59 2.44
C ASN C 316 40.24 -5.23 2.12
N ALA C 317 40.03 -4.03 1.57
CA ALA C 317 38.68 -3.53 1.30
C ALA C 317 38.24 -3.69 -0.16
N ALA C 318 39.10 -4.17 -1.04
CA ALA C 318 38.76 -4.31 -2.45
C ALA C 318 38.19 -5.69 -2.75
N GLU C 319 37.73 -5.85 -4.00
CA GLU C 319 37.20 -7.13 -4.43
C GLU C 319 38.23 -8.22 -4.22
N THR C 320 37.84 -9.26 -3.50
CA THR C 320 38.75 -10.29 -3.06
C THR C 320 38.15 -11.65 -3.38
N TRP C 321 38.97 -12.54 -3.92
CA TRP C 321 38.61 -13.93 -4.20
C TRP C 321 39.46 -14.85 -3.34
N VAL C 322 38.85 -15.91 -2.81
CA VAL C 322 39.53 -16.79 -1.87
C VAL C 322 39.41 -18.23 -2.37
N ASP C 323 40.56 -18.87 -2.56
CA ASP C 323 40.63 -20.25 -3.04
C ASP C 323 41.03 -21.18 -1.90
N ILE C 324 40.45 -22.38 -1.89
CA ILE C 324 40.65 -23.34 -0.81
C ILE C 324 40.94 -24.70 -1.43
N SER C 325 42.08 -25.30 -1.06
CA SER C 325 42.48 -26.60 -1.57
C SER C 325 43.04 -27.47 -0.45
N SER C 326 42.78 -28.78 -0.58
CA SER C 326 43.19 -29.77 0.41
C SER C 326 44.24 -30.72 -0.16
N ASN C 327 45.10 -31.23 0.72
CA ASN C 327 46.08 -32.26 0.38
C ASN C 327 45.77 -33.50 1.19
N THR C 347 49.78 -35.65 8.11
CA THR C 347 49.98 -35.22 6.73
C THR C 347 48.88 -34.30 6.15
N PRO C 348 47.59 -34.55 6.46
CA PRO C 348 46.53 -33.74 5.85
C PRO C 348 46.72 -32.25 6.07
N GLN C 349 46.48 -31.47 5.02
CA GLN C 349 46.73 -30.03 5.06
C GLN C 349 45.79 -29.32 4.09
N THR C 350 45.39 -28.11 4.48
CA THR C 350 44.53 -27.26 3.67
C THR C 350 45.28 -25.99 3.30
N ASP C 351 45.16 -25.57 2.03
CA ASP C 351 45.83 -24.39 1.52
C ASP C 351 44.80 -23.31 1.21
N ILE C 352 45.14 -22.06 1.51
CA ILE C 352 44.27 -20.90 1.40
C ILE C 352 45.00 -19.83 0.60
N ARG C 353 44.32 -19.23 -0.38
CA ARG C 353 44.92 -18.20 -1.22
C ARG C 353 43.98 -17.00 -1.32
N TRP C 354 44.47 -15.82 -0.97
CA TRP C 354 43.71 -14.57 -1.07
C TRP C 354 44.18 -13.79 -2.30
N MET C 355 43.23 -13.27 -3.07
CA MET C 355 43.51 -12.48 -4.26
C MET C 355 42.61 -11.24 -4.26
N SER C 356 43.22 -10.06 -4.18
CA SER C 356 42.49 -8.80 -4.03
C SER C 356 42.90 -7.81 -5.10
N GLU C 357 41.96 -6.93 -5.46
CA GLU C 357 42.10 -6.05 -6.62
C GLU C 357 43.14 -4.93 -6.41
N SER C 358 43.23 -4.37 -5.22
CA SER C 358 44.17 -3.25 -5.01
C SER C 358 44.53 -3.18 -3.53
N GLY C 359 45.07 -2.03 -3.08
CA GLY C 359 45.54 -1.93 -1.72
C GLY C 359 46.86 -2.65 -1.52
N ILE C 360 47.21 -2.87 -0.26
CA ILE C 360 48.43 -3.58 0.11
C ILE C 360 48.13 -5.01 0.53
N ILE C 361 49.16 -5.79 0.83
CA ILE C 361 48.99 -7.05 1.53
C ILE C 361 49.13 -6.78 3.01
N ASP C 362 48.08 -7.09 3.77
CA ASP C 362 48.00 -6.78 5.19
C ASP C 362 47.23 -7.94 5.79
N VAL C 363 47.95 -8.90 6.36
CA VAL C 363 47.34 -10.11 6.87
C VAL C 363 47.74 -10.28 8.34
N PHE C 364 46.79 -10.76 9.14
CA PHE C 364 47.00 -11.03 10.56
C PHE C 364 46.88 -12.51 10.81
N LEU C 365 47.89 -13.06 11.46
CA LEU C 365 47.91 -14.48 11.80
C LEU C 365 47.59 -14.61 13.29
N MET C 366 46.46 -15.23 13.60
CA MET C 366 45.96 -15.33 14.96
C MET C 366 46.09 -16.78 15.40
N LEU C 367 47.02 -17.01 16.35
CA LEU C 367 47.63 -18.31 16.56
C LEU C 367 46.93 -19.18 17.61
N GLY C 368 45.85 -18.70 18.21
CA GLY C 368 45.13 -19.47 19.21
C GLY C 368 45.97 -19.69 20.45
N PRO C 369 46.09 -20.96 20.90
CA PRO C 369 45.70 -22.21 20.24
C PRO C 369 44.21 -22.61 20.29
N SER C 370 43.44 -22.11 21.25
CA SER C 370 42.03 -22.50 21.30
C SER C 370 41.18 -21.49 20.50
N VAL C 371 39.96 -21.90 20.18
CA VAL C 371 39.09 -21.04 19.37
C VAL C 371 38.73 -19.77 20.12
N PHE C 372 38.64 -19.84 21.44
CA PHE C 372 38.37 -18.65 22.22
C PHE C 372 39.58 -17.74 22.27
N ASP C 373 40.79 -18.29 22.09
CA ASP C 373 41.96 -17.44 21.91
C ASP C 373 41.86 -16.65 20.61
N VAL C 374 41.36 -17.29 19.55
CA VAL C 374 41.24 -16.60 18.27
C VAL C 374 40.21 -15.49 18.36
N PHE C 375 39.04 -15.79 18.96
CA PHE C 375 38.05 -14.75 19.25
C PHE C 375 38.70 -13.56 19.95
N ARG C 376 39.48 -13.85 21.01
CA ARG C 376 40.11 -12.77 21.76
C ARG C 376 41.12 -12.03 20.90
N GLN C 377 41.88 -12.77 20.11
CA GLN C 377 42.86 -12.16 19.22
C GLN C 377 42.19 -11.22 18.23
N TYR C 378 41.12 -11.69 17.57
CA TYR C 378 40.41 -10.88 16.59
C TYR C 378 39.67 -9.70 17.22
N ALA C 379 38.99 -9.92 18.35
CA ALA C 379 38.28 -8.82 19.00
C ALA C 379 39.22 -7.69 19.38
N SER C 380 40.43 -8.03 19.83
CA SER C 380 41.39 -7.00 20.21
C SER C 380 41.82 -6.16 19.01
N LEU C 381 41.65 -6.69 17.80
CA LEU C 381 41.98 -5.97 16.57
C LEU C 381 40.78 -5.14 16.06
N THR C 382 39.60 -5.75 15.92
CA THR C 382 38.46 -5.07 15.30
C THR C 382 37.30 -4.79 16.25
N GLY C 383 37.37 -5.17 17.52
CA GLY C 383 36.37 -4.79 18.49
C GLY C 383 35.36 -5.88 18.77
N THR C 384 34.37 -5.53 19.60
CA THR C 384 33.34 -6.49 19.99
C THR C 384 31.96 -5.98 19.59
N GLN C 385 31.02 -6.94 19.63
CA GLN C 385 29.60 -6.68 19.45
C GLN C 385 29.11 -5.54 20.32
N ALA C 386 28.45 -4.56 19.70
CA ALA C 386 27.80 -3.49 20.45
C ALA C 386 26.67 -4.06 21.31
N LEU C 387 26.58 -3.60 22.56
CA LEU C 387 25.54 -4.15 23.46
C LEU C 387 24.16 -3.70 22.99
N PRO C 388 23.33 -4.61 22.49
CA PRO C 388 22.02 -4.17 21.99
C PRO C 388 21.17 -3.65 23.13
N PRO C 389 20.35 -2.64 22.88
CA PRO C 389 19.29 -2.32 23.85
C PRO C 389 18.36 -3.51 23.96
N LEU C 390 17.81 -3.73 25.16
CA LEU C 390 17.08 -4.96 25.42
C LEU C 390 15.98 -5.22 24.40
N PHE C 391 15.25 -4.16 24.02
CA PHE C 391 14.09 -4.31 23.15
C PHE C 391 14.47 -4.92 21.82
N SER C 392 15.67 -4.61 21.32
CA SER C 392 16.06 -5.13 20.02
C SER C 392 16.31 -6.62 20.03
N LEU C 393 16.36 -7.25 21.21
CA LEU C 393 16.43 -8.69 21.34
C LEU C 393 15.06 -9.35 21.48
N GLY C 394 13.99 -8.57 21.42
CA GLY C 394 12.64 -9.10 21.35
C GLY C 394 12.24 -9.43 19.92
N TYR C 395 10.93 -9.54 19.71
CA TYR C 395 10.39 -9.89 18.41
C TYR C 395 10.02 -8.64 17.60
N HIS C 396 10.46 -8.61 16.34
CA HIS C 396 10.20 -7.53 15.40
C HIS C 396 9.17 -7.96 14.35
N GLN C 397 8.15 -7.14 14.13
CA GLN C 397 7.14 -7.41 13.11
C GLN C 397 7.32 -6.46 11.94
N SER C 398 7.60 -7.01 10.77
CA SER C 398 7.88 -6.21 9.61
C SER C 398 7.21 -6.81 8.39
N ARG C 399 7.03 -5.97 7.39
CA ARG C 399 6.74 -6.39 6.03
C ARG C 399 6.96 -5.18 5.16
N TRP C 400 7.04 -5.41 3.87
CA TRP C 400 6.98 -4.37 2.86
C TRP C 400 5.57 -4.40 2.32
N ASN C 401 4.67 -3.50 2.75
CA ASN C 401 4.85 -2.38 3.66
C ASN C 401 3.57 -2.30 4.53
N TYR C 402 3.64 -1.71 5.73
CA TYR C 402 2.41 -1.30 6.40
C TYR C 402 1.98 0.02 5.77
N ARG C 403 0.70 0.12 5.41
CA ARG C 403 0.32 1.16 4.45
C ARG C 403 0.23 2.56 5.08
N ASP C 404 -0.22 2.67 6.32
CA ASP C 404 -0.40 3.99 6.92
C ASP C 404 -0.34 3.83 8.43
N GLU C 405 -0.47 4.97 9.12
CA GLU C 405 -0.46 4.98 10.59
C GLU C 405 -1.54 4.08 11.17
N ALA C 406 -2.75 4.09 10.60
CA ALA C 406 -3.81 3.23 11.09
C ALA C 406 -3.44 1.77 10.99
N ASP C 407 -2.82 1.37 9.88
CA ASP C 407 -2.39 -0.01 9.73
C ASP C 407 -1.40 -0.38 10.84
N VAL C 408 -0.43 0.51 11.12
CA VAL C 408 0.54 0.29 12.19
C VAL C 408 -0.17 0.09 13.52
N LEU C 409 -1.13 0.96 13.84
CA LEU C 409 -1.82 0.84 15.13
C LEU C 409 -2.73 -0.38 15.19
N GLU C 410 -3.26 -0.84 14.06
CA GLU C 410 -4.02 -2.08 14.05
C GLU C 410 -3.13 -3.28 14.31
N VAL C 411 -1.94 -3.29 13.72
CA VAL C 411 -0.99 -4.36 13.97
C VAL C 411 -0.62 -4.37 15.45
N ASP C 412 -0.37 -3.20 16.03
CA ASP C 412 -0.07 -3.12 17.45
C ASP C 412 -1.21 -3.71 18.27
N GLN C 413 -2.44 -3.32 17.98
CA GLN C 413 -3.58 -3.81 18.74
C GLN C 413 -3.77 -5.30 18.56
N GLY C 414 -3.50 -5.80 17.36
CA GLY C 414 -3.72 -7.21 17.08
C GLY C 414 -2.84 -8.10 17.92
N PHE C 415 -1.58 -7.68 18.14
CA PHE C 415 -0.71 -8.42 19.04
C PHE C 415 -1.34 -8.54 20.42
N ASP C 416 -1.87 -7.43 20.94
CA ASP C 416 -2.45 -7.46 22.28
C ASP C 416 -3.77 -8.22 22.30
N ASP C 417 -4.62 -8.04 21.29
CA ASP C 417 -5.87 -8.77 21.22
C ASP C 417 -5.67 -10.27 21.09
N HIS C 418 -4.52 -10.71 20.59
CA HIS C 418 -4.26 -12.14 20.40
C HIS C 418 -3.18 -12.64 21.33
N ASN C 419 -2.81 -11.84 22.32
CA ASN C 419 -1.89 -12.24 23.38
C ASN C 419 -0.58 -12.79 22.81
N MET C 420 0.12 -11.94 22.04
CA MET C 420 1.42 -12.29 21.48
C MET C 420 2.39 -11.15 21.77
N PRO C 421 3.58 -11.43 22.31
CA PRO C 421 4.53 -10.35 22.57
C PRO C 421 5.13 -9.82 21.29
N CYS C 422 5.44 -8.53 21.28
CA CYS C 422 6.16 -7.89 20.18
C CYS C 422 6.73 -6.58 20.70
N ASP C 423 7.98 -6.28 20.33
CA ASP C 423 8.64 -5.06 20.78
C ASP C 423 8.69 -3.95 19.75
N VAL C 424 8.87 -4.29 18.46
CA VAL C 424 9.09 -3.32 17.39
C VAL C 424 8.22 -3.64 16.17
N ILE C 425 7.57 -2.62 15.62
CA ILE C 425 6.91 -2.67 14.32
C ILE C 425 7.74 -1.84 13.34
N TRP C 426 7.92 -2.34 12.13
CA TRP C 426 8.82 -1.73 11.16
C TRP C 426 8.08 -1.03 10.03
N LEU C 427 8.72 0.00 9.48
CA LEU C 427 8.21 0.83 8.38
C LEU C 427 9.20 0.77 7.22
N ASP C 428 8.85 0.05 6.17
CA ASP C 428 9.73 -0.12 5.01
C ASP C 428 9.56 1.10 4.10
N ILE C 429 10.08 1.04 2.87
CA ILE C 429 10.29 2.27 2.10
C ILE C 429 9.02 3.03 1.76
N GLU C 430 7.86 2.38 1.80
CA GLU C 430 6.66 3.11 1.40
C GLU C 430 6.19 4.12 2.43
N HIS C 431 6.81 4.17 3.61
CA HIS C 431 6.41 5.15 4.62
C HIS C 431 6.90 6.55 4.29
N ALA C 432 7.88 6.66 3.40
CA ALA C 432 8.46 7.96 3.07
C ALA C 432 7.75 8.57 1.88
N ASP C 433 8.10 9.82 1.57
CA ASP C 433 7.51 10.54 0.43
C ASP C 433 8.30 10.13 -0.81
N GLY C 434 7.73 9.19 -1.56
CA GLY C 434 8.34 8.75 -2.80
C GLY C 434 9.77 8.35 -2.64
N LYS C 435 10.08 7.66 -1.54
CA LYS C 435 11.41 7.14 -1.25
C LYS C 435 12.43 8.26 -1.05
N ARG C 436 11.98 9.43 -0.60
CA ARG C 436 12.89 10.46 -0.11
C ARG C 436 13.09 10.23 1.37
N TYR C 437 14.27 9.72 1.75
CA TYR C 437 14.45 9.29 3.13
C TYR C 437 14.49 10.48 4.07
N PHE C 438 14.25 10.22 5.36
CA PHE C 438 14.01 11.22 6.40
C PHE C 438 12.71 11.97 6.20
N THR C 439 11.81 11.49 5.36
CA THR C 439 10.53 12.14 5.15
C THR C 439 9.39 11.17 5.44
N TRP C 440 8.18 11.70 5.44
CA TRP C 440 6.97 10.92 5.67
C TRP C 440 5.98 11.21 4.56
N ASP C 441 5.30 10.16 4.07
CA ASP C 441 4.28 10.40 3.07
C ASP C 441 3.22 11.32 3.66
N PRO C 442 2.87 12.41 2.96
CA PRO C 442 1.99 13.42 3.59
C PRO C 442 0.58 12.92 3.83
N THR C 443 0.13 11.89 3.12
CA THR C 443 -1.22 11.38 3.28
C THR C 443 -1.29 10.22 4.27
N ARG C 444 -0.44 9.21 4.08
CA ARG C 444 -0.58 8.00 4.86
C ARG C 444 0.17 8.06 6.19
N PHE C 445 1.13 8.97 6.31
CA PHE C 445 1.85 9.18 7.57
C PHE C 445 1.92 10.67 7.90
N PRO C 446 0.74 11.33 8.08
CA PRO C 446 0.72 12.77 8.32
C PRO C 446 1.15 13.19 9.72
N GLN C 447 0.97 12.33 10.72
CA GLN C 447 1.28 12.67 12.12
C GLN C 447 2.21 11.62 12.73
N PRO C 448 3.48 11.59 12.31
CA PRO C 448 4.37 10.53 12.83
C PRO C 448 4.57 10.58 14.33
N LEU C 449 4.65 11.76 14.92
CA LEU C 449 4.81 11.85 16.36
C LEU C 449 3.64 11.22 17.11
N ASN C 450 2.42 11.43 16.62
CA ASN C 450 1.27 10.80 17.28
C ASN C 450 1.35 9.28 17.17
N MET C 451 1.77 8.77 16.02
CA MET C 451 1.94 7.32 15.91
C MET C 451 3.00 6.82 16.87
N LEU C 452 4.14 7.50 16.96
CA LEU C 452 5.19 7.05 17.88
C LEU C 452 4.73 7.16 19.33
N GLU C 453 3.97 8.20 19.66
CA GLU C 453 3.47 8.35 21.01
C GLU C 453 2.48 7.25 21.38
N HIS C 454 1.61 6.83 20.44
CA HIS C 454 0.72 5.71 20.74
CA HIS C 454 0.71 5.70 20.69
C HIS C 454 1.50 4.42 20.95
N LEU C 455 2.60 4.23 20.20
CA LEU C 455 3.41 3.05 20.40
C LEU C 455 4.14 3.10 21.74
N ALA C 456 4.56 4.30 22.15
CA ALA C 456 5.23 4.46 23.44
C ALA C 456 4.30 4.12 24.59
N SER C 457 3.02 4.47 24.48
CA SER C 457 2.10 4.18 25.57
C SER C 457 1.83 2.69 25.71
N LYS C 458 2.03 1.92 24.63
CA LYS C 458 2.09 0.48 24.66
C LYS C 458 3.50 -0.04 24.98
N ARG C 459 4.46 0.88 25.16
CA ARG C 459 5.84 0.52 25.51
C ARG C 459 6.48 -0.32 24.41
N ARG C 460 6.25 0.10 23.19
CA ARG C 460 6.82 -0.51 22.00
C ARG C 460 7.59 0.55 21.23
N LYS C 461 8.44 0.08 20.33
CA LYS C 461 9.32 0.91 19.52
C LYS C 461 8.89 0.79 18.05
N LEU C 462 9.56 1.58 17.21
CA LEU C 462 9.38 1.58 15.77
C LEU C 462 10.73 1.70 15.07
N VAL C 463 10.87 1.02 13.92
CA VAL C 463 12.05 1.17 13.06
C VAL C 463 11.61 1.73 11.71
N ALA C 464 12.27 2.78 11.25
CA ALA C 464 12.03 3.34 9.93
C ALA C 464 13.28 3.13 9.06
N ILE C 465 13.06 2.76 7.79
CA ILE C 465 14.17 2.49 6.88
C ILE C 465 14.75 3.81 6.38
N VAL C 466 16.07 3.88 6.30
CA VAL C 466 16.79 5.02 5.74
C VAL C 466 17.90 4.41 4.91
N ASP C 467 17.79 4.50 3.60
CA ASP C 467 18.74 3.94 2.67
C ASP C 467 19.75 5.00 2.27
N PRO C 468 20.92 4.60 1.78
CA PRO C 468 21.98 5.58 1.46
C PRO C 468 21.88 6.19 0.08
N HIS C 469 20.80 6.06 -0.66
CA HIS C 469 20.69 6.74 -1.95
C HIS C 469 19.71 7.91 -1.83
N ILE C 470 20.08 9.05 -2.41
CA ILE C 470 19.32 10.29 -2.26
C ILE C 470 18.73 10.69 -3.61
N LYS C 471 17.41 10.81 -3.67
CA LYS C 471 16.72 11.12 -4.93
C LYS C 471 17.21 12.43 -5.54
N VAL C 472 17.55 12.39 -6.82
CA VAL C 472 17.95 13.62 -7.49
C VAL C 472 16.69 14.46 -7.71
N ASP C 473 16.51 15.46 -6.84
CA ASP C 473 15.26 16.20 -6.79
C ASP C 473 15.58 17.51 -6.11
N SER C 474 15.49 18.60 -6.86
CA SER C 474 15.85 19.90 -6.32
C SER C 474 14.87 20.40 -5.28
N GLY C 475 13.72 19.75 -5.10
CA GLY C 475 12.86 20.11 -4.00
C GLY C 475 13.13 19.35 -2.71
N TYR C 476 14.04 18.39 -2.76
CA TYR C 476 14.40 17.52 -1.64
C TYR C 476 15.55 18.18 -0.89
N ARG C 477 15.30 18.67 0.32
CA ARG C 477 16.33 19.46 1.01
C ARG C 477 17.59 18.64 1.23
N VAL C 478 17.44 17.35 1.54
CA VAL C 478 18.60 16.51 1.77
C VAL C 478 19.49 16.47 0.55
N HIS C 479 18.89 16.34 -0.63
CA HIS C 479 19.68 16.33 -1.86
C HIS C 479 20.37 17.67 -2.09
N GLU C 480 19.67 18.77 -1.82
CA GLU C 480 20.28 20.05 -2.12
C GLU C 480 21.47 20.30 -1.21
N GLU C 481 21.34 19.97 0.08
CA GLU C 481 22.46 20.16 1.00
C GLU C 481 23.67 19.33 0.58
N LEU C 482 23.47 18.04 0.28
CA LEU C 482 24.62 17.22 -0.07
C LEU C 482 25.27 17.68 -1.36
N ARG C 483 24.45 18.06 -2.34
CA ARG C 483 24.98 18.57 -3.61
C ARG C 483 25.72 19.89 -3.40
N ASN C 484 25.19 20.77 -2.56
CA ASN C 484 25.82 22.07 -2.34
C ASN C 484 27.14 21.97 -1.56
N HIS C 485 27.33 20.89 -0.78
CA HIS C 485 28.52 20.68 0.03
C HIS C 485 29.45 19.64 -0.56
N GLY C 486 29.20 19.20 -1.78
CA GLY C 486 30.12 18.27 -2.40
C GLY C 486 30.28 16.96 -1.67
N LEU C 487 29.22 16.48 -1.02
CA LEU C 487 29.32 15.27 -0.23
C LEU C 487 28.93 14.03 -1.00
N TYR C 488 28.77 14.15 -2.32
CA TYR C 488 28.37 13.02 -3.15
C TYR C 488 29.58 12.32 -3.75
N VAL C 489 29.42 11.02 -4.01
CA VAL C 489 30.40 10.28 -4.79
C VAL C 489 30.45 10.86 -6.19
N LYS C 490 31.66 10.92 -6.77
CA LYS C 490 31.83 11.59 -8.04
C LYS C 490 32.28 10.66 -9.15
N THR C 491 32.10 11.15 -10.38
CA THR C 491 32.65 10.55 -11.59
C THR C 491 33.95 11.27 -11.96
N ARG C 492 34.64 10.72 -12.98
CA ARG C 492 35.92 11.28 -13.36
C ARG C 492 35.80 12.68 -13.93
N ASP C 493 34.66 13.04 -14.53
CA ASP C 493 34.47 14.38 -15.06
C ASP C 493 34.14 15.43 -14.00
N GLY C 494 33.96 15.06 -12.73
CA GLY C 494 33.74 16.03 -11.67
C GLY C 494 32.30 16.25 -11.24
N SER C 495 31.33 15.64 -11.88
CA SER C 495 29.96 15.76 -11.43
C SER C 495 29.60 14.59 -10.50
N ASP C 496 28.51 14.77 -9.76
CA ASP C 496 28.07 13.76 -8.80
C ASP C 496 27.55 12.53 -9.52
N TYR C 497 27.93 11.36 -9.03
CA TYR C 497 27.44 10.12 -9.61
C TYR C 497 25.92 10.08 -9.49
N GLU C 498 25.27 9.60 -10.55
CA GLU C 498 23.83 9.39 -10.53
C GLU C 498 23.54 7.98 -11.00
N GLY C 499 22.88 7.21 -10.16
CA GLY C 499 22.41 5.91 -10.56
C GLY C 499 20.91 5.83 -10.36
N TRP C 500 20.40 4.60 -10.34
CA TRP C 500 18.97 4.35 -10.26
C TRP C 500 18.69 3.40 -9.12
N CYS C 501 17.75 3.81 -8.26
CA CYS C 501 17.27 2.94 -7.21
C CYS C 501 15.80 3.30 -6.96
N TRP C 502 15.29 3.00 -5.78
CA TRP C 502 13.86 3.13 -5.50
C TRP C 502 13.25 4.50 -5.87
N PRO C 503 13.90 5.62 -5.69
CA PRO C 503 13.23 6.88 -6.06
C PRO C 503 13.48 7.30 -7.50
N GLY C 504 13.91 6.38 -8.34
CA GLY C 504 14.34 6.73 -9.69
C GLY C 504 15.82 7.10 -9.69
N SER C 505 16.15 8.22 -10.33
CA SER C 505 17.54 8.66 -10.36
C SER C 505 17.98 9.13 -8.98
N ALA C 506 19.16 8.68 -8.56
CA ALA C 506 19.61 8.93 -7.19
C ALA C 506 21.11 9.11 -7.15
N SER C 507 21.57 9.88 -6.19
CA SER C 507 22.99 10.03 -5.91
C SER C 507 23.35 9.36 -4.60
N TYR C 508 24.63 9.10 -4.43
CA TYR C 508 25.14 8.31 -3.33
C TYR C 508 26.06 9.18 -2.49
N PRO C 509 25.71 9.47 -1.23
CA PRO C 509 26.63 10.22 -0.37
C PRO C 509 27.92 9.45 -0.21
N ASP C 510 29.03 10.19 -0.14
CA ASP C 510 30.33 9.56 -0.01
C ASP C 510 30.57 9.26 1.46
N PHE C 511 30.15 8.09 1.90
CA PHE C 511 30.26 7.77 3.32
C PHE C 511 31.69 7.53 3.77
N THR C 512 32.66 7.34 2.85
CA THR C 512 34.07 7.26 3.24
C THR C 512 34.60 8.61 3.70
N ASN C 513 33.93 9.69 3.37
CA ASN C 513 34.38 11.01 3.79
C ASN C 513 33.91 11.31 5.20
N PRO C 514 34.80 11.63 6.13
CA PRO C 514 34.35 11.91 7.50
C PRO C 514 33.42 13.10 7.60
N ARG C 515 33.51 14.09 6.71
CA ARG C 515 32.57 15.20 6.79
C ARG C 515 31.15 14.74 6.44
N MET C 516 31.04 13.81 5.49
CA MET C 516 29.77 13.18 5.14
C MET C 516 29.17 12.43 6.33
N ARG C 517 29.97 11.58 6.97
CA ARG C 517 29.47 10.85 8.13
C ARG C 517 28.99 11.80 9.22
N ALA C 518 29.70 12.91 9.42
CA ALA C 518 29.27 13.87 10.43
C ALA C 518 27.92 14.48 10.10
N TRP C 519 27.72 14.85 8.83
CA TRP C 519 26.43 15.39 8.37
C TRP C 519 25.31 14.38 8.60
N TRP C 520 25.52 13.14 8.15
CA TRP C 520 24.54 12.08 8.29
C TRP C 520 24.15 11.88 9.74
N SER C 521 25.14 11.84 10.63
CA SER C 521 24.85 11.66 12.05
CA SER C 521 24.85 11.65 12.04
C SER C 521 24.02 12.81 12.59
N ASN C 522 24.35 14.03 12.19
CA ASN C 522 23.61 15.18 12.65
C ASN C 522 22.20 15.22 12.07
N MET C 523 21.98 14.58 10.93
CA MET C 523 20.64 14.51 10.33
C MET C 523 19.64 13.75 11.20
N PHE C 524 20.10 12.87 12.10
CA PHE C 524 19.20 12.14 12.97
C PHE C 524 18.82 12.90 14.23
N SER C 525 19.22 14.16 14.35
CA SER C 525 18.77 14.94 15.49
C SER C 525 17.27 15.20 15.38
N PHE C 526 16.61 15.29 16.53
CA PHE C 526 15.16 15.42 16.51
C PHE C 526 14.70 16.67 15.76
N ASP C 527 15.58 17.69 15.65
CA ASP C 527 15.29 18.89 14.86
C ASP C 527 15.45 18.65 13.35
N ASN C 528 16.41 17.83 12.94
CA ASN C 528 16.59 17.62 11.52
C ASN C 528 15.65 16.55 10.99
N TYR C 529 15.58 15.41 11.67
CA TYR C 529 14.68 14.33 11.29
C TYR C 529 13.32 14.61 11.92
N GLU C 530 12.57 15.49 11.27
CA GLU C 530 11.26 15.87 11.76
C GLU C 530 10.32 14.66 11.77
N GLY C 531 9.53 14.57 12.85
CA GLY C 531 8.65 13.44 13.05
C GLY C 531 9.26 12.28 13.78
N SER C 532 10.58 12.29 14.02
CA SER C 532 11.22 11.24 14.80
C SER C 532 11.12 11.53 16.30
N ALA C 533 11.26 10.46 17.07
CA ALA C 533 11.13 10.50 18.52
C ALA C 533 12.08 9.45 19.08
N PRO C 534 12.30 9.46 20.40
CA PRO C 534 13.30 8.53 20.99
C PRO C 534 12.99 7.04 20.83
N ASN C 535 11.74 6.64 20.59
CA ASN C 535 11.46 5.25 20.33
C ASN C 535 11.44 4.91 18.82
N LEU C 536 12.02 5.76 17.98
CA LEU C 536 12.21 5.44 16.57
C LEU C 536 13.66 5.05 16.32
N TYR C 537 13.86 3.88 15.75
CA TYR C 537 15.19 3.39 15.40
C TYR C 537 15.26 3.15 13.89
N VAL C 538 16.41 2.71 13.41
CA VAL C 538 16.72 2.85 11.99
C VAL C 538 17.16 1.53 11.37
N TRP C 539 16.80 1.36 10.09
CA TRP C 539 17.19 0.23 9.25
C TRP C 539 17.93 0.79 8.03
N ASN C 540 19.20 0.41 7.88
CA ASN C 540 20.00 0.76 6.70
C ASN C 540 19.97 -0.40 5.72
N ASP C 541 19.40 -0.18 4.54
CA ASP C 541 19.30 -1.19 3.50
C ASP C 541 20.02 -0.70 2.23
N MET C 542 20.28 -1.64 1.30
CA MET C 542 20.85 -1.35 -0.02
C MET C 542 22.21 -0.67 0.07
N ASN C 543 22.95 -0.89 1.17
CA ASN C 543 24.16 -0.13 1.39
C ASN C 543 25.41 -0.83 0.85
N GLU C 544 25.23 -1.71 -0.13
CA GLU C 544 26.36 -2.34 -0.79
C GLU C 544 27.34 -1.38 -1.48
N PRO C 545 26.92 -0.33 -2.21
CA PRO C 545 25.59 0.21 -2.51
C PRO C 545 24.93 -0.49 -3.68
N SER C 546 23.61 -0.61 -3.60
CA SER C 546 22.80 -1.15 -4.69
C SER C 546 22.53 -0.04 -5.71
N VAL C 547 22.78 -0.34 -6.99
CA VAL C 547 22.55 0.57 -8.10
C VAL C 547 21.93 -0.25 -9.22
N PHE C 548 20.67 0.03 -9.56
CA PHE C 548 19.93 -0.89 -10.42
C PHE C 548 20.53 -0.98 -11.82
N ASN C 549 20.97 0.16 -12.37
CA ASN C 549 21.61 0.20 -13.68
C ASN C 549 23.13 0.09 -13.62
N GLY C 550 23.72 -0.25 -12.48
CA GLY C 550 25.15 -0.34 -12.34
C GLY C 550 25.64 -1.74 -12.63
N PRO C 551 26.95 -1.90 -12.78
CA PRO C 551 27.51 -3.22 -13.10
C PRO C 551 27.29 -4.16 -11.93
N GLU C 552 26.71 -5.33 -12.21
CA GLU C 552 26.39 -6.31 -11.17
C GLU C 552 25.52 -5.70 -10.09
N VAL C 553 24.75 -4.68 -10.45
CA VAL C 553 23.81 -3.96 -9.60
C VAL C 553 24.53 -3.18 -8.50
N THR C 554 25.72 -2.66 -8.79
CA THR C 554 26.39 -1.81 -7.82
C THR C 554 27.14 -0.71 -8.56
N MET C 555 27.89 0.08 -7.81
CA MET C 555 28.55 1.28 -8.34
C MET C 555 29.74 0.96 -9.24
N LEU C 556 29.96 1.84 -10.21
CA LEU C 556 31.09 1.72 -11.14
C LEU C 556 32.41 1.68 -10.40
N LYS C 557 33.34 0.84 -10.88
CA LYS C 557 34.65 0.72 -10.24
C LYS C 557 35.43 2.03 -10.25
N ASP C 558 35.19 2.89 -11.26
CA ASP C 558 35.99 4.10 -11.45
C ASP C 558 35.32 5.36 -10.94
N ALA C 559 34.24 5.23 -10.18
CA ALA C 559 33.76 6.37 -9.41
C ALA C 559 34.82 6.73 -8.37
N VAL C 560 34.79 7.98 -7.93
CA VAL C 560 35.87 8.52 -7.10
C VAL C 560 35.31 9.01 -5.77
N HIS C 561 36.01 8.66 -4.68
CA HIS C 561 35.63 9.02 -3.31
C HIS C 561 36.64 9.97 -2.71
N TYR C 562 36.40 10.27 -1.43
CA TYR C 562 37.27 11.14 -0.65
C TYR C 562 38.73 10.73 -0.79
N GLY C 563 39.62 11.71 -0.89
CA GLY C 563 41.03 11.40 -1.08
C GLY C 563 41.41 10.95 -2.49
N GLY C 564 40.49 11.01 -3.44
CA GLY C 564 40.83 10.58 -4.77
C GLY C 564 40.77 9.09 -4.97
N TRP C 565 40.38 8.34 -3.96
CA TRP C 565 40.37 6.89 -4.08
C TRP C 565 39.24 6.44 -4.99
N GLU C 566 39.50 5.37 -5.72
CA GLU C 566 38.49 4.80 -6.59
C GLU C 566 37.53 3.93 -5.77
N HIS C 567 36.35 3.70 -6.35
CA HIS C 567 35.39 2.85 -5.65
C HIS C 567 35.91 1.43 -5.48
N ARG C 568 36.74 0.94 -6.43
CA ARG C 568 37.32 -0.39 -6.29
C ARG C 568 38.24 -0.49 -5.07
N ASP C 569 38.82 0.62 -4.64
CA ASP C 569 39.67 0.61 -3.46
C ASP C 569 38.86 0.41 -2.19
N ILE C 570 37.66 1.00 -2.12
CA ILE C 570 36.97 1.18 -0.85
C ILE C 570 35.68 0.36 -0.76
N HIS C 571 35.31 -0.40 -1.78
CA HIS C 571 33.94 -0.89 -1.94
C HIS C 571 33.39 -1.61 -0.70
N ASN C 572 34.15 -2.57 -0.16
CA ASN C 572 33.57 -3.43 0.87
C ASN C 572 33.43 -2.78 2.25
N ILE C 573 33.82 -1.51 2.42
CA ILE C 573 33.57 -0.79 3.67
C ILE C 573 32.58 0.36 3.46
N TYR C 574 31.99 0.48 2.26
CA TYR C 574 30.98 1.51 2.04
C TYR C 574 29.77 1.30 2.97
N GLY C 575 29.30 0.06 3.08
CA GLY C 575 28.14 -0.20 3.91
C GLY C 575 28.43 -0.05 5.40
N LEU C 576 29.61 -0.50 5.84
CA LEU C 576 29.99 -0.34 7.23
C LEU C 576 29.96 1.12 7.66
N TYR C 577 30.44 2.02 6.79
CA TYR C 577 30.42 3.45 7.09
C TYR C 577 28.99 3.96 7.24
N VAL C 578 28.05 3.44 6.44
CA VAL C 578 26.65 3.84 6.55
C VAL C 578 26.11 3.43 7.91
N HIS C 579 26.32 2.16 8.24
CA HIS C 579 25.92 1.59 9.52
C HIS C 579 26.50 2.37 10.69
N MET C 580 27.78 2.74 10.57
CA MET C 580 28.49 3.48 11.62
C MET C 580 27.94 4.87 11.82
N ALA C 581 27.80 5.65 10.74
CA ALA C 581 27.31 7.01 10.85
C ALA C 581 25.88 7.04 11.36
N THR C 582 25.06 6.04 10.95
CA THR C 582 23.68 5.97 11.44
C THR C 582 23.66 5.71 12.94
N ALA C 583 24.42 4.71 13.40
CA ALA C 583 24.43 4.40 14.83
C ALA C 583 24.93 5.59 15.64
N ASP C 584 25.98 6.27 15.16
CA ASP C 584 26.43 7.49 15.84
C ASP C 584 25.35 8.56 15.83
N GLY C 585 24.52 8.60 14.79
CA GLY C 585 23.45 9.59 14.77
C GLY C 585 22.43 9.35 15.86
N LEU C 586 22.09 8.08 16.10
CA LEU C 586 21.14 7.72 17.15
C LEU C 586 21.72 7.94 18.53
N ILE C 587 23.04 7.79 18.68
CA ILE C 587 23.66 8.11 19.97
C ILE C 587 23.69 9.62 20.17
N GLN C 588 24.14 10.36 19.14
CA GLN C 588 24.29 11.80 19.28
C GLN C 588 22.96 12.47 19.59
N ARG C 589 21.89 12.06 18.92
CA ARG C 589 20.62 12.75 19.05
C ARG C 589 20.10 12.70 20.49
N SER C 590 20.64 11.79 21.30
CA SER C 590 20.25 11.66 22.71
C SER C 590 21.19 12.39 23.65
N GLY C 591 22.25 13.00 23.14
CA GLY C 591 23.26 13.56 24.00
C GLY C 591 24.25 12.54 24.50
N GLY C 592 24.43 11.44 23.77
CA GLY C 592 25.35 10.39 24.14
C GLY C 592 24.84 9.41 25.15
N ILE C 593 23.54 9.42 25.47
CA ILE C 593 23.04 8.58 26.55
C ILE C 593 22.53 7.23 26.04
N GLU C 594 21.75 7.24 24.94
CA GLU C 594 21.01 6.05 24.51
C GLU C 594 21.82 5.13 23.61
N ARG C 595 21.68 3.85 23.84
CA ARG C 595 22.33 2.92 22.92
C ARG C 595 21.56 2.85 21.61
N PRO C 596 22.25 2.67 20.50
CA PRO C 596 21.57 2.61 19.20
C PRO C 596 21.00 1.23 18.92
N PHE C 597 20.10 1.19 17.94
CA PHE C 597 19.82 -0.05 17.21
C PHE C 597 19.74 0.28 15.72
N VAL C 598 20.61 -0.34 14.93
CA VAL C 598 20.62 -0.19 13.48
C VAL C 598 20.85 -1.56 12.86
N LEU C 599 19.96 -1.94 11.96
CA LEU C 599 20.12 -3.10 11.11
C LEU C 599 20.73 -2.67 9.79
N SER C 600 21.70 -3.44 9.31
CA SER C 600 22.40 -3.13 8.08
C SER C 600 22.48 -4.37 7.19
N ARG C 601 22.39 -4.19 5.87
CA ARG C 601 22.48 -5.36 4.99
C ARG C 601 23.92 -5.67 4.57
N ALA C 602 24.68 -4.67 4.18
CA ALA C 602 26.09 -4.81 3.87
C ALA C 602 26.92 -4.59 5.13
N PHE C 603 28.09 -5.23 5.19
CA PHE C 603 28.93 -5.16 6.38
C PHE C 603 30.37 -5.54 6.03
N PHE C 604 31.26 -5.28 6.97
CA PHE C 604 32.67 -5.59 6.82
C PHE C 604 33.21 -6.03 8.18
N SER C 605 34.49 -6.39 8.24
CA SER C 605 35.17 -6.57 9.52
C SER C 605 34.96 -5.33 10.37
N GLY C 606 34.55 -5.52 11.62
CA GLY C 606 34.26 -4.42 12.49
C GLY C 606 32.81 -3.94 12.49
N SER C 607 31.98 -4.41 11.56
CA SER C 607 30.57 -4.02 11.56
C SER C 607 29.88 -4.42 12.86
N GLN C 608 30.42 -5.41 13.56
CA GLN C 608 29.86 -5.87 14.82
C GLN C 608 29.71 -4.73 15.82
N ARG C 609 30.49 -3.67 15.66
CA ARG C 609 30.47 -2.54 16.59
C ARG C 609 29.22 -1.68 16.49
N PHE C 610 28.39 -1.85 15.44
CA PHE C 610 27.31 -0.88 15.19
C PHE C 610 25.90 -1.43 15.19
N GLY C 611 25.70 -2.74 15.40
CA GLY C 611 24.38 -3.27 15.58
C GLY C 611 24.16 -4.65 14.98
N ALA C 612 23.09 -4.80 14.19
CA ALA C 612 22.69 -6.08 13.66
C ALA C 612 22.83 -6.13 12.14
N VAL C 613 22.85 -7.36 11.61
CA VAL C 613 22.78 -7.62 10.19
C VAL C 613 21.80 -8.78 9.96
N TRP C 614 21.36 -8.93 8.71
CA TRP C 614 20.53 -10.08 8.34
C TRP C 614 20.92 -10.54 6.93
N THR C 615 20.47 -11.75 6.58
CA THR C 615 20.90 -12.44 5.36
C THR C 615 20.14 -11.99 4.11
N GLY C 616 19.57 -10.78 4.12
CA GLY C 616 18.97 -10.22 2.90
C GLY C 616 17.72 -10.97 2.48
N ASP C 617 17.53 -11.08 1.16
CA ASP C 617 16.27 -11.56 0.61
C ASP C 617 16.31 -13.08 0.43
N ASN C 618 16.00 -13.77 1.51
CA ASN C 618 15.81 -15.22 1.43
C ASN C 618 14.43 -15.46 0.83
N THR C 619 14.01 -16.73 0.80
CA THR C 619 12.80 -17.17 0.10
C THR C 619 12.00 -18.09 1.00
N ALA C 620 10.67 -18.04 0.86
CA ALA C 620 9.80 -18.87 1.68
C ALA C 620 9.86 -20.36 1.31
N GLU C 621 10.98 -21.03 1.57
CA GLU C 621 11.12 -22.44 1.25
C GLU C 621 11.88 -23.15 2.36
N TRP C 622 11.64 -24.46 2.47
CA TRP C 622 12.21 -25.25 3.57
C TRP C 622 13.74 -25.23 3.54
N ASP C 623 14.34 -25.12 2.36
CA ASP C 623 15.79 -25.10 2.31
C ASP C 623 16.36 -23.76 2.77
N HIS C 624 15.65 -22.68 2.51
CA HIS C 624 16.09 -21.39 3.04
C HIS C 624 15.99 -21.36 4.55
N LEU C 625 14.96 -22.01 5.12
CA LEU C 625 14.89 -22.14 6.57
C LEU C 625 16.12 -22.83 7.13
N LYS C 626 16.50 -23.97 6.55
CA LYS C 626 17.67 -24.72 7.01
C LYS C 626 18.96 -23.89 6.93
N ILE C 627 19.12 -23.08 5.88
CA ILE C 627 20.42 -22.43 5.66
C ILE C 627 20.66 -21.25 6.59
N SER C 628 19.64 -20.80 7.33
CA SER C 628 19.85 -19.71 8.28
C SER C 628 20.88 -20.10 9.33
N ILE C 629 20.90 -21.36 9.76
CA ILE C 629 21.85 -21.79 10.79
C ILE C 629 23.29 -21.64 10.28
N PRO C 630 23.70 -22.26 9.17
CA PRO C 630 25.10 -22.07 8.74
C PRO C 630 25.43 -20.63 8.41
N MET C 631 24.47 -19.86 7.90
CA MET C 631 24.79 -18.49 7.51
C MET C 631 25.03 -17.62 8.73
N CYS C 632 24.16 -17.71 9.74
CA CYS C 632 24.41 -16.95 10.96
C CYS C 632 25.56 -17.53 11.77
N LEU C 633 25.76 -18.85 11.71
CA LEU C 633 26.92 -19.43 12.39
C LEU C 633 28.22 -18.94 11.77
N SER C 634 28.26 -18.84 10.45
CA SER C 634 29.48 -18.37 9.81
C SER C 634 29.74 -16.89 10.11
N LEU C 635 28.68 -16.12 10.38
CA LEU C 635 28.86 -14.73 10.81
C LEU C 635 29.29 -14.63 12.27
N ALA C 636 28.75 -15.48 13.14
CA ALA C 636 29.15 -15.51 14.55
C ALA C 636 30.65 -15.72 14.70
N LEU C 637 31.22 -16.65 13.94
CA LEU C 637 32.63 -17.00 14.07
C LEU C 637 33.55 -15.82 13.82
N VAL C 638 33.13 -14.86 12.99
CA VAL C 638 33.96 -13.73 12.60
C VAL C 638 33.51 -12.45 13.29
N GLY C 639 32.77 -12.58 14.39
CA GLY C 639 32.51 -11.47 15.27
C GLY C 639 31.11 -10.89 15.19
N LEU C 640 30.31 -11.29 14.22
CA LEU C 640 28.99 -10.69 14.04
C LEU C 640 27.97 -11.58 14.74
N SER C 641 27.72 -11.28 16.02
CA SER C 641 26.82 -12.09 16.84
C SER C 641 25.35 -11.74 16.65
N PHE C 642 25.07 -10.56 16.12
CA PHE C 642 23.69 -10.06 16.02
C PHE C 642 23.17 -10.29 14.60
N CYS C 643 22.89 -11.56 14.30
CA CYS C 643 22.55 -12.05 12.96
C CYS C 643 21.17 -12.69 12.99
N GLY C 644 20.48 -12.66 11.84
CA GLY C 644 19.18 -13.32 11.71
C GLY C 644 18.75 -13.43 10.27
N ALA C 645 17.66 -14.14 10.05
CA ALA C 645 17.09 -14.27 8.73
C ALA C 645 15.60 -13.95 8.77
N ASP C 646 15.07 -13.40 7.68
CA ASP C 646 13.65 -13.05 7.61
C ASP C 646 12.80 -14.26 7.93
N VAL C 647 12.03 -14.15 9.01
CA VAL C 647 11.15 -15.22 9.47
C VAL C 647 9.94 -15.30 8.55
N GLY C 648 9.75 -16.45 7.93
CA GLY C 648 8.74 -16.64 6.91
C GLY C 648 9.30 -16.66 5.50
N GLY C 649 10.49 -16.10 5.29
CA GLY C 649 11.08 -15.93 3.98
C GLY C 649 10.64 -14.60 3.39
N PHE C 650 11.51 -13.93 2.67
CA PHE C 650 11.15 -12.64 2.07
C PHE C 650 10.26 -12.82 0.84
N PHE C 651 10.72 -13.59 -0.16
CA PHE C 651 9.97 -13.85 -1.38
C PHE C 651 8.92 -14.94 -1.14
N LYS C 652 7.77 -14.81 -1.83
CA LYS C 652 6.74 -15.84 -1.84
C LYS C 652 6.03 -16.00 -0.50
N ASN C 653 5.02 -16.88 -0.49
CA ASN C 653 4.14 -17.04 0.65
C ASN C 653 4.39 -18.39 1.30
N PRO C 654 4.80 -18.42 2.58
CA PRO C 654 5.06 -19.71 3.22
C PRO C 654 3.80 -20.44 3.63
N GLU C 655 3.81 -21.76 3.44
N GLU C 655 3.83 -21.75 3.45
CA GLU C 655 2.74 -22.58 3.95
CA GLU C 655 2.80 -22.64 3.97
C GLU C 655 2.72 -22.49 5.48
C GLU C 655 2.73 -22.50 5.49
N PRO C 656 1.55 -22.64 6.10
CA PRO C 656 1.44 -22.40 7.54
C PRO C 656 2.41 -23.20 8.40
N GLU C 657 2.65 -24.47 8.04
CA GLU C 657 3.62 -25.28 8.78
C GLU C 657 5.02 -24.71 8.66
N LEU C 658 5.38 -24.17 7.50
CA LEU C 658 6.72 -23.61 7.35
C LEU C 658 6.87 -22.37 8.20
N LEU C 659 5.83 -21.53 8.25
CA LEU C 659 5.91 -20.30 9.04
C LEU C 659 6.07 -20.63 10.52
N VAL C 660 5.30 -21.60 11.02
CA VAL C 660 5.45 -22.09 12.39
C VAL C 660 6.86 -22.59 12.64
N ARG C 661 7.39 -23.42 11.73
CA ARG C 661 8.76 -23.88 11.90
C ARG C 661 9.75 -22.74 11.80
N TRP C 662 9.47 -21.72 10.99
CA TRP C 662 10.38 -20.58 10.90
C TRP C 662 10.31 -19.72 12.17
N TYR C 663 9.14 -19.65 12.83
CA TYR C 663 9.05 -18.92 14.09
C TYR C 663 9.85 -19.61 15.18
N GLN C 664 9.74 -20.94 15.26
CA GLN C 664 10.53 -21.67 16.24
C GLN C 664 12.02 -21.48 16.02
N MET C 665 12.45 -21.49 14.75
CA MET C 665 13.85 -21.24 14.42
C MET C 665 14.25 -19.81 14.76
N GLY C 666 13.43 -18.83 14.36
CA GLY C 666 13.81 -17.46 14.61
C GLY C 666 13.88 -17.15 16.10
N ALA C 667 13.00 -17.78 16.88
CA ALA C 667 12.95 -17.55 18.32
C ALA C 667 14.25 -17.91 19.02
N TYR C 668 15.07 -18.79 18.43
CA TYR C 668 16.34 -19.16 19.03
C TYR C 668 17.54 -18.68 18.22
N GLN C 669 17.35 -17.66 17.38
CA GLN C 669 18.45 -17.02 16.67
C GLN C 669 18.52 -15.54 17.07
N PRO C 670 19.70 -14.91 16.96
CA PRO C 670 19.90 -13.63 17.65
C PRO C 670 18.93 -12.52 17.25
N PHE C 671 18.82 -12.21 15.95
CA PHE C 671 17.93 -11.17 15.46
C PHE C 671 16.66 -11.80 14.92
N PHE C 672 15.51 -11.41 15.47
CA PHE C 672 14.24 -12.13 15.37
C PHE C 672 13.21 -11.21 14.72
N ARG C 673 13.12 -11.25 13.38
CA ARG C 673 12.27 -10.35 12.60
C ARG C 673 11.51 -11.12 11.53
N ALA C 674 10.18 -10.99 11.54
CA ALA C 674 9.35 -11.45 10.45
C ALA C 674 9.29 -10.35 9.38
N HIS C 675 9.46 -10.73 8.12
CA HIS C 675 9.48 -9.75 7.04
C HIS C 675 9.04 -10.45 5.75
N ALA C 676 8.59 -9.65 4.78
CA ALA C 676 7.88 -10.19 3.63
C ALA C 676 7.85 -9.16 2.51
N HIS C 677 7.83 -9.68 1.27
CA HIS C 677 7.86 -8.90 0.02
C HIS C 677 6.50 -8.24 -0.23
N LEU C 678 6.56 -7.16 -1.03
CA LEU C 678 5.40 -6.28 -1.25
C LEU C 678 4.17 -7.04 -1.72
N ASP C 679 4.36 -8.08 -2.52
CA ASP C 679 3.24 -8.77 -3.16
C ASP C 679 2.83 -10.02 -2.40
N THR C 680 3.41 -10.27 -1.23
CA THR C 680 3.02 -11.43 -0.43
C THR C 680 1.74 -11.14 0.34
N GLY C 681 1.02 -12.19 0.68
CA GLY C 681 -0.13 -12.01 1.53
C GLY C 681 0.29 -11.63 2.94
N ARG C 682 -0.59 -10.90 3.61
CA ARG C 682 -0.33 -10.52 4.99
C ARG C 682 -0.20 -11.77 5.85
N ARG C 683 0.85 -11.84 6.65
CA ARG C 683 1.04 -13.02 7.50
C ARG C 683 1.40 -12.62 8.94
N GLU C 684 0.74 -11.59 9.48
CA GLU C 684 0.83 -11.35 10.91
C GLU C 684 0.36 -12.60 11.65
N PRO C 685 1.07 -13.02 12.71
CA PRO C 685 0.94 -14.41 13.21
C PRO C 685 -0.45 -14.79 13.70
N TRP C 686 -1.34 -13.86 13.93
CA TRP C 686 -2.69 -14.25 14.33
C TRP C 686 -3.62 -14.51 13.15
N LEU C 687 -3.16 -14.33 11.92
CA LEU C 687 -4.00 -14.57 10.75
C LEU C 687 -4.05 -16.04 10.36
N LEU C 688 -3.41 -16.93 11.11
CA LEU C 688 -3.41 -18.35 10.81
C LEU C 688 -4.47 -19.07 11.61
N ALA C 689 -4.75 -20.31 11.21
CA ALA C 689 -5.68 -21.14 11.96
C ALA C 689 -5.14 -21.35 13.38
N SER C 690 -6.05 -21.62 14.32
CA SER C 690 -5.71 -21.52 15.75
C SER C 690 -4.56 -22.43 16.14
N GLN C 691 -4.49 -23.64 15.58
CA GLN C 691 -3.38 -24.53 15.93
C GLN C 691 -2.03 -23.93 15.55
N TYR C 692 -1.96 -23.22 14.42
CA TYR C 692 -0.70 -22.59 14.06
C TYR C 692 -0.45 -21.37 14.94
N GLN C 693 -1.52 -20.63 15.25
CA GLN C 693 -1.40 -19.49 16.14
C GLN C 693 -0.73 -19.88 17.45
N ASP C 694 -1.21 -20.98 18.04
CA ASP C 694 -0.75 -21.40 19.35
C ASP C 694 0.71 -21.82 19.31
N ALA C 695 1.14 -22.50 18.25
CA ALA C 695 2.54 -22.88 18.16
C ALA C 695 3.44 -21.65 18.00
N ILE C 696 2.99 -20.65 17.22
CA ILE C 696 3.75 -19.42 17.08
C ILE C 696 3.73 -18.62 18.39
N ARG C 697 2.58 -18.57 19.06
CA ARG C 697 2.49 -17.91 20.36
C ARG C 697 3.45 -18.53 21.37
N ASP C 698 3.46 -19.87 21.43
CA ASP C 698 4.32 -20.55 22.38
C ASP C 698 5.79 -20.28 22.07
N ALA C 699 6.13 -20.20 20.79
CA ALA C 699 7.50 -19.86 20.44
C ALA C 699 7.85 -18.44 20.88
N LEU C 700 6.92 -17.50 20.76
CA LEU C 700 7.21 -16.14 21.20
C LEU C 700 7.41 -16.08 22.71
N PHE C 701 6.58 -16.82 23.47
CA PHE C 701 6.71 -16.86 24.92
C PHE C 701 8.06 -17.43 25.34
N GLN C 702 8.52 -18.49 24.67
CA GLN C 702 9.82 -19.05 25.03
C GLN C 702 10.93 -18.03 24.82
N ARG C 703 10.83 -17.26 23.74
CA ARG C 703 11.85 -16.26 23.45
C ARG C 703 11.84 -15.18 24.52
N TYR C 704 10.65 -14.67 24.84
CA TYR C 704 10.58 -13.58 25.81
C TYR C 704 11.05 -14.04 27.19
N SER C 705 10.75 -15.30 27.56
CA SER C 705 11.20 -15.78 28.86
C SER C 705 12.72 -15.87 28.93
N LEU C 706 13.38 -16.10 27.80
CA LEU C 706 14.82 -16.30 27.78
C LEU C 706 15.57 -15.00 27.61
N LEU C 707 14.86 -13.88 27.62
CA LEU C 707 15.53 -12.59 27.45
C LEU C 707 16.69 -12.35 28.41
N PRO C 708 16.57 -12.63 29.73
CA PRO C 708 17.74 -12.41 30.62
C PRO C 708 18.95 -13.19 30.18
N PHE C 709 18.75 -14.42 29.73
CA PHE C 709 19.82 -15.25 29.20
C PHE C 709 20.41 -14.64 27.92
N TRP C 710 19.54 -14.25 26.98
CA TRP C 710 19.99 -13.60 25.75
C TRP C 710 20.81 -12.34 26.04
N TYR C 711 20.37 -11.56 27.02
CA TYR C 711 21.04 -10.31 27.32
C TYR C 711 22.41 -10.57 27.91
N THR C 712 22.53 -11.63 28.72
CA THR C 712 23.81 -11.97 29.32
C THR C 712 24.81 -12.50 28.28
N LEU C 713 24.36 -13.37 27.37
CA LEU C 713 25.25 -13.77 26.29
C LEU C 713 25.74 -12.57 25.50
N PHE C 714 24.87 -11.59 25.26
CA PHE C 714 25.31 -10.43 24.50
C PHE C 714 26.23 -9.55 25.31
N TYR C 715 26.03 -9.47 26.63
CA TYR C 715 26.99 -8.72 27.44
C TYR C 715 28.34 -9.41 27.43
N GLN C 716 28.35 -10.74 27.48
CA GLN C 716 29.62 -11.46 27.35
C GLN C 716 30.23 -11.29 25.96
N ALA C 717 29.40 -11.25 24.91
CA ALA C 717 29.94 -10.96 23.59
C ALA C 717 30.51 -9.55 23.53
N HIS C 718 29.90 -8.62 24.27
CA HIS C 718 30.38 -7.25 24.28
C HIS C 718 31.70 -7.10 25.04
N LYS C 719 31.86 -7.82 26.16
CA LYS C 719 33.08 -7.68 26.96
C LYS C 719 34.22 -8.54 26.43
N GLU C 720 33.94 -9.75 25.94
CA GLU C 720 35.01 -10.69 25.64
C GLU C 720 35.22 -10.95 24.15
N GLY C 721 34.25 -10.63 23.30
CA GLY C 721 34.34 -11.03 21.92
C GLY C 721 33.88 -12.45 21.66
N PHE C 722 33.17 -13.06 22.60
CA PHE C 722 32.74 -14.44 22.39
C PHE C 722 31.39 -14.49 21.66
N PRO C 723 31.24 -15.35 20.67
CA PRO C 723 30.00 -15.37 19.89
C PRO C 723 28.82 -15.87 20.68
N VAL C 724 27.65 -15.32 20.37
CA VAL C 724 26.40 -15.74 21.01
C VAL C 724 25.94 -17.08 20.44
N MET C 725 25.78 -17.17 19.13
CA MET C 725 25.38 -18.41 18.48
C MET C 725 26.61 -19.23 18.11
N ARG C 726 26.65 -20.50 18.49
CA ARG C 726 27.90 -21.24 18.35
C ARG C 726 27.76 -22.58 17.65
N PRO C 727 28.71 -22.91 16.76
CA PRO C 727 28.81 -24.29 16.27
C PRO C 727 29.15 -25.22 17.43
N LEU C 728 28.71 -26.46 17.31
CA LEU C 728 29.02 -27.46 18.33
C LEU C 728 30.53 -27.63 18.49
N TRP C 729 31.29 -27.55 17.40
CA TRP C 729 32.73 -27.75 17.51
C TRP C 729 33.42 -26.66 18.34
N VAL C 730 32.80 -25.50 18.50
CA VAL C 730 33.41 -24.49 19.37
C VAL C 730 33.41 -25.01 20.82
N GLN C 731 32.30 -25.65 21.22
CA GLN C 731 32.12 -26.20 22.55
C GLN C 731 32.72 -27.59 22.70
N TYR C 732 32.92 -28.29 21.60
CA TYR C 732 33.45 -29.65 21.64
C TYR C 732 34.53 -29.81 20.59
N PRO C 733 35.63 -29.05 20.74
CA PRO C 733 36.62 -28.94 19.66
C PRO C 733 37.32 -30.24 19.32
N GLU C 734 37.29 -31.24 20.20
CA GLU C 734 37.93 -32.52 19.98
C GLU C 734 36.97 -33.61 19.51
N ASP C 735 35.68 -33.33 19.41
CA ASP C 735 34.71 -34.29 18.90
C ASP C 735 34.59 -34.06 17.40
N MET C 736 35.35 -34.84 16.62
CA MET C 736 35.47 -34.57 15.18
C MET C 736 34.15 -34.73 14.45
N SER C 737 33.17 -35.42 15.03
CA SER C 737 31.88 -35.53 14.37
C SER C 737 31.03 -34.27 14.49
N THR C 738 31.53 -33.23 15.17
CA THR C 738 30.82 -31.96 15.22
C THR C 738 31.41 -30.91 14.28
N PHE C 739 32.52 -31.21 13.61
CA PHE C 739 33.22 -30.19 12.85
C PHE C 739 32.39 -29.63 11.69
N SER C 740 31.41 -30.38 11.16
CA SER C 740 30.60 -29.94 10.04
C SER C 740 29.12 -29.77 10.36
N ILE C 741 28.69 -30.03 11.60
CA ILE C 741 27.26 -30.00 11.92
C ILE C 741 26.67 -28.61 11.69
N GLU C 742 25.51 -28.56 11.02
CA GLU C 742 24.85 -27.29 10.78
C GLU C 742 23.31 -27.35 10.81
N ASP C 743 22.70 -28.42 11.31
CA ASP C 743 21.28 -28.41 11.64
C ASP C 743 21.07 -28.29 13.16
N GLN C 744 22.11 -27.90 13.87
CA GLN C 744 22.15 -27.77 15.31
C GLN C 744 23.10 -26.63 15.66
N PHE C 745 22.81 -25.96 16.75
CA PHE C 745 23.72 -24.93 17.23
C PHE C 745 23.53 -24.79 18.73
N MET C 746 24.42 -24.01 19.34
CA MET C 746 24.34 -23.75 20.76
C MET C 746 24.24 -22.26 21.03
N LEU C 747 23.62 -21.92 22.14
CA LEU C 747 23.56 -20.54 22.59
C LEU C 747 24.43 -20.50 23.84
N GLY C 748 25.58 -19.83 23.75
CA GLY C 748 26.60 -19.92 24.79
C GLY C 748 27.00 -21.36 25.01
N ASP C 749 27.11 -21.76 26.27
CA ASP C 749 27.45 -23.14 26.61
C ASP C 749 26.30 -23.87 27.28
N ALA C 750 25.11 -23.29 27.31
CA ALA C 750 24.02 -23.82 28.12
C ALA C 750 22.90 -24.45 27.32
N LEU C 751 22.65 -23.99 26.10
CA LEU C 751 21.51 -24.46 25.32
C LEU C 751 21.95 -25.05 24.00
N LEU C 752 21.48 -26.26 23.73
CA LEU C 752 21.62 -26.92 22.43
C LEU C 752 20.25 -26.96 21.75
N ILE C 753 20.19 -26.46 20.51
CA ILE C 753 18.95 -26.27 19.77
C ILE C 753 19.03 -27.06 18.46
N HIS C 754 18.01 -27.89 18.20
CA HIS C 754 17.84 -28.61 16.92
C HIS C 754 16.41 -28.36 16.46
N PRO C 755 16.16 -27.24 15.77
CA PRO C 755 14.80 -26.95 15.31
C PRO C 755 14.38 -27.93 14.22
N VAL C 756 13.06 -28.18 14.14
CA VAL C 756 12.50 -28.97 13.06
C VAL C 756 12.54 -28.13 11.77
N SER C 757 13.18 -28.67 10.72
CA SER C 757 13.26 -27.95 9.47
C SER C 757 12.82 -28.83 8.29
N ASP C 758 11.83 -29.68 8.51
CA ASP C 758 11.27 -30.51 7.46
C ASP C 758 9.76 -30.59 7.60
N ALA C 759 9.06 -30.44 6.47
CA ALA C 759 7.62 -30.54 6.48
C ALA C 759 7.20 -31.95 6.90
N GLY C 760 6.19 -32.02 7.75
CA GLY C 760 5.60 -33.28 8.20
C GLY C 760 6.50 -34.19 9.02
N ALA C 761 7.61 -33.68 9.56
CA ALA C 761 8.52 -34.53 10.30
C ALA C 761 7.84 -35.14 11.52
N HIS C 762 8.24 -36.37 11.84
CA HIS C 762 7.79 -37.06 13.03
C HIS C 762 8.84 -37.06 14.13
N GLY C 763 10.08 -36.76 13.80
CA GLY C 763 11.09 -36.73 14.82
C GLY C 763 12.31 -36.04 14.26
N VAL C 764 13.27 -35.80 15.14
CA VAL C 764 14.57 -35.30 14.74
C VAL C 764 15.61 -36.16 15.43
N GLN C 765 16.78 -36.25 14.82
CA GLN C 765 17.89 -36.96 15.40
C GLN C 765 18.85 -35.94 15.97
N VAL C 766 18.91 -35.90 17.30
CA VAL C 766 19.62 -34.87 18.03
C VAL C 766 20.95 -35.45 18.45
N TYR C 767 22.04 -34.90 17.96
CA TYR C 767 23.36 -35.33 18.43
C TYR C 767 23.69 -34.56 19.69
N LEU C 768 23.78 -35.27 20.81
CA LEU C 768 24.13 -34.68 22.09
C LEU C 768 25.59 -34.99 22.38
N PRO C 769 26.49 -34.02 22.30
CA PRO C 769 27.92 -34.33 22.45
C PRO C 769 28.36 -34.41 23.90
N GLY C 770 29.67 -34.56 24.13
CA GLY C 770 30.26 -34.48 25.46
C GLY C 770 30.53 -35.81 26.16
N GLN C 771 31.80 -36.11 26.44
CA GLN C 771 32.11 -37.28 27.26
C GLN C 771 31.78 -36.99 28.71
N GLU C 772 31.09 -37.92 29.36
CA GLU C 772 30.58 -37.74 30.73
C GLU C 772 29.89 -36.37 30.88
N GLU C 773 29.05 -36.06 29.90
CA GLU C 773 28.25 -34.84 29.86
C GLU C 773 26.78 -35.21 29.96
N VAL C 774 25.98 -34.36 30.62
CA VAL C 774 24.54 -34.59 30.71
C VAL C 774 23.79 -33.44 30.05
N TRP C 775 22.63 -33.78 29.51
CA TRP C 775 21.74 -32.84 28.86
C TRP C 775 20.32 -33.10 29.36
N TYR C 776 19.56 -32.03 29.54
CA TYR C 776 18.17 -32.15 29.97
C TYR C 776 17.26 -31.64 28.87
N ASP C 777 16.35 -32.50 28.43
CA ASP C 777 15.23 -32.09 27.62
C ASP C 777 14.43 -31.05 28.40
N ILE C 778 14.42 -29.80 27.95
CA ILE C 778 13.83 -28.73 28.77
C ILE C 778 12.32 -28.74 28.75
N GLN C 779 11.68 -29.58 27.93
CA GLN C 779 10.24 -29.69 28.00
C GLN C 779 9.78 -30.83 28.92
N SER C 780 10.48 -31.95 28.90
CA SER C 780 10.14 -33.12 29.71
C SER C 780 11.02 -33.28 30.94
N TYR C 781 12.12 -32.53 31.04
CA TYR C 781 13.12 -32.67 32.08
C TYR C 781 13.84 -34.01 32.03
N GLN C 782 13.56 -34.81 31.00
CA GLN C 782 14.24 -36.07 30.80
C GLN C 782 15.73 -35.83 30.59
N LYS C 783 16.53 -36.69 31.20
CA LYS C 783 17.98 -36.58 31.18
C LYS C 783 18.59 -37.47 30.11
N HIS C 784 19.66 -36.97 29.47
CA HIS C 784 20.31 -37.75 28.43
C HIS C 784 21.81 -37.69 28.56
N HIS C 785 22.40 -38.78 28.15
CA HIS C 785 23.76 -39.16 28.45
C HIS C 785 24.62 -38.86 27.23
N GLY C 786 25.68 -38.08 27.41
CA GLY C 786 26.57 -37.79 26.30
C GLY C 786 27.78 -38.70 26.24
N PRO C 787 28.29 -39.00 25.03
CA PRO C 787 27.80 -38.65 23.69
C PRO C 787 26.82 -39.64 23.10
N GLN C 788 25.78 -39.16 22.42
CA GLN C 788 24.81 -40.05 21.78
C GLN C 788 24.08 -39.27 20.70
N THR C 789 23.33 -40.00 19.87
CA THR C 789 22.39 -39.40 18.94
C THR C 789 21.01 -39.86 19.35
N LEU C 790 20.18 -38.94 19.80
CA LEU C 790 18.88 -39.24 20.36
C LEU C 790 17.81 -38.98 19.32
N TYR C 791 16.91 -39.95 19.12
CA TYR C 791 15.75 -39.76 18.25
C TYR C 791 14.63 -39.15 19.07
N LEU C 792 14.29 -37.91 18.76
CA LEU C 792 13.27 -37.20 19.51
C LEU C 792 12.01 -37.07 18.67
N PRO C 793 10.91 -37.71 19.04
CA PRO C 793 9.64 -37.45 18.35
C PRO C 793 9.25 -35.99 18.54
N VAL C 794 8.58 -35.45 17.53
CA VAL C 794 8.18 -34.05 17.51
C VAL C 794 6.73 -33.94 17.05
N THR C 795 6.07 -32.89 17.49
CA THR C 795 4.80 -32.43 16.95
C THR C 795 4.98 -31.00 16.44
N LEU C 796 3.88 -30.40 15.98
CA LEU C 796 3.96 -29.03 15.47
C LEU C 796 4.51 -28.07 16.52
N SER C 797 4.28 -28.34 17.79
CA SER C 797 4.73 -27.47 18.87
C SER C 797 6.16 -27.72 19.31
N SER C 798 6.82 -28.75 18.79
CA SER C 798 8.12 -29.12 19.34
C SER C 798 9.19 -28.13 18.91
N ILE C 799 9.95 -27.65 19.88
CA ILE C 799 11.22 -26.98 19.63
C ILE C 799 12.29 -27.73 20.41
N PRO C 800 12.98 -28.67 19.81
CA PRO C 800 14.00 -29.42 20.54
C PRO C 800 15.10 -28.54 21.09
N VAL C 801 15.07 -28.34 22.41
CA VAL C 801 16.03 -27.52 23.14
C VAL C 801 16.48 -28.33 24.34
N PHE C 802 17.78 -28.38 24.59
CA PHE C 802 18.35 -29.13 25.71
C PHE C 802 19.31 -28.24 26.48
N GLN C 803 19.31 -28.36 27.80
CA GLN C 803 20.22 -27.59 28.63
C GLN C 803 21.34 -28.48 29.14
N ARG C 804 22.57 -27.98 29.03
CA ARG C 804 23.77 -28.70 29.43
C ARG C 804 23.93 -28.74 30.96
N GLY C 805 24.24 -29.91 31.49
CA GLY C 805 24.50 -30.02 32.91
C GLY C 805 25.69 -29.18 33.32
N GLY C 806 25.57 -28.52 34.45
CA GLY C 806 26.57 -27.57 34.89
C GLY C 806 26.29 -26.14 34.52
N THR C 807 25.08 -25.83 34.05
CA THR C 807 24.74 -24.47 33.63
C THR C 807 23.54 -23.96 34.43
N ILE C 808 23.47 -22.65 34.59
CA ILE C 808 22.34 -22.02 35.28
C ILE C 808 21.77 -20.94 34.36
N VAL C 809 20.51 -21.11 33.96
CA VAL C 809 19.86 -20.29 32.94
C VAL C 809 18.81 -19.43 33.62
N PRO C 810 18.82 -18.10 33.41
CA PRO C 810 17.80 -17.24 34.01
C PRO C 810 16.61 -16.93 33.08
N ARG C 811 15.40 -16.99 33.60
CA ARG C 811 14.22 -16.72 32.81
C ARG C 811 13.28 -15.73 33.49
N TRP C 812 12.58 -14.96 32.67
CA TRP C 812 11.42 -14.19 33.07
C TRP C 812 10.18 -15.01 32.71
N MET C 813 9.55 -15.63 33.70
CA MET C 813 8.43 -16.50 33.44
C MET C 813 7.10 -15.76 33.33
N ARG C 814 7.08 -14.47 33.59
CA ARG C 814 5.87 -13.64 33.44
C ARG C 814 6.00 -12.94 32.09
N VAL C 815 5.52 -13.59 31.05
CA VAL C 815 5.58 -13.00 29.72
C VAL C 815 4.53 -11.89 29.62
N ARG C 816 4.96 -10.72 29.22
CA ARG C 816 4.09 -9.57 29.02
C ARG C 816 4.15 -9.18 27.55
N ARG C 817 3.58 -8.02 27.22
CA ARG C 817 3.37 -7.68 25.82
C ARG C 817 4.63 -7.22 25.10
N SER C 818 5.65 -6.79 25.83
CA SER C 818 6.92 -6.36 25.26
C SER C 818 7.97 -6.34 26.37
N SER C 819 9.25 -6.28 25.97
CA SER C 819 10.33 -6.41 26.94
C SER C 819 10.35 -5.26 27.95
N ASP C 820 10.02 -4.03 27.53
CA ASP C 820 9.96 -2.89 28.46
C ASP C 820 9.03 -3.19 29.62
N CYS C 821 7.93 -3.89 29.37
CA CYS C 821 7.01 -4.23 30.43
C CYS C 821 7.59 -5.23 31.41
N MET C 822 8.58 -6.00 30.98
CA MET C 822 9.07 -7.12 31.75
C MET C 822 10.34 -6.78 32.53
N LYS C 823 10.98 -5.65 32.25
CA LYS C 823 12.38 -5.52 32.64
C LYS C 823 12.57 -5.19 34.12
N ASP C 824 11.51 -5.16 34.94
CA ASP C 824 11.68 -5.09 36.38
C ASP C 824 11.11 -6.30 37.10
N ASP C 825 10.76 -7.36 36.38
CA ASP C 825 10.07 -8.52 36.92
C ASP C 825 11.04 -9.53 37.56
N PRO C 826 10.52 -10.42 38.39
CA PRO C 826 11.38 -11.42 39.04
C PRO C 826 11.94 -12.46 38.07
N ILE C 827 13.10 -13.02 38.46
CA ILE C 827 13.82 -14.04 37.72
C ILE C 827 13.50 -15.41 38.32
N THR C 828 13.37 -16.42 37.45
CA THR C 828 13.39 -17.84 37.82
C THR C 828 14.71 -18.44 37.34
N LEU C 829 15.38 -19.21 38.20
CA LEU C 829 16.65 -19.81 37.86
C LEU C 829 16.47 -21.30 37.58
N PHE C 830 17.00 -21.75 36.44
CA PHE C 830 16.94 -23.14 36.02
C PHE C 830 18.34 -23.70 36.16
N VAL C 831 18.54 -24.56 37.15
CA VAL C 831 19.84 -25.13 37.50
C VAL C 831 19.86 -26.56 36.99
N ALA C 832 20.70 -26.82 35.99
CA ALA C 832 20.90 -28.17 35.45
C ALA C 832 22.18 -28.74 36.05
N LEU C 833 22.03 -29.75 36.93
CA LEU C 833 23.19 -30.26 37.65
C LEU C 833 24.10 -31.09 36.77
N SER C 834 25.41 -30.90 36.98
CA SER C 834 26.45 -31.67 36.30
C SER C 834 26.50 -33.09 36.83
N PRO C 835 27.34 -33.96 36.24
CA PRO C 835 27.55 -35.27 36.87
C PRO C 835 28.16 -35.18 38.26
N GLN C 836 28.90 -34.13 38.57
CA GLN C 836 29.41 -33.89 39.92
C GLN C 836 28.46 -33.07 40.80
N GLY C 837 27.20 -32.86 40.37
CA GLY C 837 26.28 -32.08 41.19
C GLY C 837 26.60 -30.60 41.28
N THR C 838 27.27 -30.05 40.27
CA THR C 838 27.71 -28.67 40.26
C THR C 838 27.06 -27.92 39.10
N ALA C 839 27.07 -26.60 39.16
CA ALA C 839 26.51 -25.77 38.10
C ALA C 839 26.88 -24.30 38.31
N GLN C 840 26.88 -23.55 37.22
CA GLN C 840 27.10 -22.11 37.32
C GLN C 840 26.52 -21.39 36.11
N GLY C 841 26.34 -20.08 36.29
CA GLY C 841 25.87 -19.20 35.25
C GLY C 841 25.99 -17.77 35.71
N GLU C 842 25.82 -16.86 34.77
CA GLU C 842 25.87 -15.44 35.06
C GLU C 842 24.56 -14.78 34.66
N LEU C 843 24.35 -13.55 35.15
CA LEU C 843 23.19 -12.76 34.79
C LEU C 843 23.63 -11.31 34.74
N PHE C 844 23.40 -10.63 33.61
CA PHE C 844 23.69 -9.21 33.47
C PHE C 844 22.38 -8.42 33.50
N LEU C 845 22.40 -7.26 34.14
CA LEU C 845 21.23 -6.41 34.28
C LEU C 845 21.66 -4.96 34.20
N ASP C 846 20.81 -4.12 33.61
CA ASP C 846 21.02 -2.68 33.63
C ASP C 846 19.68 -2.00 33.36
N ASP C 847 19.69 -0.71 33.01
CA ASP C 847 18.42 -0.01 32.74
C ASP C 847 17.78 -0.47 31.45
N GLY C 848 18.51 -1.21 30.63
CA GLY C 848 18.01 -1.84 29.43
C GLY C 848 18.31 -1.12 28.14
N HIS C 849 18.85 0.10 28.19
CA HIS C 849 18.92 0.89 26.96
C HIS C 849 19.95 2.01 26.91
N THR C 850 20.60 2.36 28.02
CA THR C 850 21.57 3.47 28.02
C THR C 850 23.00 2.98 28.09
N PHE C 851 23.94 3.93 28.04
CA PHE C 851 25.35 3.65 28.25
C PHE C 851 25.77 3.81 29.70
N ASN C 852 24.81 3.96 30.62
CA ASN C 852 25.14 4.12 32.03
C ASN C 852 25.97 2.94 32.56
N TYR C 853 25.79 1.74 32.00
CA TYR C 853 26.57 0.61 32.48
C TYR C 853 28.06 0.86 32.32
N GLN C 854 28.47 1.61 31.30
CA GLN C 854 29.89 1.89 31.23
C GLN C 854 30.27 3.27 31.77
N THR C 855 29.45 4.29 31.55
CA THR C 855 29.85 5.61 32.02
C THR C 855 29.68 5.78 33.52
N ARG C 856 28.76 5.02 34.12
CA ARG C 856 28.49 5.14 35.56
C ARG C 856 28.56 3.80 36.28
N HIS C 857 28.95 2.72 35.61
CA HIS C 857 28.99 1.39 36.22
C HIS C 857 27.68 1.06 36.90
N GLU C 858 26.57 1.42 36.25
CA GLU C 858 25.25 1.16 36.78
C GLU C 858 24.74 -0.10 36.10
N PHE C 859 25.03 -1.25 36.70
CA PHE C 859 24.65 -2.55 36.19
C PHE C 859 24.84 -3.58 37.30
N LEU C 860 24.45 -4.81 37.01
CA LEU C 860 24.70 -5.94 37.90
C LEU C 860 25.25 -7.09 37.06
N LEU C 861 26.30 -7.72 37.55
CA LEU C 861 26.79 -8.98 37.00
C LEU C 861 26.84 -9.96 38.15
N ARG C 862 25.92 -10.91 38.16
CA ARG C 862 25.81 -11.87 39.23
C ARG C 862 26.39 -13.21 38.79
N ARG C 863 26.98 -13.92 39.75
CA ARG C 863 27.35 -15.31 39.56
C ARG C 863 26.43 -16.17 40.40
N PHE C 864 25.83 -17.15 39.76
CA PHE C 864 25.05 -18.18 40.44
C PHE C 864 25.86 -19.45 40.34
N SER C 865 26.07 -20.12 41.46
CA SER C 865 26.87 -21.33 41.50
C SER C 865 26.20 -22.33 42.42
N PHE C 866 26.24 -23.60 42.02
CA PHE C 866 25.71 -24.69 42.80
C PHE C 866 26.77 -25.78 42.96
N SER C 867 26.88 -26.30 44.18
CA SER C 867 27.72 -27.45 44.45
C SER C 867 27.31 -28.03 45.79
N GLY C 868 27.59 -29.32 45.97
CA GLY C 868 27.14 -29.96 47.18
C GLY C 868 25.63 -29.84 47.29
N SER C 869 25.18 -28.98 48.18
CA SER C 869 23.74 -28.81 48.27
C SER C 869 23.38 -27.34 48.42
N THR C 870 24.16 -26.46 47.80
CA THR C 870 24.00 -25.03 48.03
C THR C 870 24.10 -24.26 46.72
N LEU C 871 23.11 -23.42 46.48
CA LEU C 871 23.09 -22.44 45.41
C LEU C 871 23.51 -21.11 46.00
N VAL C 872 24.52 -20.49 45.41
CA VAL C 872 25.07 -19.25 45.93
C VAL C 872 24.99 -18.18 44.86
N SER C 873 24.50 -17.01 45.25
CA SER C 873 24.58 -15.82 44.42
C SER C 873 25.67 -14.94 45.01
N SER C 874 26.65 -14.61 44.18
CA SER C 874 27.71 -13.68 44.54
C SER C 874 27.88 -12.72 43.38
N SER C 875 28.67 -11.66 43.61
CA SER C 875 28.94 -10.69 42.58
C SER C 875 30.05 -11.17 41.66
N ALA C 876 29.81 -11.12 40.34
CA ALA C 876 30.88 -11.40 39.38
C ALA C 876 31.61 -10.15 38.92
N ASP C 877 31.19 -8.95 39.35
CA ASP C 877 31.93 -7.73 39.10
C ASP C 877 31.48 -6.71 40.12
N PRO C 878 32.32 -6.41 41.11
CA PRO C 878 31.91 -5.55 42.21
C PRO C 878 31.76 -4.08 41.81
N LYS C 879 32.35 -3.66 40.69
CA LYS C 879 32.16 -2.30 40.19
C LYS C 879 30.70 -1.99 39.89
N GLY C 880 29.91 -3.01 39.54
CA GLY C 880 28.54 -2.79 39.13
C GLY C 880 27.50 -2.75 40.25
N HIS C 881 26.83 -1.61 40.39
CA HIS C 881 25.69 -1.44 41.29
C HIS C 881 24.50 -0.95 40.49
N LEU C 882 23.31 -1.37 40.93
CA LEU C 882 22.10 -1.00 40.22
C LEU C 882 20.95 -0.90 41.20
N GLU C 883 20.08 0.07 40.99
CA GLU C 883 18.84 0.09 41.73
C GLU C 883 17.79 -0.62 40.88
N THR C 884 17.31 -1.75 41.39
CA THR C 884 16.36 -2.56 40.67
C THR C 884 15.41 -3.27 41.62
N PRO C 885 14.14 -3.40 41.25
CA PRO C 885 13.23 -4.22 42.05
C PRO C 885 13.31 -5.71 41.72
N ILE C 886 14.20 -6.13 40.82
CA ILE C 886 14.20 -7.52 40.38
C ILE C 886 14.58 -8.44 41.54
N TRP C 887 13.78 -9.48 41.73
CA TRP C 887 14.00 -10.44 42.80
C TRP C 887 13.94 -11.85 42.24
N ILE C 888 14.34 -12.82 43.05
CA ILE C 888 14.33 -14.21 42.67
C ILE C 888 13.03 -14.83 43.18
N GLU C 889 12.10 -15.11 42.28
CA GLU C 889 10.82 -15.67 42.68
C GLU C 889 10.78 -17.18 42.62
N ARG C 890 11.76 -17.81 41.97
CA ARG C 890 11.65 -19.26 41.81
C ARG C 890 13.00 -19.81 41.40
N VAL C 891 13.28 -21.04 41.85
CA VAL C 891 14.47 -21.80 41.46
C VAL C 891 14.02 -23.20 41.07
N VAL C 892 14.38 -23.63 39.85
CA VAL C 892 14.08 -24.97 39.35
C VAL C 892 15.39 -25.70 39.16
N ILE C 893 15.54 -26.86 39.82
CA ILE C 893 16.78 -27.63 39.81
C ILE C 893 16.52 -28.99 39.17
N MET C 894 17.28 -29.31 38.13
CA MET C 894 17.19 -30.57 37.39
C MET C 894 18.30 -31.52 37.79
N GLY C 895 17.91 -32.75 38.15
CA GLY C 895 18.85 -33.77 38.56
C GLY C 895 19.14 -33.78 40.04
N ALA C 896 18.17 -33.40 40.86
CA ALA C 896 18.39 -33.29 42.29
C ALA C 896 17.39 -34.16 43.02
N GLY C 897 17.81 -34.67 44.17
CA GLY C 897 16.93 -35.45 45.02
C GLY C 897 16.12 -34.58 45.97
N LYS C 898 15.15 -35.24 46.61
CA LYS C 898 14.28 -34.54 47.54
C LYS C 898 15.02 -34.20 48.82
N PRO C 899 15.13 -32.93 49.19
CA PRO C 899 15.73 -32.60 50.48
C PRO C 899 14.70 -32.81 51.59
N ALA C 900 15.19 -32.76 52.82
CA ALA C 900 14.27 -32.77 53.94
C ALA C 900 13.81 -31.37 54.30
N ALA C 901 14.65 -30.37 54.03
CA ALA C 901 14.29 -28.98 54.22
C ALA C 901 15.15 -28.12 53.31
N VAL C 902 14.65 -26.92 53.02
CA VAL C 902 15.35 -25.93 52.21
C VAL C 902 15.42 -24.65 53.00
N VAL C 903 16.60 -24.03 53.01
CA VAL C 903 16.96 -22.93 53.89
C VAL C 903 17.59 -21.81 53.06
N LEU C 904 17.14 -20.58 53.29
CA LEU C 904 17.65 -19.39 52.59
C LEU C 904 18.43 -18.48 53.54
N GLN C 905 19.61 -18.02 53.10
CA GLN C 905 20.45 -17.09 53.85
C GLN C 905 20.77 -15.87 52.97
N THR C 906 20.42 -14.66 53.43
CA THR C 906 20.76 -13.42 52.73
C THR C 906 21.56 -12.51 53.64
N LYS C 907 22.61 -11.87 53.13
CA LYS C 907 23.31 -10.86 53.92
C LYS C 907 22.32 -9.78 54.32
N GLY C 908 22.21 -9.56 55.64
CA GLY C 908 21.29 -8.58 56.18
C GLY C 908 19.94 -9.11 56.63
N SER C 909 19.68 -10.40 56.51
CA SER C 909 18.37 -10.95 56.84
C SER C 909 18.50 -12.21 57.68
N PRO C 910 17.50 -12.53 58.50
CA PRO C 910 17.49 -13.79 59.24
C PRO C 910 17.36 -14.98 58.31
N GLU C 911 17.80 -16.14 58.80
CA GLU C 911 17.67 -17.36 58.04
C GLU C 911 16.20 -17.72 57.84
N SER C 912 15.83 -18.01 56.60
CA SER C 912 14.45 -18.23 56.20
C SER C 912 14.23 -19.66 55.71
N ARG C 913 13.02 -20.17 55.89
CA ARG C 913 12.63 -21.47 55.37
C ARG C 913 11.76 -21.29 54.12
N LEU C 914 12.03 -22.12 53.11
CA LEU C 914 11.34 -22.09 51.83
C LEU C 914 10.59 -23.38 51.64
N SER C 915 9.37 -23.32 51.11
CA SER C 915 8.69 -24.55 50.76
C SER C 915 9.08 -24.98 49.34
N PHE C 916 8.81 -26.25 49.02
CA PHE C 916 9.33 -26.79 47.77
C PHE C 916 8.47 -27.96 47.33
N GLN C 917 8.65 -28.32 46.06
CA GLN C 917 8.00 -29.47 45.47
C GLN C 917 9.06 -30.30 44.76
N HIS C 918 8.85 -31.61 44.74
CA HIS C 918 9.81 -32.51 44.14
C HIS C 918 9.06 -33.52 43.28
N ASP C 919 9.58 -33.74 42.08
CA ASP C 919 9.08 -34.76 41.19
C ASP C 919 10.06 -35.92 41.26
N PRO C 920 9.71 -37.03 41.92
CA PRO C 920 10.66 -38.14 42.02
C PRO C 920 10.93 -38.84 40.72
N GLU C 921 10.01 -38.73 39.76
CA GLU C 921 10.19 -39.33 38.46
C GLU C 921 11.30 -38.64 37.67
N THR C 922 11.35 -37.30 37.72
CA THR C 922 12.28 -36.53 36.90
C THR C 922 13.46 -35.95 37.67
N SER C 923 13.52 -36.12 38.99
CA SER C 923 14.56 -35.48 39.79
C SER C 923 14.59 -33.98 39.53
N VAL C 924 13.40 -33.37 39.62
CA VAL C 924 13.24 -31.92 39.51
C VAL C 924 12.78 -31.39 40.85
N LEU C 925 13.44 -30.34 41.32
CA LEU C 925 13.12 -29.67 42.57
C LEU C 925 12.77 -28.23 42.28
N ILE C 926 11.59 -27.78 42.73
CA ILE C 926 11.13 -26.41 42.53
C ILE C 926 11.05 -25.71 43.88
N LEU C 927 11.81 -24.62 44.05
CA LEU C 927 11.85 -23.88 45.31
C LEU C 927 10.92 -22.66 45.25
N ARG C 928 9.92 -22.63 46.12
CA ARG C 928 8.92 -21.57 46.09
C ARG C 928 9.49 -20.27 46.64
N LYS C 929 9.20 -19.18 45.91
CA LYS C 929 9.35 -17.77 46.28
C LYS C 929 10.52 -17.48 47.23
N PRO C 930 11.77 -17.61 46.78
CA PRO C 930 12.88 -17.13 47.59
C PRO C 930 12.73 -15.70 48.08
N GLY C 931 12.12 -14.82 47.30
CA GLY C 931 11.87 -13.46 47.71
C GLY C 931 13.08 -12.54 47.79
N VAL C 932 14.24 -12.96 47.36
CA VAL C 932 15.45 -12.20 47.63
C VAL C 932 15.76 -11.26 46.48
N SER C 933 16.31 -10.10 46.82
CA SER C 933 16.72 -9.14 45.80
C SER C 933 17.90 -9.66 45.00
N VAL C 934 17.90 -9.38 43.70
CA VAL C 934 18.97 -9.81 42.81
C VAL C 934 20.23 -8.99 43.03
N ALA C 935 20.16 -7.89 43.76
CA ALA C 935 21.39 -7.18 44.07
C ALA C 935 22.12 -7.74 45.30
N SER C 936 21.48 -8.62 46.06
CA SER C 936 22.01 -9.17 47.32
C SER C 936 22.80 -10.45 47.12
N ASP C 937 23.74 -10.71 48.04
CA ASP C 937 24.33 -12.03 48.15
C ASP C 937 23.40 -12.94 48.96
N TRP C 938 23.32 -14.19 48.54
CA TRP C 938 22.47 -15.13 49.25
C TRP C 938 22.92 -16.55 48.93
N SER C 939 22.42 -17.49 49.73
CA SER C 939 22.68 -18.89 49.49
C SER C 939 21.44 -19.66 49.92
N ILE C 940 21.15 -20.75 49.19
CA ILE C 940 20.06 -21.66 49.52
C ILE C 940 20.66 -23.03 49.78
N HIS C 941 20.31 -23.63 50.91
CA HIS C 941 20.91 -24.89 51.33
CA HIS C 941 20.91 -24.89 51.34
C HIS C 941 19.85 -25.96 51.39
N LEU C 942 20.10 -27.08 50.72
CA LEU C 942 19.21 -28.23 50.75
C LEU C 942 19.67 -29.17 51.85
N ARG C 943 18.80 -29.47 52.80
CA ARG C 943 19.18 -30.22 53.98
C ARG C 943 18.66 -31.65 54.03
N SER D 51 -8.11 -18.55 62.16
CA SER D 51 -8.49 -17.94 60.88
C SER D 51 -8.20 -18.95 59.77
N LYS D 52 -9.17 -19.15 58.87
CA LYS D 52 -9.19 -20.26 57.90
C LYS D 52 -8.24 -20.00 56.74
N PRO D 53 -7.95 -21.04 55.92
CA PRO D 53 -7.10 -20.86 54.74
C PRO D 53 -7.86 -20.72 53.43
N PHE D 54 -7.13 -20.48 52.33
CA PHE D 54 -7.75 -20.31 51.02
C PHE D 54 -7.63 -21.58 50.19
N THR D 55 -8.70 -21.90 49.46
CA THR D 55 -8.73 -23.04 48.55
C THR D 55 -8.85 -22.53 47.13
N CYS D 56 -8.03 -23.06 46.23
CA CYS D 56 -8.13 -22.69 44.82
C CYS D 56 -9.49 -23.14 44.27
N LEU D 57 -10.08 -22.31 43.42
CA LEU D 57 -11.43 -22.58 42.92
C LEU D 57 -11.48 -23.88 42.12
N ASP D 58 -10.35 -24.37 41.63
CA ASP D 58 -10.27 -25.65 40.94
C ASP D 58 -9.96 -26.82 41.88
N GLY D 59 -9.76 -26.56 43.17
CA GLY D 59 -9.42 -27.61 44.11
C GLY D 59 -7.97 -28.02 44.12
N THR D 60 -7.14 -27.42 43.28
CA THR D 60 -5.72 -27.76 43.22
C THR D 60 -5.06 -27.16 44.46
N ALA D 61 -5.18 -27.89 45.57
CA ALA D 61 -4.59 -27.58 46.87
C ALA D 61 -5.38 -26.50 47.61
N THR D 62 -4.82 -26.07 48.74
CA THR D 62 -5.35 -25.01 49.59
C THR D 62 -4.14 -24.38 50.26
N ILE D 63 -4.21 -23.06 50.49
CA ILE D 63 -3.05 -22.32 50.99
C ILE D 63 -3.50 -21.35 52.07
N PRO D 64 -2.55 -20.90 52.90
CA PRO D 64 -2.90 -19.90 53.92
C PRO D 64 -3.19 -18.55 53.28
N PHE D 65 -4.08 -17.79 53.92
CA PHE D 65 -4.49 -16.51 53.33
C PHE D 65 -3.34 -15.52 53.20
N ASP D 66 -2.16 -15.82 53.76
CA ASP D 66 -1.02 -14.94 53.51
C ASP D 66 -0.35 -15.24 52.18
N GLN D 67 -0.76 -16.31 51.51
CA GLN D 67 -0.31 -16.63 50.17
C GLN D 67 -1.36 -16.27 49.11
N VAL D 68 -2.38 -15.47 49.47
CA VAL D 68 -3.30 -14.87 48.51
C VAL D 68 -2.80 -13.48 48.23
N ASN D 69 -2.61 -13.16 46.94
CA ASN D 69 -2.03 -11.89 46.51
C ASN D 69 -0.65 -11.68 47.13
N ASP D 70 0.17 -12.72 47.17
CA ASP D 70 1.54 -12.55 47.65
C ASP D 70 2.57 -12.53 46.52
N ASP D 71 2.12 -12.36 45.28
CA ASP D 71 2.99 -12.17 44.11
C ASP D 71 3.79 -13.43 43.79
N TYR D 72 3.28 -14.59 44.18
CA TYR D 72 3.79 -15.87 43.72
C TYR D 72 2.58 -16.72 43.39
N CYS D 73 2.65 -17.47 42.29
CA CYS D 73 1.50 -18.21 41.79
C CYS D 73 1.47 -19.60 42.43
N ASP D 74 0.47 -19.84 43.29
CA ASP D 74 0.32 -21.11 43.99
C ASP D 74 -0.86 -21.94 43.51
N CYS D 75 -1.81 -21.36 42.79
CA CYS D 75 -2.97 -22.09 42.29
C CYS D 75 -2.81 -22.40 40.82
N LYS D 76 -3.13 -23.65 40.45
CA LYS D 76 -3.02 -24.03 39.05
C LYS D 76 -3.96 -23.21 38.17
N ASP D 77 -5.08 -22.75 38.73
CA ASP D 77 -6.01 -21.92 37.98
C ASP D 77 -5.73 -20.43 38.16
N GLY D 78 -4.72 -20.05 38.92
CA GLY D 78 -4.39 -18.65 39.12
C GLY D 78 -5.30 -17.89 40.06
N SER D 79 -6.21 -18.58 40.76
CA SER D 79 -7.19 -17.89 41.59
C SER D 79 -6.60 -17.26 42.85
N ASP D 80 -5.37 -17.60 43.23
CA ASP D 80 -4.82 -17.00 44.44
C ASP D 80 -4.17 -15.64 44.20
N GLU D 81 -4.12 -15.15 42.95
CA GLU D 81 -3.45 -13.89 42.66
C GLU D 81 -4.31 -12.93 41.83
N PRO D 82 -5.54 -12.63 42.29
CA PRO D 82 -6.40 -11.75 41.49
C PRO D 82 -5.87 -10.32 41.33
N GLY D 83 -4.96 -9.87 42.18
CA GLY D 83 -4.50 -8.49 42.14
C GLY D 83 -3.06 -8.29 41.72
N THR D 84 -2.36 -9.33 41.29
CA THR D 84 -0.95 -9.25 40.95
C THR D 84 -0.75 -9.82 39.54
N ALA D 85 0.50 -9.79 39.10
CA ALA D 85 0.89 -10.35 37.81
C ALA D 85 1.53 -11.74 37.94
N ALA D 86 1.33 -12.42 39.06
CA ALA D 86 2.12 -13.61 39.37
C ALA D 86 1.66 -14.83 38.58
N CYS D 87 0.38 -14.94 38.30
CA CYS D 87 -0.09 -16.16 37.66
C CYS D 87 -0.22 -15.96 36.15
N PRO D 88 0.25 -16.93 35.37
CA PRO D 88 0.21 -16.77 33.91
C PRO D 88 -1.21 -16.82 33.34
N ASN D 89 -2.15 -17.51 34.00
CA ASN D 89 -3.52 -17.68 33.53
C ASN D 89 -4.53 -16.92 34.39
N GLY D 90 -4.09 -15.97 35.20
CA GLY D 90 -5.01 -15.23 36.05
C GLY D 90 -5.68 -14.07 35.34
N SER D 91 -6.61 -13.44 36.05
CA SER D 91 -7.31 -12.28 35.53
C SER D 91 -7.43 -11.23 36.62
N PHE D 92 -7.42 -9.97 36.20
CA PHE D 92 -7.55 -8.81 37.07
C PHE D 92 -8.84 -8.10 36.72
N HIS D 93 -9.62 -7.73 37.72
CA HIS D 93 -10.94 -7.18 37.48
C HIS D 93 -10.90 -5.66 37.61
N CYS D 94 -11.18 -4.97 36.51
CA CYS D 94 -11.31 -3.52 36.53
C CYS D 94 -12.73 -3.21 36.94
N THR D 95 -12.89 -2.59 38.10
CA THR D 95 -14.23 -2.30 38.55
C THR D 95 -14.89 -1.25 37.64
N ASN D 96 -14.16 -0.19 37.30
CA ASN D 96 -14.65 0.82 36.36
C ASN D 96 -15.99 1.34 36.84
N THR D 97 -15.99 1.84 38.10
CA THR D 97 -17.23 2.17 38.79
C THR D 97 -18.07 3.14 37.97
N GLY D 98 -19.34 2.78 37.78
CA GLY D 98 -20.25 3.57 36.97
C GLY D 98 -20.29 3.22 35.50
N TYR D 99 -19.47 2.28 35.05
CA TYR D 99 -19.39 1.96 33.63
C TYR D 99 -19.22 0.45 33.45
N LYS D 100 -18.78 0.05 32.26
CA LYS D 100 -18.66 -1.37 31.97
C LYS D 100 -17.46 -1.96 32.72
N PRO D 101 -17.66 -2.96 33.57
CA PRO D 101 -16.53 -3.67 34.16
C PRO D 101 -15.86 -4.55 33.13
N LEU D 102 -14.55 -4.66 33.24
CA LEU D 102 -13.72 -5.39 32.29
C LEU D 102 -12.76 -6.28 33.06
N TYR D 103 -12.49 -7.47 32.52
CA TYR D 103 -11.42 -8.33 33.01
C TYR D 103 -10.23 -8.19 32.05
N ILE D 104 -9.01 -8.14 32.60
CA ILE D 104 -7.80 -8.06 31.81
C ILE D 104 -6.88 -9.19 32.24
N LEU D 105 -5.92 -9.50 31.38
CA LEU D 105 -4.92 -10.51 31.73
C LEU D 105 -4.12 -10.08 32.95
N SER D 106 -3.73 -11.06 33.78
CA SER D 106 -2.85 -10.76 34.92
C SER D 106 -1.51 -10.20 34.47
N SER D 107 -1.03 -10.60 33.28
CA SER D 107 0.22 -10.11 32.75
C SER D 107 0.18 -8.62 32.41
N ARG D 108 -0.99 -8.01 32.43
CA ARG D 108 -1.14 -6.60 32.17
C ARG D 108 -1.33 -5.79 33.45
N VAL D 109 -1.11 -6.41 34.62
CA VAL D 109 -1.13 -5.71 35.90
C VAL D 109 0.25 -5.17 36.17
N ASN D 110 0.33 -3.86 36.35
CA ASN D 110 1.59 -3.18 36.62
C ASN D 110 2.62 -3.43 35.54
N ASP D 111 2.17 -3.51 34.28
CA ASP D 111 3.07 -3.60 33.13
C ASP D 111 3.46 -2.23 32.59
N GLY D 112 2.94 -1.15 33.17
CA GLY D 112 3.25 0.19 32.70
C GLY D 112 2.29 0.70 31.66
N VAL D 113 1.30 -0.11 31.27
CA VAL D 113 0.33 0.22 30.24
C VAL D 113 -1.01 0.34 30.92
N CYS D 114 -1.79 1.36 30.54
CA CYS D 114 -3.13 1.61 31.11
C CYS D 114 -4.16 0.74 30.40
N ASP D 115 -4.58 -0.35 31.04
CA ASP D 115 -5.55 -1.27 30.45
C ASP D 115 -6.98 -1.03 30.92
N CYS D 116 -7.19 -0.61 32.18
CA CYS D 116 -8.52 -0.22 32.66
C CYS D 116 -8.73 1.28 32.45
N CYS D 117 -9.96 1.66 32.12
CA CYS D 117 -10.23 3.09 32.06
C CYS D 117 -10.13 3.73 33.44
N ASP D 118 -10.39 2.97 34.51
CA ASP D 118 -10.22 3.52 35.86
C ASP D 118 -8.77 3.52 36.34
N GLY D 119 -7.83 2.96 35.58
CA GLY D 119 -6.42 3.04 35.90
C GLY D 119 -5.96 2.18 37.05
N THR D 120 -6.84 1.35 37.64
CA THR D 120 -6.48 0.58 38.82
C THR D 120 -5.54 -0.58 38.52
N ASP D 121 -5.39 -0.97 37.26
CA ASP D 121 -4.45 -2.03 36.92
C ASP D 121 -3.01 -1.56 37.07
N GLU D 122 -2.78 -0.26 37.16
CA GLU D 122 -1.45 0.31 37.38
C GLU D 122 -1.47 0.99 38.74
N TYR D 123 -1.01 0.26 39.77
CA TYR D 123 -0.97 0.78 41.12
C TYR D 123 0.44 0.81 41.72
N ASN D 124 1.43 0.27 41.03
CA ASN D 124 2.79 0.26 41.55
C ASN D 124 3.77 0.08 40.41
N SER D 125 3.64 0.87 39.34
CA SER D 125 4.43 0.66 38.13
C SER D 125 5.15 1.89 37.61
N GLY D 126 4.93 3.05 38.21
CA GLY D 126 5.51 4.27 37.70
C GLY D 126 4.70 4.94 36.61
N THR D 127 3.66 4.28 36.09
CA THR D 127 2.78 4.88 35.11
C THR D 127 1.50 5.28 35.81
N VAL D 128 1.15 6.56 35.75
CA VAL D 128 -0.08 7.04 36.36
C VAL D 128 -1.17 7.13 35.29
N CYS D 129 -2.23 6.35 35.49
CA CYS D 129 -3.33 6.30 34.55
C CYS D 129 -4.45 7.17 35.10
N GLU D 130 -4.92 8.11 34.29
CA GLU D 130 -6.07 8.91 34.66
C GLU D 130 -7.34 8.13 34.36
N ASN D 131 -8.41 8.46 35.08
CA ASN D 131 -9.67 7.79 34.79
C ASN D 131 -10.25 8.33 33.50
N THR D 132 -10.66 7.43 32.62
CA THR D 132 -11.17 7.84 31.32
C THR D 132 -12.43 7.08 30.96
N CYS D 133 -13.22 6.67 31.95
CA CYS D 133 -14.36 5.81 31.67
C CYS D 133 -15.56 6.55 31.08
N ARG D 134 -15.56 7.88 31.04
CA ARG D 134 -16.61 8.65 30.35
C ARG D 134 -16.62 8.41 28.83
N1 X8Y E . -11.60 10.49 -0.21
N3 X8Y E . -7.86 14.82 6.25
C4 X8Y E . -9.90 10.82 -1.91
C5 X8Y E . -11.37 11.13 -1.52
C6 X8Y E . -11.80 11.59 0.74
C7 X8Y E . -11.07 11.31 2.06
C8 X8Y E . -11.74 10.37 3.09
C10 X8Y E . -10.04 11.35 4.77
C13 X8Y E . -6.61 14.02 6.10
C15 X8Y E . -4.20 14.00 5.83
C17 X8Y E . -5.47 11.87 5.90
C1 X8Y E . -10.63 8.60 -2.86
C11 X8Y E . -8.49 11.29 4.93
C12 X8Y E . -6.65 12.60 6.08
C14 X8Y E . -5.37 14.71 5.99
C16 X8Y E . -4.24 12.57 5.78
C18 X8Y E . -12.28 10.53 -2.55
C19 X8Y E . -12.10 8.99 -2.58
C2 X8Y E . -9.64 9.30 -1.95
C3 X8Y E . -8.20 9.08 -2.47
C9 X8Y E . -10.66 10.04 4.15
N2 X8Y E . -7.98 11.93 6.18
N4 X8Y E . -2.98 14.75 5.69
N5 X8Y E . -2.52 14.98 4.32
N6 X8Y E . -2.34 16.36 4.07
O1 X8Y E . -10.51 7.21 -2.66
O2 X8Y E . -7.90 10.07 -3.39
O3 X8Y E . -9.76 8.75 -0.66
O4 X8Y E . -7.83 16.12 6.83
O5 X8Y E . -9.07 14.25 5.80
O6 X8Y E . -13.62 10.87 -2.24
O7 X8Y E . -12.86 8.49 -3.62
C1 EDO F . -5.65 6.42 5.71
O1 EDO F . -6.20 6.58 7.03
C2 EDO F . -4.74 7.59 5.32
O2 EDO F . -5.34 8.79 5.83
C1 EDO G . -3.56 20.27 8.06
O1 EDO G . -4.77 20.71 8.73
C2 EDO G . -2.85 21.50 7.47
O2 EDO G . -1.85 22.00 8.39
C1 EDO H . -6.27 36.78 1.02
O1 EDO H . -7.44 36.43 1.77
C2 EDO H . -6.73 37.04 -0.39
O2 EDO H . -5.70 37.72 -1.16
C1 PEG I . -50.03 2.66 -3.31
O1 PEG I . -51.38 2.24 -3.32
C2 PEG I . -49.69 3.22 -4.70
O2 PEG I . -48.30 3.51 -4.80
C3 PEG I . -47.77 4.23 -3.69
C4 PEG I . -46.51 3.55 -3.17
O4 PEG I . -46.04 4.33 -2.10
C1 EDO J . -52.06 7.18 -15.30
O1 EDO J . -51.15 6.40 -14.49
C2 EDO J . -52.75 6.24 -16.31
O2 EDO J . -51.73 5.38 -16.88
S SO4 K . 0.86 1.33 -0.39
O1 SO4 K . -0.46 0.96 -0.95
O2 SO4 K . 0.78 2.65 0.24
O3 SO4 K . 1.34 0.36 0.61
O4 SO4 K . 1.85 1.44 -1.46
S SO4 L . -1.56 -2.33 0.61
O1 SO4 L . -1.90 -2.71 1.97
O2 SO4 L . -2.30 -1.11 0.28
O3 SO4 L . -0.11 -2.11 0.48
O4 SO4 L . -2.00 -3.36 -0.34
CA CA M . -25.81 -24.28 -33.96
CA CA N . -9.53 -15.34 -27.56
O1 P6G O . -10.27 19.56 8.35
C2 P6G O . -9.70 18.50 7.63
C3 P6G O . -10.76 17.41 7.38
O4 P6G O . -11.31 16.95 8.59
C5 P6G O . -12.24 15.92 8.46
C6 P6G O . -12.05 14.89 9.59
O7 P6G O . -11.00 14.04 9.22
C8 P6G O . -10.52 13.21 10.26
C9 P6G O . -9.68 12.07 9.68
O10 P6G O . -8.45 12.54 9.19
C11 P6G O . -7.37 11.63 9.34
C12 P6G O . -6.33 12.20 10.31
O13 P6G O . -5.89 13.44 9.84
C14 P6G O . -4.58 13.77 10.25
C15 P6G O . -4.51 15.17 10.89
O16 P6G O . -4.00 16.10 9.98
C17 P6G O . -4.58 17.38 10.09
C18 P6G O . -5.92 17.44 9.34
O19 P6G O . -6.24 18.76 8.97
N1 X8Y P . 14.58 -5.91 -1.05
N3 X8Y P . 12.17 -1.75 -9.72
C4 X8Y P . 14.45 -3.55 -0.32
C5 X8Y P . 15.32 -4.83 -0.36
C6 X8Y P . 15.26 -6.29 -2.30
C7 X8Y P . 14.19 -6.93 -3.24
C8 X8Y P . 13.66 -5.99 -4.35
C10 X8Y P . 12.09 -5.97 -6.36
C13 X8Y P . 13.39 -2.59 -9.90
C15 X8Y P . 15.48 -2.94 -11.09
C17 X8Y P . 14.82 -4.48 -9.33
C1 X8Y P . 13.14 -4.54 1.65
C11 X8Y P . 12.93 -5.64 -7.62
C12 X8Y P . 13.66 -3.75 -9.12
C14 X8Y P . 14.32 -2.20 -10.90
C16 X8Y P . 15.74 -4.08 -10.31
C18 X8Y P . 15.49 -5.37 1.07
C19 X8Y P . 14.10 -5.75 1.66
C2 X8Y P . 13.06 -3.83 0.30
C3 X8Y P . 12.29 -2.51 0.50
C9 X8Y P . 12.95 -6.86 -5.40
N2 X8Y P . 12.73 -4.23 -8.07
N4 X8Y P . 16.42 -2.55 -12.11
N5 X8Y P . 15.96 -2.55 -13.48
N6 X8Y P . 16.94 -1.92 -14.29
O1 X8Y P . 11.87 -5.06 1.99
O2 X8Y P . 13.22 -1.54 0.79
O3 X8Y P . 12.37 -4.62 -0.62
O4 X8Y P . 12.14 -0.50 -10.40
O5 X8Y P . 11.09 -2.15 -8.90
O6 X8Y P . 16.29 -6.54 1.06
O7 X8Y P . 14.25 -6.10 2.99
C1 PEG Q . 17.85 -6.25 -11.86
O1 PEG Q . 18.43 -5.12 -11.24
C2 PEG Q . 17.20 -7.11 -10.79
O2 PEG Q . 16.12 -7.84 -11.32
C3 PEG Q . 15.00 -7.04 -11.64
C4 PEG Q . 13.75 -7.59 -10.94
O4 PEG Q . 12.66 -6.73 -11.17
C1 EDO R . 27.64 -37.18 14.20
O1 EDO R . 26.24 -37.38 14.43
C2 EDO R . 27.83 -36.15 13.09
O2 EDO R . 26.84 -36.28 12.07
CA CA S . 0.16 -16.73 45.97
CA CA T . -1.75 -2.51 32.73
#